data_5J5F
#
_entry.id   5J5F
#
_cell.length_a   86.764
_cell.length_b   125.921
_cell.length_c   121.071
_cell.angle_alpha   90.00
_cell.angle_beta   110.03
_cell.angle_gamma   90.00
#
_symmetry.space_group_name_H-M   'P 1 21 1'
#
loop_
_entity.id
_entity.type
_entity.pdbx_description
1 polymer 'Acetylcholine-binding protein'
2 non-polymer 'PHOSPHATE ION'
3 non-polymer 2-acetamido-2-deoxy-beta-D-glucopyranose
4 non-polymer N~4~,N~4~-bis[(pyridin-2-yl)methyl]-6-(thiophen-3-yl)pyrimidine-2,4-diamine
5 non-polymer GLYCEROL
6 non-polymer 'DIMETHYL SULFOXIDE'
7 water water
#
_entity_poly.entity_id   1
_entity_poly.type   'polypeptide(L)'
_entity_poly.pdbx_seq_one_letter_code
;DYKDDDDKLDRADILYNIRQTSRPDVIPTQRDRPVAVSVSLKFINILEVNEITNEVDVVFWQQTTWSDRTLAWNSSHSPD
QVSVPISSLWVPDLAAYNAISKPEVLTPQLARVVSDGEVLYMPSIRQRFSCDVSGVDTESGATCRIKIGSWTHHSREISV
DPTTENSDDSEYFSQYSRFEILDVTQKKNSVTYSCCPEAYEDVEVSLNFRKKGRSEIL
;
_entity_poly.pdbx_strand_id   A,B,C,D,E,F,G,H,I,J
#
# COMPACT_ATOMS: atom_id res chain seq x y z
N ASP A 1 8.30 -0.88 35.84
CA ASP A 1 9.27 -0.60 36.90
C ASP A 1 10.49 0.10 36.34
N TYR A 2 11.08 0.99 37.14
CA TYR A 2 12.13 1.88 36.66
C TYR A 2 13.41 1.13 36.25
N LYS A 3 13.62 -0.07 36.80
CA LYS A 3 14.77 -0.89 36.46
C LYS A 3 14.72 -1.37 35.02
N ASP A 4 13.51 -1.48 34.48
CA ASP A 4 13.30 -1.98 33.13
C ASP A 4 13.09 -0.85 32.10
N ASP A 5 13.26 0.39 32.54
CA ASP A 5 13.01 1.55 31.68
C ASP A 5 13.81 1.51 30.38
N ASP A 6 15.09 1.13 30.46
CA ASP A 6 15.94 1.13 29.28
C ASP A 6 15.99 -0.22 28.53
N ASP A 7 15.00 -1.08 28.73
CA ASP A 7 14.89 -2.29 27.89
C ASP A 7 14.30 -1.89 26.53
N LYS A 8 15.15 -1.79 25.52
CA LYS A 8 14.76 -1.22 24.23
C LYS A 8 13.62 -1.98 23.56
N LEU A 9 13.74 -3.31 23.50
CA LEU A 9 12.70 -4.13 22.90
C LEU A 9 11.35 -3.93 23.59
N ASP A 10 11.36 -3.84 24.92
CA ASP A 10 10.14 -3.53 25.67
C ASP A 10 9.53 -2.20 25.23
N ARG A 11 10.40 -1.18 25.08
CA ARG A 11 9.93 0.13 24.66
C ARG A 11 9.30 0.03 23.28
N ALA A 12 9.97 -0.68 22.38
CA ALA A 12 9.48 -0.85 21.02
C ALA A 12 8.12 -1.55 21.01
N ASP A 13 7.97 -2.57 21.87
CA ASP A 13 6.72 -3.31 21.94
C ASP A 13 5.61 -2.44 22.50
N ILE A 14 5.94 -1.59 23.46
CA ILE A 14 4.96 -0.68 24.04
C ILE A 14 4.48 0.29 22.96
N LEU A 15 5.44 0.84 22.22
CA LEU A 15 5.11 1.76 21.12
C LEU A 15 4.21 1.06 20.08
N TYR A 16 4.54 -0.18 19.73
CA TYR A 16 3.67 -0.98 18.85
C TYR A 16 2.25 -1.16 19.42
N ASN A 17 2.17 -1.51 20.71
CA ASN A 17 0.89 -1.67 21.40
C ASN A 17 0.06 -0.39 21.37
N ILE A 18 0.71 0.73 21.66
CA ILE A 18 0.04 2.02 21.67
C ILE A 18 -0.50 2.32 20.27
N ARG A 19 0.32 2.06 19.26
CA ARG A 19 -0.07 2.37 17.89
C ARG A 19 -1.19 1.47 17.38
N GLN A 20 -1.28 0.23 17.87
CA GLN A 20 -2.40 -0.64 17.47
C GLN A 20 -3.72 -0.23 18.12
N THR A 21 -3.65 0.22 19.37
CA THR A 21 -4.84 0.58 20.12
C THR A 21 -5.29 2.02 19.85
N SER A 22 -4.35 2.88 19.52
CA SER A 22 -4.64 4.32 19.46
C SER A 22 -5.62 4.67 18.36
N ARG A 23 -6.56 5.56 18.68
CA ARG A 23 -7.41 6.16 17.67
C ARG A 23 -7.17 7.65 17.66
N PRO A 24 -6.23 8.12 16.82
CA PRO A 24 -5.80 9.52 16.91
C PRO A 24 -6.92 10.52 16.64
N ASP A 25 -8.02 10.08 16.02
CA ASP A 25 -9.05 11.02 15.63
C ASP A 25 -10.35 10.88 16.42
N VAL A 26 -10.37 9.97 17.40
CA VAL A 26 -11.56 9.74 18.19
C VAL A 26 -11.30 10.16 19.65
N ILE A 27 -12.23 10.90 20.25
CA ILE A 27 -11.99 11.31 21.64
C ILE A 27 -11.98 10.08 22.54
N PRO A 28 -11.04 10.05 23.48
CA PRO A 28 -10.92 8.86 24.33
C PRO A 28 -11.87 8.91 25.53
N THR A 29 -13.17 8.92 25.26
CA THR A 29 -14.16 8.95 26.34
C THR A 29 -14.29 7.57 27.01
N GLN A 30 -14.24 7.56 28.34
CA GLN A 30 -14.29 6.35 29.15
C GLN A 30 -15.47 6.40 30.12
N ARG A 31 -16.18 5.27 30.25
CA ARG A 31 -17.36 5.16 31.14
C ARG A 31 -18.35 6.34 31.13
N ASP A 32 -18.89 6.67 29.95
CA ASP A 32 -20.02 7.60 29.81
C ASP A 32 -19.67 8.98 30.44
N ARG A 33 -18.40 9.38 30.30
CA ARG A 33 -17.93 10.67 30.80
C ARG A 33 -17.11 11.42 29.75
N PRO A 34 -17.16 12.76 29.77
CA PRO A 34 -16.30 13.53 28.86
C PRO A 34 -14.84 13.26 29.17
N VAL A 35 -13.96 13.51 28.20
CA VAL A 35 -12.53 13.43 28.45
C VAL A 35 -12.16 14.61 29.32
N ALA A 36 -11.64 14.35 30.52
CA ALA A 36 -11.18 15.45 31.36
C ALA A 36 -9.78 15.86 30.95
N VAL A 37 -9.64 17.05 30.38
CA VAL A 37 -8.34 17.53 29.98
C VAL A 37 -7.82 18.60 30.95
N SER A 38 -6.68 18.32 31.59
CA SER A 38 -6.04 19.29 32.47
C SER A 38 -5.11 20.16 31.68
N VAL A 39 -5.29 21.47 31.79
CA VAL A 39 -4.50 22.44 31.07
C VAL A 39 -3.97 23.49 32.01
N SER A 40 -2.66 23.66 32.09
CA SER A 40 -2.14 24.79 32.85
C SER A 40 -0.95 25.43 32.15
N LEU A 41 -0.96 26.76 32.08
CA LEU A 41 0.11 27.46 31.38
C LEU A 41 1.18 27.89 32.37
N LYS A 42 2.42 27.52 32.05
CA LYS A 42 3.56 27.98 32.79
C LYS A 42 4.27 28.99 31.91
N PHE A 43 4.15 30.27 32.25
CA PHE A 43 4.68 31.31 31.40
C PHE A 43 6.20 31.37 31.52
N ILE A 44 6.86 31.46 30.38
CA ILE A 44 8.31 31.48 30.33
C ILE A 44 8.80 32.89 30.09
N ASN A 45 8.10 33.59 29.21
CA ASN A 45 8.51 34.94 28.84
C ASN A 45 7.38 35.78 28.28
N ILE A 46 7.49 37.09 28.49
CA ILE A 46 6.63 38.07 27.87
C ILE A 46 7.53 38.92 26.99
N LEU A 47 7.32 38.85 25.68
CA LEU A 47 8.33 39.34 24.73
C LEU A 47 8.04 40.75 24.20
N GLU A 48 6.79 40.99 23.83
CA GLU A 48 6.35 42.29 23.35
C GLU A 48 4.98 42.54 23.93
N VAL A 49 4.71 43.81 24.22
CA VAL A 49 3.44 44.20 24.77
C VAL A 49 3.08 45.53 24.12
N ASN A 50 1.82 45.70 23.74
CA ASN A 50 1.39 46.96 23.14
C ASN A 50 0.13 47.47 23.82
N GLU A 51 0.28 48.53 24.61
CA GLU A 51 -0.86 49.08 25.35
C GLU A 51 -1.85 49.83 24.44
N ILE A 52 -1.37 50.33 23.31
CA ILE A 52 -2.23 51.00 22.34
C ILE A 52 -3.17 50.00 21.63
N THR A 53 -2.62 48.86 21.21
CA THR A 53 -3.43 47.87 20.48
C THR A 53 -3.96 46.73 21.37
N ASN A 54 -3.56 46.73 22.64
CA ASN A 54 -3.96 45.69 23.56
C ASN A 54 -3.57 44.31 23.02
N GLU A 55 -2.28 44.14 22.78
CA GLU A 55 -1.76 42.88 22.26
C GLU A 55 -0.53 42.46 23.05
N VAL A 56 -0.40 41.16 23.26
CA VAL A 56 0.76 40.61 23.96
CA VAL A 56 0.75 40.59 23.97
C VAL A 56 1.33 39.43 23.16
N ASP A 57 2.64 39.25 23.28
CA ASP A 57 3.39 38.20 22.61
C ASP A 57 4.11 37.43 23.72
N VAL A 58 3.72 36.18 23.95
CA VAL A 58 4.26 35.42 25.08
C VAL A 58 4.76 34.03 24.71
N VAL A 59 5.57 33.46 25.60
CA VAL A 59 5.99 32.08 25.51
C VAL A 59 5.57 31.37 26.79
N PHE A 60 4.90 30.23 26.62
CA PHE A 60 4.46 29.44 27.76
C PHE A 60 4.64 27.96 27.47
N TRP A 61 4.84 27.18 28.53
CA TRP A 61 4.79 25.73 28.41
C TRP A 61 3.37 25.33 28.77
N GLN A 62 2.67 24.73 27.81
CA GLN A 62 1.31 24.29 28.05
C GLN A 62 1.27 22.88 28.63
N GLN A 63 1.21 22.81 29.96
CA GLN A 63 1.09 21.51 30.61
C GLN A 63 -0.28 20.92 30.31
N THR A 64 -0.30 19.78 29.63
CA THR A 64 -1.56 19.18 29.25
C THR A 64 -1.59 17.72 29.66
N THR A 65 -2.64 17.29 30.35
CA THR A 65 -2.77 15.88 30.67
C THR A 65 -4.20 15.40 30.49
N TRP A 66 -4.32 14.13 30.12
CA TRP A 66 -5.61 13.46 30.05
C TRP A 66 -5.34 11.97 30.18
N SER A 67 -6.40 11.19 30.26
CA SER A 67 -6.25 9.74 30.37
C SER A 67 -6.85 9.03 29.16
N ASP A 68 -6.18 7.96 28.74
CA ASP A 68 -6.79 6.99 27.85
C ASP A 68 -6.41 5.60 28.33
N ARG A 69 -7.26 5.02 29.18
CA ARG A 69 -6.88 3.78 29.85
C ARG A 69 -6.77 2.61 28.88
N THR A 70 -7.30 2.74 27.65
CA THR A 70 -7.12 1.66 26.68
C THR A 70 -5.66 1.55 26.30
N LEU A 71 -4.89 2.59 26.61
CA LEU A 71 -3.46 2.57 26.31
C LEU A 71 -2.63 1.91 27.41
N ALA A 72 -3.25 1.63 28.55
CA ALA A 72 -2.51 1.19 29.73
C ALA A 72 -1.89 -0.19 29.52
N TRP A 73 -0.78 -0.45 30.21
CA TRP A 73 -0.16 -1.76 30.14
C TRP A 73 0.40 -2.13 31.51
N ASN A 74 0.61 -3.43 31.69
CA ASN A 74 1.22 -3.97 32.89
C ASN A 74 2.72 -3.71 32.91
N SER A 75 3.19 -2.81 33.79
CA SER A 75 4.61 -2.47 33.79
C SER A 75 5.39 -3.02 34.99
N SER A 76 4.93 -4.14 35.54
CA SER A 76 5.68 -4.85 36.58
C SER A 76 7.13 -5.14 36.17
N HIS A 77 7.32 -5.50 34.91
CA HIS A 77 8.67 -5.84 34.45
C HIS A 77 8.99 -5.19 33.12
N SER A 78 8.47 -3.99 32.93
CA SER A 78 8.66 -3.24 31.70
C SER A 78 8.63 -1.74 32.00
N PRO A 79 9.08 -0.90 31.05
CA PRO A 79 9.14 0.54 31.32
C PRO A 79 7.81 1.13 31.81
N ASP A 80 7.89 2.19 32.60
CA ASP A 80 6.73 2.87 33.18
C ASP A 80 6.10 3.87 32.22
N GLN A 81 6.93 4.40 31.32
CA GLN A 81 6.57 5.47 30.39
C GLN A 81 7.38 5.34 29.12
N VAL A 82 6.82 5.79 28.01
CA VAL A 82 7.60 6.00 26.79
C VAL A 82 7.22 7.34 26.14
N SER A 83 8.10 7.87 25.30
CA SER A 83 7.78 9.04 24.48
C SER A 83 7.17 8.57 23.16
N VAL A 84 6.17 9.30 22.69
CA VAL A 84 5.40 8.91 21.53
C VAL A 84 5.14 10.16 20.70
N PRO A 85 5.35 10.08 19.37
CA PRO A 85 5.02 11.23 18.52
C PRO A 85 3.52 11.50 18.62
N ILE A 86 3.11 12.76 18.77
CA ILE A 86 1.68 13.01 18.95
C ILE A 86 0.87 12.67 17.71
N SER A 87 1.51 12.54 16.54
CA SER A 87 0.80 12.04 15.36
C SER A 87 0.27 10.62 15.57
N SER A 88 0.79 9.90 16.55
CA SER A 88 0.30 8.56 16.84
C SER A 88 -0.84 8.54 17.86
N LEU A 89 -1.12 9.69 18.46
CA LEU A 89 -2.10 9.78 19.55
C LEU A 89 -3.22 10.75 19.24
N TRP A 90 -4.36 10.56 19.89
CA TRP A 90 -5.35 11.63 19.98
C TRP A 90 -4.79 12.69 20.91
N VAL A 91 -4.96 13.95 20.51
CA VAL A 91 -4.57 15.10 21.31
C VAL A 91 -5.76 16.05 21.31
N PRO A 92 -6.06 16.70 22.44
CA PRO A 92 -7.24 17.56 22.46
C PRO A 92 -7.13 18.70 21.45
N ASP A 93 -8.22 19.03 20.78
CA ASP A 93 -8.21 20.10 19.78
C ASP A 93 -8.33 21.47 20.46
N LEU A 94 -7.38 21.78 21.35
CA LEU A 94 -7.39 23.05 22.07
C LEU A 94 -7.08 24.21 21.13
N ALA A 95 -7.64 25.37 21.46
CA ALA A 95 -7.35 26.59 20.76
C ALA A 95 -7.52 27.73 21.73
N ALA A 96 -6.74 28.79 21.54
CA ALA A 96 -6.93 30.03 22.31
C ALA A 96 -7.97 30.90 21.62
N TYR A 97 -9.09 31.13 22.30
CA TYR A 97 -10.21 31.85 21.71
C TYR A 97 -9.86 33.32 21.41
N ASN A 98 -8.86 33.89 22.09
CA ASN A 98 -8.46 35.27 21.81
C ASN A 98 -7.03 35.38 21.22
N ALA A 99 -6.57 34.31 20.59
CA ALA A 99 -5.29 34.33 19.88
C ALA A 99 -5.38 35.15 18.59
N ILE A 100 -4.33 35.87 18.24
CA ILE A 100 -4.32 36.61 16.99
C ILE A 100 -3.16 36.18 16.10
N SER A 101 -2.48 35.10 16.50
CA SER A 101 -1.49 34.46 15.63
C SER A 101 -1.53 32.94 15.84
N LYS A 102 -0.93 32.19 14.93
CA LYS A 102 -0.86 30.73 15.10
C LYS A 102 -0.01 30.42 16.30
N PRO A 103 -0.31 29.32 17.01
CA PRO A 103 0.60 28.89 18.08
C PRO A 103 1.90 28.36 17.45
N GLU A 104 3.03 29.02 17.72
CA GLU A 104 4.32 28.59 17.18
C GLU A 104 4.90 27.57 18.18
N VAL A 105 4.94 26.30 17.79
CA VAL A 105 5.45 25.27 18.72
C VAL A 105 6.97 25.19 18.60
N LEU A 106 7.64 25.38 19.72
CA LEU A 106 9.10 25.50 19.76
C LEU A 106 9.84 24.21 20.10
N THR A 107 9.08 23.15 20.37
CA THR A 107 9.65 21.94 20.95
C THR A 107 9.26 20.69 20.15
N PRO A 108 10.00 19.56 20.34
CA PRO A 108 9.61 18.35 19.62
C PRO A 108 8.19 17.94 20.00
N GLN A 109 7.43 17.49 19.01
CA GLN A 109 6.02 17.17 19.21
C GLN A 109 5.85 15.73 19.65
N LEU A 110 6.31 15.47 20.87
CA LEU A 110 6.20 14.17 21.50
C LEU A 110 5.44 14.30 22.81
N ALA A 111 4.72 13.26 23.17
CA ALA A 111 4.09 13.17 24.47
C ALA A 111 4.69 11.99 25.22
N ARG A 112 4.43 11.93 26.52
CA ARG A 112 4.75 10.75 27.29
C ARG A 112 3.47 10.01 27.52
N VAL A 113 3.51 8.69 27.33
CA VAL A 113 2.41 7.84 27.74
C VAL A 113 2.87 6.99 28.92
N VAL A 114 2.13 7.07 30.00
CA VAL A 114 2.41 6.36 31.24
C VAL A 114 1.67 5.01 31.23
N SER A 115 2.21 4.00 31.90
CA SER A 115 1.62 2.66 31.86
C SER A 115 0.19 2.59 32.41
N ASP A 116 -0.24 3.60 33.16
CA ASP A 116 -1.62 3.60 33.65
C ASP A 116 -2.56 4.30 32.66
N GLY A 117 -2.03 4.70 31.50
CA GLY A 117 -2.85 5.30 30.46
C GLY A 117 -2.85 6.83 30.48
N GLU A 118 -2.11 7.41 31.41
CA GLU A 118 -2.02 8.86 31.44
C GLU A 118 -1.17 9.35 30.28
N VAL A 119 -1.62 10.42 29.64
CA VAL A 119 -0.82 11.06 28.60
C VAL A 119 -0.38 12.43 29.07
N LEU A 120 0.91 12.72 28.94
CA LEU A 120 1.43 14.05 29.25
C LEU A 120 2.01 14.71 28.01
N TYR A 121 1.56 15.92 27.72
CA TYR A 121 1.98 16.67 26.55
C TYR A 121 2.27 18.11 26.98
N MET A 122 3.43 18.64 26.62
CA MET A 122 3.78 19.98 27.05
C MET A 122 4.59 20.71 26.00
N PRO A 123 3.91 21.27 24.98
CA PRO A 123 4.62 22.06 23.98
C PRO A 123 5.07 23.40 24.57
N SER A 124 6.23 23.88 24.15
CA SER A 124 6.55 25.28 24.41
C SER A 124 5.99 26.05 23.24
N ILE A 125 5.13 27.01 23.54
CA ILE A 125 4.40 27.74 22.52
C ILE A 125 4.68 29.24 22.57
N ARG A 126 4.96 29.83 21.42
CA ARG A 126 4.97 31.27 21.30
C ARG A 126 3.73 31.70 20.53
N GLN A 127 3.02 32.68 21.05
CA GLN A 127 1.75 33.08 20.46
C GLN A 127 1.35 34.48 20.87
N ARG A 128 0.58 35.16 20.01
CA ARG A 128 0.16 36.53 20.29
C ARG A 128 -1.32 36.53 20.63
N PHE A 129 -1.72 37.42 21.54
CA PHE A 129 -3.09 37.47 22.04
C PHE A 129 -3.60 38.89 22.10
N SER A 130 -4.91 39.03 21.91
CA SER A 130 -5.62 40.27 22.17
C SER A 130 -6.17 40.20 23.58
N CYS A 131 -5.70 41.10 24.44
CA CYS A 131 -6.17 41.11 25.82
C CYS A 131 -5.89 42.46 26.47
N ASP A 132 -6.32 42.61 27.71
CA ASP A 132 -6.24 43.91 28.38
C ASP A 132 -4.82 44.20 28.84
N VAL A 133 -4.15 45.11 28.13
CA VAL A 133 -2.78 45.48 28.47
C VAL A 133 -2.75 46.75 29.36
N SER A 134 -3.90 47.37 29.56
CA SER A 134 -3.93 48.61 30.34
C SER A 134 -3.46 48.35 31.77
N GLY A 135 -2.57 49.23 32.26
CA GLY A 135 -2.07 49.12 33.62
C GLY A 135 -0.70 48.47 33.70
N VAL A 136 -0.12 48.13 32.55
CA VAL A 136 1.16 47.43 32.50
C VAL A 136 2.33 48.28 33.04
N ASP A 137 2.19 49.60 33.00
CA ASP A 137 3.24 50.48 33.53
C ASP A 137 2.98 50.94 34.96
N THR A 138 1.94 50.40 35.57
CA THR A 138 1.61 50.71 36.96
C THR A 138 2.01 49.54 37.86
N GLU A 139 2.00 49.76 39.16
CA GLU A 139 2.55 48.73 40.03
C GLU A 139 1.50 47.66 40.35
N SER A 140 0.24 47.95 40.02
CA SER A 140 -0.78 46.90 40.11
C SER A 140 -0.76 46.05 38.83
N GLY A 141 -0.14 46.59 37.78
CA GLY A 141 0.12 45.86 36.56
C GLY A 141 -1.10 45.68 35.69
N ALA A 142 -0.92 44.95 34.58
CA ALA A 142 -2.03 44.58 33.71
C ALA A 142 -2.50 43.17 34.06
N THR A 143 -3.75 42.86 33.75
CA THR A 143 -4.19 41.49 33.82
C THR A 143 -4.70 41.05 32.45
N CYS A 144 -3.88 40.26 31.76
CA CYS A 144 -4.21 39.74 30.44
C CYS A 144 -4.85 38.35 30.57
N ARG A 145 -6.10 38.21 30.16
CA ARG A 145 -6.76 36.92 30.28
C ARG A 145 -6.69 36.14 28.96
N ILE A 146 -6.14 34.93 29.04
CA ILE A 146 -6.03 34.05 27.87
C ILE A 146 -7.03 32.91 28.04
N LYS A 147 -7.89 32.72 27.05
CA LYS A 147 -8.90 31.68 27.15
C LYS A 147 -8.61 30.53 26.20
N ILE A 148 -8.54 29.33 26.76
CA ILE A 148 -8.16 28.14 26.01
C ILE A 148 -9.17 27.03 26.23
N GLY A 149 -9.70 26.49 25.13
CA GLY A 149 -10.62 25.36 25.22
C GLY A 149 -10.68 24.59 23.92
N SER A 150 -11.48 23.52 23.90
CA SER A 150 -11.65 22.71 22.70
C SER A 150 -12.28 23.57 21.62
N TRP A 151 -11.81 23.43 20.39
CA TRP A 151 -12.40 24.19 19.29
C TRP A 151 -13.71 23.56 18.81
N THR A 152 -13.86 22.25 18.91
CA THR A 152 -15.04 21.59 18.35
C THR A 152 -15.80 20.64 19.28
N HIS A 153 -15.33 20.45 20.52
CA HIS A 153 -16.01 19.51 21.41
C HIS A 153 -16.65 20.25 22.57
N HIS A 154 -17.94 20.03 22.77
CA HIS A 154 -18.67 20.70 23.85
C HIS A 154 -18.47 19.97 25.19
N SER A 155 -19.13 20.47 26.23
CA SER A 155 -18.82 20.05 27.60
C SER A 155 -19.13 18.57 27.85
N ARG A 156 -20.02 17.97 27.07
CA ARG A 156 -20.31 16.55 27.30
C ARG A 156 -19.24 15.66 26.68
N GLU A 157 -18.37 16.25 25.86
CA GLU A 157 -17.31 15.48 25.18
C GLU A 157 -15.93 15.72 25.80
N ILE A 158 -15.60 16.99 26.03
CA ILE A 158 -14.35 17.37 26.65
C ILE A 158 -14.65 18.34 27.79
N SER A 159 -14.14 18.04 28.99
CA SER A 159 -14.17 19.02 30.08
C SER A 159 -12.75 19.50 30.38
N VAL A 160 -12.62 20.78 30.73
CA VAL A 160 -11.31 21.33 31.01
C VAL A 160 -11.12 21.50 32.50
N ASP A 161 -10.02 20.96 33.00
CA ASP A 161 -9.67 21.04 34.41
C ASP A 161 -8.55 22.08 34.56
N PRO A 162 -8.90 23.26 35.09
CA PRO A 162 -8.00 24.42 35.20
C PRO A 162 -7.12 24.40 36.45
N THR A 163 -7.31 23.41 37.32
CA THR A 163 -6.70 23.45 38.65
C THR A 163 -5.20 23.24 38.58
N THR A 164 -4.44 24.18 39.14
CA THR A 164 -2.99 24.07 39.15
C THR A 164 -2.36 24.86 40.30
N GLU A 165 -1.14 24.49 40.67
CA GLU A 165 -0.36 25.28 41.63
C GLU A 165 0.35 26.38 40.87
N ASN A 166 0.57 27.52 41.52
CA ASN A 166 1.23 28.66 40.92
CA ASN A 166 1.31 28.58 40.86
C ASN A 166 2.40 29.16 41.75
N SER A 167 2.67 28.49 42.87
CA SER A 167 3.77 28.90 43.74
C SER A 167 5.13 28.50 43.16
N ASP A 168 5.12 27.73 42.06
CA ASP A 168 6.37 27.38 41.40
C ASP A 168 6.60 28.19 40.13
N ASP A 169 5.85 29.26 39.94
CA ASP A 169 5.96 30.03 38.69
C ASP A 169 7.37 30.55 38.43
N SER A 170 8.17 30.68 39.48
CA SER A 170 9.52 31.25 39.34
C SER A 170 10.53 30.24 38.89
N GLU A 171 10.17 28.95 38.92
CA GLU A 171 11.00 27.93 38.27
C GLU A 171 10.94 28.09 36.75
N TYR A 172 9.94 28.80 36.25
CA TYR A 172 9.65 28.83 34.81
C TYR A 172 9.91 30.16 34.12
N PHE A 173 9.48 31.27 34.73
CA PHE A 173 9.54 32.55 34.05
C PHE A 173 10.97 33.07 33.95
N SER A 174 11.33 33.57 32.78
CA SER A 174 12.70 34.02 32.56
C SER A 174 13.08 35.24 33.40
N GLN A 175 14.24 35.18 34.02
CA GLN A 175 14.69 36.33 34.78
C GLN A 175 15.08 37.51 33.87
N TYR A 176 15.23 37.25 32.58
CA TYR A 176 15.70 38.30 31.68
C TYR A 176 14.59 38.97 30.88
N SER A 177 13.33 38.67 31.22
CA SER A 177 12.22 39.37 30.59
C SER A 177 12.26 40.83 30.98
N ARG A 178 11.68 41.67 30.11
CA ARG A 178 11.50 43.09 30.36
C ARG A 178 10.31 43.30 31.31
N PHE A 179 9.57 42.22 31.54
CA PHE A 179 8.36 42.27 32.36
C PHE A 179 8.49 41.35 33.55
N GLU A 180 7.69 41.57 34.57
CA GLU A 180 7.68 40.64 35.69
C GLU A 180 6.27 40.15 35.94
N ILE A 181 6.14 38.89 36.32
CA ILE A 181 4.85 38.32 36.62
C ILE A 181 4.51 38.52 38.08
N LEU A 182 3.35 39.11 38.34
CA LEU A 182 2.91 39.32 39.71
C LEU A 182 2.12 38.12 40.18
N ASP A 183 1.27 37.59 39.30
CA ASP A 183 0.37 36.52 39.67
C ASP A 183 -0.16 35.81 38.44
N VAL A 184 -0.38 34.51 38.56
CA VAL A 184 -1.09 33.76 37.52
C VAL A 184 -2.17 32.95 38.19
N THR A 185 -3.42 33.10 37.73
CA THR A 185 -4.47 32.24 38.24
C THR A 185 -5.27 31.68 37.08
N GLN A 186 -5.93 30.56 37.32
CA GLN A 186 -6.72 29.90 36.28
C GLN A 186 -8.09 29.57 36.85
N LYS A 187 -9.12 29.70 36.03
CA LYS A 187 -10.46 29.28 36.44
C LYS A 187 -11.18 28.66 35.26
N LYS A 188 -12.17 27.84 35.54
CA LYS A 188 -12.99 27.25 34.49
C LYS A 188 -14.05 28.26 34.08
N ASN A 189 -14.36 28.31 32.80
CA ASN A 189 -15.55 29.03 32.38
C ASN A 189 -16.26 28.21 31.32
N SER A 190 -17.45 28.68 30.96
CA SER A 190 -18.26 28.07 29.91
C SER A 190 -18.55 29.13 28.87
N VAL A 191 -18.59 28.69 27.64
CA VAL A 191 -18.82 29.59 26.52
C VAL A 191 -19.99 29.08 25.72
N THR A 192 -20.98 29.95 25.46
CA THR A 192 -22.12 29.60 24.60
C THR A 192 -22.39 30.74 23.64
N TYR A 193 -23.11 30.46 22.56
CA TYR A 193 -23.45 31.52 21.61
C TYR A 193 -24.92 31.42 21.23
N SER A 194 -25.50 32.55 20.85
CA SER A 194 -26.91 32.63 20.47
C SER A 194 -27.27 31.60 19.42
N CYS A 195 -26.39 31.46 18.43
CA CYS A 195 -26.58 30.51 17.35
C CYS A 195 -26.51 29.06 17.84
N CYS A 196 -25.77 28.85 18.92
CA CYS A 196 -25.31 27.50 19.27
C CYS A 196 -25.33 27.30 20.78
N PRO A 197 -26.31 26.49 21.24
CA PRO A 197 -26.71 26.29 22.64
C PRO A 197 -25.78 25.39 23.48
N GLU A 198 -25.06 24.45 22.86
CA GLU A 198 -24.14 23.59 23.60
CA GLU A 198 -24.15 23.59 23.60
C GLU A 198 -23.11 24.47 24.31
N ALA A 199 -22.68 24.04 25.49
CA ALA A 199 -21.66 24.81 26.21
C ALA A 199 -20.26 24.25 25.93
N TYR A 200 -19.31 25.14 25.70
CA TYR A 200 -17.91 24.78 25.49
C TYR A 200 -17.06 25.21 26.68
N GLU A 201 -16.34 24.27 27.30
CA GLU A 201 -15.57 24.63 28.48
C GLU A 201 -14.24 25.22 28.09
N ASP A 202 -13.76 26.16 28.88
CA ASP A 202 -12.43 26.70 28.64
C ASP A 202 -11.73 26.95 29.96
N VAL A 203 -10.42 27.15 29.91
CA VAL A 203 -9.71 27.67 31.06
C VAL A 203 -9.37 29.13 30.76
N GLU A 204 -9.70 30.02 31.70
CA GLU A 204 -9.30 31.41 31.64
C GLU A 204 -8.05 31.59 32.46
N VAL A 205 -6.96 31.93 31.80
CA VAL A 205 -5.71 32.11 32.48
C VAL A 205 -5.51 33.61 32.63
N SER A 206 -5.51 34.08 33.86
CA SER A 206 -5.29 35.50 34.16
C SER A 206 -3.83 35.76 34.44
N LEU A 207 -3.15 36.37 33.48
CA LEU A 207 -1.75 36.71 33.62
C LEU A 207 -1.62 38.17 34.10
N ASN A 208 -1.19 38.33 35.36
CA ASN A 208 -1.03 39.66 35.97
C ASN A 208 0.45 40.00 35.96
N PHE A 209 0.81 41.00 35.18
CA PHE A 209 2.22 41.31 34.95
C PHE A 209 2.43 42.81 34.82
N ARG A 210 3.67 43.26 34.90
CA ARG A 210 3.94 44.68 34.72
C ARG A 210 5.35 44.90 34.19
N LYS A 211 5.60 46.08 33.62
CA LYS A 211 6.94 46.38 33.15
C LYS A 211 7.86 46.55 34.35
N LYS A 212 9.06 46.00 34.26
CA LYS A 212 10.05 46.12 35.34
C LYS A 212 10.50 47.58 35.50
N ASP B 1 -28.46 10.71 20.09
CA ASP B 1 -28.81 10.73 21.52
C ASP B 1 -27.67 11.29 22.38
N TYR B 2 -27.94 12.37 23.13
CA TYR B 2 -26.91 12.97 24.00
C TYR B 2 -26.29 11.94 24.93
N LYS B 3 -27.11 11.01 25.40
CA LYS B 3 -26.69 10.04 26.40
C LYS B 3 -25.62 9.08 25.87
N ASP B 4 -25.52 8.96 24.55
CA ASP B 4 -24.53 8.09 23.92
C ASP B 4 -23.31 8.84 23.37
N ASP B 5 -23.26 10.15 23.61
CA ASP B 5 -22.17 11.01 23.13
C ASP B 5 -20.78 10.50 23.51
N ASP B 6 -20.67 9.89 24.67
CA ASP B 6 -19.36 9.45 25.16
C ASP B 6 -19.09 7.97 24.87
N ASP B 7 -19.92 7.35 24.03
CA ASP B 7 -19.66 5.98 23.60
C ASP B 7 -18.57 5.98 22.53
N LYS B 8 -17.34 5.66 22.93
CA LYS B 8 -16.20 5.84 22.03
C LYS B 8 -16.29 4.94 20.79
N LEU B 9 -16.75 3.71 20.97
CA LEU B 9 -16.85 2.80 19.84
C LEU B 9 -17.85 3.33 18.79
N ASP B 10 -18.99 3.89 19.25
CA ASP B 10 -19.94 4.53 18.34
C ASP B 10 -19.26 5.66 17.53
N ARG B 11 -18.50 6.49 18.24
CA ARG B 11 -17.81 7.58 17.58
C ARG B 11 -16.85 7.04 16.53
N ALA B 12 -16.13 5.98 16.88
CA ALA B 12 -15.16 5.39 15.96
C ALA B 12 -15.87 4.87 14.73
N ASP B 13 -17.04 4.26 14.94
CA ASP B 13 -17.80 3.69 13.84
C ASP B 13 -18.38 4.75 12.93
N ILE B 14 -18.85 5.85 13.52
CA ILE B 14 -19.34 6.97 12.74
C ILE B 14 -18.23 7.55 11.87
N LEU B 15 -17.05 7.74 12.46
CA LEU B 15 -15.91 8.29 11.73
C LEU B 15 -15.56 7.37 10.56
N TYR B 16 -15.53 6.06 10.82
CA TYR B 16 -15.32 5.06 9.77
C TYR B 16 -16.38 5.19 8.66
N ASN B 17 -17.65 5.26 9.04
CA ASN B 17 -18.75 5.41 8.07
C ASN B 17 -18.59 6.63 7.21
N ILE B 18 -18.26 7.75 7.85
CA ILE B 18 -18.08 9.01 7.15
C ILE B 18 -16.92 8.89 6.15
N ARG B 19 -15.81 8.32 6.60
CA ARG B 19 -14.67 8.15 5.71
C ARG B 19 -14.92 7.16 4.56
N GLN B 20 -15.79 6.19 4.76
CA GLN B 20 -16.16 5.28 3.67
C GLN B 20 -17.01 5.96 2.60
N THR B 21 -17.92 6.84 3.01
CA THR B 21 -18.88 7.46 2.12
CA THR B 21 -18.84 7.44 2.07
C THR B 21 -18.37 8.78 1.52
N SER B 22 -17.53 9.48 2.28
CA SER B 22 -17.08 10.79 1.84
C SER B 22 -16.26 10.79 0.56
N ARG B 23 -16.62 11.69 -0.34
CA ARG B 23 -15.82 12.02 -1.52
C ARG B 23 -15.28 13.45 -1.36
N PRO B 24 -14.06 13.60 -0.83
CA PRO B 24 -13.57 14.95 -0.48
C PRO B 24 -13.38 15.88 -1.67
N ASP B 25 -13.34 15.35 -2.89
CA ASP B 25 -13.01 16.21 -4.04
C ASP B 25 -14.21 16.40 -4.96
N VAL B 26 -15.35 15.84 -4.60
CA VAL B 26 -16.53 15.92 -5.45
C VAL B 26 -17.59 16.73 -4.74
N ILE B 27 -18.16 17.75 -5.40
CA ILE B 27 -19.20 18.55 -4.73
C ILE B 27 -20.41 17.69 -4.39
N PRO B 28 -20.95 17.85 -3.17
CA PRO B 28 -22.03 16.96 -2.76
C PRO B 28 -23.38 17.47 -3.24
N THR B 29 -23.58 17.51 -4.56
CA THR B 29 -24.87 17.94 -5.09
C THR B 29 -25.90 16.83 -4.92
N GLN B 30 -27.07 17.22 -4.42
CA GLN B 30 -28.21 16.33 -4.22
C GLN B 30 -29.35 16.74 -5.13
N ARG B 31 -30.10 15.75 -5.62
CA ARG B 31 -31.25 15.97 -6.49
C ARG B 31 -30.92 16.90 -7.66
N ASP B 32 -29.67 16.83 -8.13
CA ASP B 32 -29.23 17.66 -9.24
C ASP B 32 -29.57 19.14 -8.99
N ARG B 33 -29.04 19.67 -7.89
CA ARG B 33 -29.20 21.08 -7.56
C ARG B 33 -27.92 21.58 -6.89
N PRO B 34 -27.67 22.90 -6.93
CA PRO B 34 -26.42 23.43 -6.37
C PRO B 34 -26.24 23.07 -4.90
N VAL B 35 -25.00 22.93 -4.47
CA VAL B 35 -24.74 22.81 -3.04
C VAL B 35 -24.97 24.15 -2.38
N ALA B 36 -25.89 24.21 -1.44
CA ALA B 36 -26.14 25.46 -0.70
C ALA B 36 -25.15 25.64 0.45
N VAL B 37 -24.21 26.55 0.26
CA VAL B 37 -23.21 26.83 1.30
C VAL B 37 -23.55 28.11 2.04
N SER B 38 -23.81 27.99 3.34
CA SER B 38 -24.14 29.15 4.15
C SER B 38 -22.89 29.70 4.83
N VAL B 39 -22.67 31.01 4.71
CA VAL B 39 -21.45 31.65 5.18
C VAL B 39 -21.79 32.87 6.01
N SER B 40 -21.15 32.99 7.17
CA SER B 40 -21.33 34.16 8.02
C SER B 40 -20.00 34.49 8.68
N LEU B 41 -19.52 35.71 8.48
CA LEU B 41 -18.28 36.08 9.15
C LEU B 41 -18.57 36.77 10.47
N LYS B 42 -17.90 36.30 11.52
CA LYS B 42 -17.97 36.92 12.84
C LYS B 42 -16.61 37.51 13.14
N PHE B 43 -16.52 38.84 13.11
CA PHE B 43 -15.23 39.48 13.31
C PHE B 43 -14.83 39.45 14.77
N ILE B 44 -13.58 39.10 15.01
CA ILE B 44 -13.06 39.01 16.39
C ILE B 44 -12.15 40.17 16.71
N ASN B 45 -11.36 40.57 15.73
CA ASN B 45 -10.35 41.61 15.93
C ASN B 45 -10.10 42.37 14.63
N ILE B 46 -9.91 43.67 14.75
CA ILE B 46 -9.38 44.48 13.67
C ILE B 46 -8.01 44.95 14.11
N LEU B 47 -6.96 44.40 13.51
CA LEU B 47 -5.61 44.52 14.07
C LEU B 47 -4.82 45.71 13.53
N GLU B 48 -4.88 45.89 12.23
CA GLU B 48 -4.19 47.01 11.62
C GLU B 48 -5.08 47.55 10.52
N VAL B 49 -4.98 48.86 10.33
CA VAL B 49 -5.80 49.57 9.38
C VAL B 49 -4.94 50.63 8.73
N ASN B 50 -4.98 50.70 7.41
CA ASN B 50 -4.20 51.72 6.70
C ASN B 50 -5.07 52.52 5.74
N GLU B 51 -5.34 53.76 6.11
CA GLU B 51 -6.21 54.62 5.32
C GLU B 51 -5.53 55.10 4.05
N ILE B 52 -4.20 55.02 4.02
CA ILE B 52 -3.44 55.44 2.84
C ILE B 52 -3.47 54.36 1.75
N THR B 53 -3.27 53.12 2.14
CA THR B 53 -3.20 52.02 1.17
C THR B 53 -4.53 51.30 1.03
N ASN B 54 -5.50 51.67 1.87
CA ASN B 54 -6.80 51.02 1.90
C ASN B 54 -6.65 49.51 2.15
N GLU B 55 -6.01 49.17 3.25
CA GLU B 55 -5.79 47.77 3.65
C GLU B 55 -6.22 47.55 5.10
N VAL B 56 -6.81 46.39 5.40
CA VAL B 56 -7.08 46.01 6.78
C VAL B 56 -6.51 44.62 7.10
N ASP B 57 -6.13 44.44 8.36
CA ASP B 57 -5.68 43.15 8.86
C ASP B 57 -6.70 42.74 9.93
N VAL B 58 -7.40 41.63 9.71
CA VAL B 58 -8.50 41.22 10.60
C VAL B 58 -8.46 39.73 10.99
N VAL B 59 -9.15 39.41 12.09
CA VAL B 59 -9.38 38.03 12.49
C VAL B 59 -10.89 37.85 12.53
N PHE B 60 -11.37 36.76 11.93
CA PHE B 60 -12.79 36.45 11.96
C PHE B 60 -12.99 34.97 12.05
N TRP B 61 -14.11 34.57 12.63
CA TRP B 61 -14.55 33.18 12.58
C TRP B 61 -15.49 33.03 11.39
N GLN B 62 -15.12 32.13 10.49
CA GLN B 62 -15.89 31.92 9.27
C GLN B 62 -16.91 30.80 9.52
N GLN B 63 -18.09 31.18 9.98
CA GLN B 63 -19.14 30.20 10.21
C GLN B 63 -19.62 29.66 8.88
N THR B 64 -19.42 28.36 8.65
CA THR B 64 -19.70 27.74 7.36
C THR B 64 -20.52 26.47 7.51
N THR B 65 -21.62 26.37 6.78
CA THR B 65 -22.44 25.16 6.81
C THR B 65 -22.91 24.75 5.43
N TRP B 66 -23.07 23.44 5.26
CA TRP B 66 -23.63 22.87 4.05
C TRP B 66 -24.14 21.49 4.43
N SER B 67 -24.85 20.84 3.51
CA SER B 67 -25.38 19.51 3.78
C SER B 67 -24.78 18.47 2.83
N ASP B 68 -24.48 17.28 3.36
CA ASP B 68 -24.20 16.13 2.51
C ASP B 68 -24.96 14.96 3.10
N ARG B 69 -26.15 14.73 2.59
CA ARG B 69 -27.08 13.75 3.15
C ARG B 69 -26.51 12.33 3.06
N THR B 70 -25.52 12.10 2.19
CA THR B 70 -24.95 10.74 2.11
C THR B 70 -24.20 10.43 3.39
N LEU B 71 -23.85 11.45 4.16
CA LEU B 71 -23.13 11.23 5.42
C LEU B 71 -24.04 10.92 6.61
N ALA B 72 -25.36 11.03 6.38
CA ALA B 72 -26.32 10.93 7.46
C ALA B 72 -26.30 9.54 8.07
N TRP B 73 -26.68 9.44 9.34
CA TRP B 73 -26.88 8.13 9.94
C TRP B 73 -27.97 8.24 11.00
N ASN B 74 -28.44 7.09 11.45
CA ASN B 74 -29.45 7.02 12.51
C ASN B 74 -28.80 7.14 13.88
N SER B 75 -28.96 8.31 14.52
CA SER B 75 -28.33 8.53 15.83
C SER B 75 -29.28 8.31 17.00
N SER B 76 -30.34 7.54 16.78
CA SER B 76 -31.27 7.20 17.86
C SER B 76 -30.56 6.64 19.11
N HIS B 77 -29.48 5.90 18.90
CA HIS B 77 -28.70 5.37 20.03
C HIS B 77 -27.21 5.59 19.83
N SER B 78 -26.84 6.74 19.30
CA SER B 78 -25.44 7.02 19.04
C SER B 78 -25.23 8.54 19.07
N PRO B 79 -23.97 9.00 19.08
CA PRO B 79 -23.78 10.45 19.07
C PRO B 79 -24.47 11.12 17.86
N ASP B 80 -25.04 12.30 18.08
CA ASP B 80 -25.66 13.05 17.00
C ASP B 80 -24.66 13.81 16.12
N GLN B 81 -23.44 13.98 16.62
CA GLN B 81 -22.37 14.69 15.91
C GLN B 81 -21.02 14.12 16.30
N VAL B 82 -20.07 14.15 15.38
CA VAL B 82 -18.67 13.90 15.72
C VAL B 82 -17.79 14.94 15.06
N SER B 83 -16.57 15.11 15.59
CA SER B 83 -15.59 15.96 14.93
C SER B 83 -14.78 15.15 13.92
N VAL B 84 -14.49 15.76 12.77
CA VAL B 84 -13.84 15.06 11.65
C VAL B 84 -12.77 15.97 11.05
N PRO B 85 -11.53 15.46 10.87
CA PRO B 85 -10.54 16.27 10.14
C PRO B 85 -11.07 16.66 8.75
N ILE B 86 -10.92 17.92 8.34
CA ILE B 86 -11.52 18.32 7.07
C ILE B 86 -10.82 17.64 5.89
N SER B 87 -9.63 17.09 6.10
CA SER B 87 -8.99 16.30 5.05
C SER B 87 -9.82 15.07 4.68
N SER B 88 -10.75 14.65 5.54
CA SER B 88 -11.64 13.52 5.21
C SER B 88 -12.96 13.95 4.55
N LEU B 89 -13.17 15.25 4.42
CA LEU B 89 -14.45 15.79 3.94
C LEU B 89 -14.28 16.64 2.71
N TRP B 90 -15.32 16.75 1.91
CA TRP B 90 -15.39 17.85 0.97
C TRP B 90 -15.65 19.13 1.75
N VAL B 91 -14.88 20.16 1.42
CA VAL B 91 -15.08 21.49 1.97
C VAL B 91 -15.20 22.48 0.80
N PRO B 92 -16.11 23.46 0.90
CA PRO B 92 -16.25 24.37 -0.25
C PRO B 92 -14.96 25.12 -0.52
N ASP B 93 -14.62 25.33 -1.78
CA ASP B 93 -13.37 26.00 -2.13
C ASP B 93 -13.52 27.52 -2.08
N LEU B 94 -13.86 28.04 -0.91
CA LEU B 94 -14.10 29.47 -0.74
C LEU B 94 -12.81 30.29 -0.77
N ALA B 95 -12.93 31.52 -1.24
CA ALA B 95 -11.82 32.44 -1.22
C ALA B 95 -12.39 33.85 -1.22
N ALA B 96 -11.69 34.76 -0.58
CA ALA B 96 -12.07 36.17 -0.61
C ALA B 96 -11.46 36.81 -1.84
N TYR B 97 -12.30 37.42 -2.68
CA TYR B 97 -11.82 37.92 -3.96
C TYR B 97 -10.89 39.13 -3.77
N ASN B 98 -10.95 39.79 -2.63
CA ASN B 98 -10.09 40.94 -2.41
C ASN B 98 -9.06 40.71 -1.29
N ALA B 99 -8.76 39.45 -1.01
CA ALA B 99 -7.69 39.15 -0.08
C ALA B 99 -6.33 39.49 -0.67
N ILE B 100 -5.43 40.01 0.15
CA ILE B 100 -4.07 40.29 -0.30
C ILE B 100 -3.02 39.53 0.51
N SER B 101 -3.47 38.63 1.37
CA SER B 101 -2.56 37.72 2.07
C SER B 101 -3.23 36.35 2.18
N LYS B 102 -2.45 35.33 2.51
CA LYS B 102 -3.01 33.99 2.69
C LYS B 102 -3.95 33.98 3.87
N PRO B 103 -5.05 33.23 3.78
CA PRO B 103 -5.85 33.03 5.01
C PRO B 103 -5.05 32.20 6.02
N GLU B 104 -4.71 32.80 7.14
CA GLU B 104 -3.99 32.07 8.18
C GLU B 104 -4.97 31.45 9.18
N VAL B 105 -5.08 30.14 9.16
CA VAL B 105 -6.02 29.46 10.04
C VAL B 105 -5.39 29.28 11.41
N LEU B 106 -6.06 29.78 12.43
CA LEU B 106 -5.50 29.80 13.78
C LEU B 106 -6.03 28.64 14.63
N THR B 107 -6.88 27.81 14.03
CA THR B 107 -7.62 26.79 14.77
C THR B 107 -7.48 25.38 14.18
N PRO B 108 -7.72 24.35 15.01
CA PRO B 108 -7.69 22.96 14.53
C PRO B 108 -8.60 22.78 13.33
N GLN B 109 -8.08 22.14 12.29
CA GLN B 109 -8.84 22.01 11.05
C GLN B 109 -9.77 20.81 11.14
N LEU B 110 -10.80 20.99 11.97
CA LEU B 110 -11.83 20.00 12.21
C LEU B 110 -13.19 20.57 11.86
N ALA B 111 -14.07 19.72 11.37
CA ALA B 111 -15.48 20.09 11.23
C ALA B 111 -16.33 19.18 12.10
N ARG B 112 -17.56 19.60 12.32
CA ARG B 112 -18.56 18.74 12.95
C ARG B 112 -19.47 18.21 11.87
N VAL B 113 -19.67 16.89 11.87
CA VAL B 113 -20.65 16.30 10.99
C VAL B 113 -21.83 15.87 11.84
N VAL B 114 -23.01 16.34 11.44
CA VAL B 114 -24.24 16.04 12.15
C VAL B 114 -24.92 14.82 11.55
N SER B 115 -25.65 14.07 12.38
CA SER B 115 -26.21 12.80 11.90
C SER B 115 -27.26 12.98 10.81
N ASP B 116 -27.70 14.22 10.57
CA ASP B 116 -28.64 14.47 9.48
C ASP B 116 -27.93 14.88 8.21
N GLY B 117 -26.60 14.83 8.22
CA GLY B 117 -25.82 15.18 7.04
C GLY B 117 -25.30 16.62 7.01
N GLU B 118 -25.72 17.45 7.96
CA GLU B 118 -25.18 18.80 8.00
C GLU B 118 -23.69 18.77 8.42
N VAL B 119 -22.89 19.63 7.77
CA VAL B 119 -21.51 19.81 8.15
C VAL B 119 -21.30 21.24 8.65
N LEU B 120 -20.69 21.37 9.82
CA LEU B 120 -20.41 22.68 10.40
C LEU B 120 -18.90 22.88 10.46
N TYR B 121 -18.44 23.96 9.85
CA TYR B 121 -17.01 24.25 9.78
C TYR B 121 -16.80 25.73 10.16
N MET B 122 -15.92 26.02 11.11
CA MET B 122 -15.70 27.39 11.55
C MET B 122 -14.23 27.66 11.88
N PRO B 123 -13.41 27.91 10.85
CA PRO B 123 -12.03 28.26 11.13
C PRO B 123 -11.93 29.68 11.66
N SER B 124 -11.00 29.92 12.59
CA SER B 124 -10.63 31.29 12.89
C SER B 124 -9.53 31.67 11.92
N ILE B 125 -9.75 32.76 11.20
CA ILE B 125 -8.83 33.16 10.14
C ILE B 125 -8.30 34.56 10.34
N ARG B 126 -6.98 34.69 10.24
CA ARG B 126 -6.36 36.01 10.14
C ARG B 126 -5.97 36.27 8.70
N GLN B 127 -6.39 37.41 8.16
CA GLN B 127 -6.18 37.70 6.75
C GLN B 127 -6.19 39.20 6.49
N ARG B 128 -5.48 39.62 5.44
CA ARG B 128 -5.43 41.03 5.06
C ARG B 128 -6.23 41.24 3.78
N PHE B 129 -6.86 42.41 3.69
CA PHE B 129 -7.78 42.73 2.60
C PHE B 129 -7.56 44.13 2.06
N SER B 130 -7.81 44.27 0.77
CA SER B 130 -7.90 45.56 0.12
C SER B 130 -9.36 45.99 0.10
N CYS B 131 -9.67 47.09 0.77
CA CYS B 131 -11.04 47.57 0.88
C CYS B 131 -11.05 49.04 1.31
N ASP B 132 -12.22 49.65 1.29
CA ASP B 132 -12.35 51.07 1.58
C ASP B 132 -12.20 51.40 3.07
N VAL B 133 -11.04 51.95 3.43
CA VAL B 133 -10.77 52.32 4.83
C VAL B 133 -11.10 53.81 5.14
N SER B 134 -11.43 54.58 4.11
CA SER B 134 -11.75 56.00 4.30
C SER B 134 -12.86 56.25 5.34
N GLY B 135 -12.61 57.19 6.25
CA GLY B 135 -13.63 57.56 7.22
C GLY B 135 -13.54 56.77 8.51
N VAL B 136 -12.50 55.95 8.63
CA VAL B 136 -12.31 55.12 9.83
C VAL B 136 -12.16 56.03 11.06
N ASP B 137 -11.68 57.24 10.86
CA ASP B 137 -11.45 58.15 11.98
C ASP B 137 -12.66 59.04 12.27
N THR B 138 -13.73 58.85 11.52
CA THR B 138 -14.93 59.65 11.69
C THR B 138 -15.95 58.88 12.53
N GLU B 139 -17.13 59.45 12.71
CA GLU B 139 -18.13 58.80 13.55
C GLU B 139 -19.05 57.88 12.75
N SER B 140 -19.17 58.15 11.46
CA SER B 140 -19.98 57.29 10.59
C SER B 140 -19.14 56.06 10.18
N GLY B 141 -17.83 56.16 10.39
CA GLY B 141 -16.92 55.04 10.21
C GLY B 141 -16.52 54.76 8.76
N ALA B 142 -15.62 53.79 8.60
CA ALA B 142 -15.32 53.24 7.28
C ALA B 142 -16.22 52.04 7.02
N THR B 143 -16.47 51.74 5.74
CA THR B 143 -17.19 50.53 5.40
C THR B 143 -16.34 49.67 4.47
N CYS B 144 -15.70 48.66 5.05
CA CYS B 144 -14.83 47.75 4.33
C CYS B 144 -15.60 46.54 3.81
N ARG B 145 -15.57 46.32 2.50
CA ARG B 145 -16.35 45.23 1.93
C ARG B 145 -15.45 44.06 1.58
N ILE B 146 -15.86 42.86 1.98
CA ILE B 146 -15.13 41.63 1.69
C ILE B 146 -16.02 40.68 0.93
N LYS B 147 -15.57 40.25 -0.23
CA LYS B 147 -16.36 39.40 -1.10
C LYS B 147 -15.82 37.97 -1.05
N ILE B 148 -16.67 37.02 -0.65
CA ILE B 148 -16.26 35.64 -0.51
C ILE B 148 -17.11 34.73 -1.37
N GLY B 149 -16.46 33.93 -2.23
CA GLY B 149 -17.17 32.99 -3.09
C GLY B 149 -16.34 31.75 -3.39
N SER B 150 -16.95 30.79 -4.08
CA SER B 150 -16.23 29.64 -4.58
C SER B 150 -15.19 30.08 -5.58
N TRP B 151 -13.99 29.51 -5.48
CA TRP B 151 -12.96 29.89 -6.42
C TRP B 151 -13.17 29.28 -7.81
N THR B 152 -13.80 28.10 -7.89
CA THR B 152 -13.89 27.41 -9.16
C THR B 152 -15.27 26.94 -9.54
N HIS B 153 -16.24 27.01 -8.63
CA HIS B 153 -17.58 26.50 -8.93
C HIS B 153 -18.59 27.63 -9.16
N HIS B 154 -19.30 27.57 -10.29
CA HIS B 154 -20.27 28.59 -10.65
C HIS B 154 -21.61 28.32 -9.97
N SER B 155 -22.58 29.20 -10.22
CA SER B 155 -23.81 29.22 -9.42
C SER B 155 -24.65 27.97 -9.60
N ARG B 156 -24.48 27.26 -10.71
CA ARG B 156 -25.24 26.02 -10.90
C ARG B 156 -24.69 24.89 -10.03
N GLU B 157 -23.46 25.06 -9.53
CA GLU B 157 -22.77 24.02 -8.76
C GLU B 157 -22.77 24.32 -7.26
N ILE B 158 -22.42 25.56 -6.93
CA ILE B 158 -22.40 25.98 -5.54
C ILE B 158 -23.10 27.33 -5.40
N SER B 159 -24.07 27.42 -4.49
CA SER B 159 -24.61 28.72 -4.15
C SER B 159 -24.05 29.11 -2.77
N VAL B 160 -23.42 30.29 -2.72
CA VAL B 160 -22.83 30.81 -1.50
C VAL B 160 -23.75 31.87 -0.94
N ASP B 161 -24.37 31.58 0.20
CA ASP B 161 -25.45 32.42 0.71
C ASP B 161 -25.20 32.89 2.14
N PRO B 162 -25.50 34.18 2.41
CA PRO B 162 -25.32 34.70 3.77
C PRO B 162 -26.34 34.09 4.71
N THR B 163 -25.94 33.81 5.94
CA THR B 163 -26.87 33.29 6.93
C THR B 163 -27.72 34.43 7.49
N THR B 164 -27.05 35.42 8.06
CA THR B 164 -27.72 36.58 8.66
C THR B 164 -27.31 37.90 8.00
N GLU B 165 -28.29 38.75 7.73
CA GLU B 165 -28.02 39.99 7.01
C GLU B 165 -27.42 41.08 7.89
N ASN B 166 -27.75 41.09 9.19
CA ASN B 166 -27.31 42.19 10.07
C ASN B 166 -26.98 41.82 11.52
N SER B 167 -25.91 42.42 12.04
CA SER B 167 -25.42 42.21 13.41
C SER B 167 -24.29 43.20 13.70
N ASP B 168 -23.95 43.38 14.97
CA ASP B 168 -22.70 44.07 15.30
C ASP B 168 -21.76 43.12 16.02
N ASP B 169 -21.97 41.82 15.75
CA ASP B 169 -21.12 40.77 16.30
CA ASP B 169 -21.25 40.68 16.36
C ASP B 169 -20.75 40.97 17.77
N SER B 170 -21.72 41.34 18.61
CA SER B 170 -21.49 41.65 20.01
C SER B 170 -20.90 40.48 20.81
N GLU B 171 -21.29 39.26 20.47
CA GLU B 171 -20.79 38.10 21.20
C GLU B 171 -19.36 37.75 20.83
N TYR B 172 -18.85 38.34 19.76
CA TYR B 172 -17.60 37.88 19.17
C TYR B 172 -16.46 38.88 19.19
N PHE B 173 -16.79 40.15 18.96
CA PHE B 173 -15.75 41.15 18.74
C PHE B 173 -15.02 41.47 20.04
N SER B 174 -13.70 41.48 19.99
CA SER B 174 -12.91 41.75 21.19
C SER B 174 -13.18 43.15 21.76
N GLN B 175 -13.55 43.19 23.03
CA GLN B 175 -13.74 44.43 23.77
C GLN B 175 -12.44 45.21 23.90
N TYR B 176 -11.32 44.57 23.59
CA TYR B 176 -10.02 45.21 23.80
C TYR B 176 -9.45 45.85 22.55
N SER B 177 -10.13 45.66 21.43
CA SER B 177 -9.71 46.27 20.17
C SER B 177 -9.70 47.79 20.30
N ARG B 178 -8.89 48.47 19.49
CA ARG B 178 -8.92 49.92 19.49
C ARG B 178 -9.99 50.37 18.51
N PHE B 179 -10.63 49.40 17.85
CA PHE B 179 -11.70 49.69 16.92
C PHE B 179 -13.02 49.18 17.45
N GLU B 180 -14.11 49.75 16.96
CA GLU B 180 -15.41 49.24 17.34
C GLU B 180 -16.25 49.01 16.10
N ILE B 181 -17.07 47.98 16.17
CA ILE B 181 -17.92 47.61 15.05
C ILE B 181 -19.25 48.30 15.13
N LEU B 182 -19.59 49.06 14.09
CA LEU B 182 -20.87 49.74 14.03
C LEU B 182 -21.95 48.80 13.50
N ASP B 183 -21.61 48.09 12.43
CA ASP B 183 -22.59 47.23 11.78
C ASP B 183 -21.89 46.24 10.86
N VAL B 184 -22.38 45.01 10.82
CA VAL B 184 -21.88 44.05 9.84
C VAL B 184 -23.04 43.58 8.99
N THR B 185 -22.94 43.83 7.70
CA THR B 185 -23.98 43.49 6.75
C THR B 185 -23.50 42.36 5.83
N GLN B 186 -24.35 41.39 5.56
CA GLN B 186 -23.97 40.31 4.67
C GLN B 186 -25.09 40.02 3.67
N LYS B 187 -24.79 40.22 2.39
CA LYS B 187 -25.77 40.10 1.32
C LYS B 187 -25.28 39.23 0.15
N LYS B 188 -26.21 38.63 -0.60
CA LYS B 188 -25.81 37.87 -1.78
C LYS B 188 -25.47 38.79 -2.94
N ASN B 189 -24.62 38.29 -3.82
CA ASN B 189 -24.19 39.07 -4.97
C ASN B 189 -23.71 38.08 -6.02
N SER B 190 -23.94 38.40 -7.29
CA SER B 190 -23.48 37.52 -8.37
C SER B 190 -22.42 38.24 -9.16
N VAL B 191 -21.38 37.50 -9.54
CA VAL B 191 -20.31 38.08 -10.32
C VAL B 191 -20.20 37.35 -11.66
N THR B 192 -20.04 38.12 -12.74
CA THR B 192 -19.72 37.53 -14.04
C THR B 192 -18.52 38.26 -14.65
N TYR B 193 -17.84 37.58 -15.57
CA TYR B 193 -16.66 38.16 -16.23
C TYR B 193 -16.82 37.98 -17.73
N SER B 194 -16.30 38.94 -18.51
CA SER B 194 -16.45 38.90 -19.96
C SER B 194 -15.81 37.64 -20.57
N CYS B 195 -14.80 37.11 -19.91
CA CYS B 195 -14.12 35.92 -20.41
C CYS B 195 -14.98 34.66 -20.39
N CYS B 196 -15.90 34.58 -19.42
CA CYS B 196 -16.48 33.30 -19.03
C CYS B 196 -18.00 33.40 -18.87
N PRO B 197 -18.74 32.47 -19.50
CA PRO B 197 -20.20 32.58 -19.59
C PRO B 197 -21.04 32.34 -18.32
N GLU B 198 -20.48 31.80 -17.24
CA GLU B 198 -21.30 31.51 -16.06
C GLU B 198 -21.21 32.58 -14.96
N ALA B 199 -22.13 32.53 -14.01
CA ALA B 199 -22.12 33.46 -12.87
C ALA B 199 -21.62 32.79 -11.61
N TYR B 200 -21.00 33.58 -10.75
CA TYR B 200 -20.42 33.07 -9.52
C TYR B 200 -21.07 33.79 -8.36
N GLU B 201 -21.62 33.02 -7.44
CA GLU B 201 -22.29 33.60 -6.29
C GLU B 201 -21.29 33.89 -5.20
N ASP B 202 -21.52 34.99 -4.51
CA ASP B 202 -20.68 35.27 -3.36
C ASP B 202 -21.49 35.96 -2.29
N VAL B 203 -20.86 36.13 -1.14
CA VAL B 203 -21.47 36.89 -0.10
C VAL B 203 -20.62 38.13 0.03
N GLU B 204 -21.28 39.28 0.03
CA GLU B 204 -20.59 40.52 0.24
C GLU B 204 -20.76 40.88 1.70
N VAL B 205 -19.65 40.93 2.41
CA VAL B 205 -19.66 41.26 3.83
C VAL B 205 -19.25 42.70 3.98
N SER B 206 -20.17 43.53 4.44
CA SER B 206 -19.83 44.95 4.64
C SER B 206 -19.55 45.21 6.10
N LEU B 207 -18.29 45.51 6.40
CA LEU B 207 -17.83 45.79 7.75
C LEU B 207 -17.79 47.31 8.01
N ASN B 208 -18.76 47.82 8.77
CA ASN B 208 -18.77 49.23 9.16
C ASN B 208 -18.18 49.38 10.55
N PHE B 209 -17.03 50.02 10.64
CA PHE B 209 -16.29 50.11 11.88
C PHE B 209 -15.58 51.45 11.98
N ARG B 210 -15.13 51.81 13.17
CA ARG B 210 -14.40 53.05 13.35
C ARG B 210 -13.41 52.95 14.50
N LYS B 211 -12.42 53.83 14.51
CA LYS B 211 -11.51 53.90 15.64
C LYS B 211 -12.30 54.40 16.84
N LYS B 212 -12.07 53.79 18.00
CA LYS B 212 -12.69 54.24 19.25
C LYS B 212 -12.18 55.62 19.60
N GLY B 213 -13.05 56.42 20.22
CA GLY B 213 -12.70 57.79 20.58
C GLY B 213 -12.07 57.90 21.95
N ASP C 1 -23.65 18.40 -20.95
CA ASP C 1 -24.52 19.56 -20.97
C ASP C 1 -24.92 20.00 -19.58
N TYR C 2 -25.24 21.29 -19.46
CA TYR C 2 -25.40 21.95 -18.16
C TYR C 2 -26.50 21.38 -17.27
N LYS C 3 -27.49 20.72 -17.85
CA LYS C 3 -28.55 20.13 -17.03
C LYS C 3 -28.10 18.89 -16.25
N ASP C 4 -26.95 18.33 -16.63
CA ASP C 4 -26.38 17.21 -15.88
C ASP C 4 -25.17 17.62 -15.03
N ASP C 5 -24.91 18.92 -14.95
CA ASP C 5 -23.79 19.45 -14.17
C ASP C 5 -23.79 18.98 -12.71
N ASP C 6 -24.97 18.85 -12.12
CA ASP C 6 -25.06 18.46 -10.72
C ASP C 6 -25.31 16.97 -10.49
N ASP C 7 -25.04 16.14 -11.51
CA ASP C 7 -25.12 14.71 -11.32
C ASP C 7 -23.85 14.26 -10.59
N LYS C 8 -23.95 14.05 -9.27
CA LYS C 8 -22.74 13.81 -8.47
C LYS C 8 -21.95 12.55 -8.91
N LEU C 9 -22.65 11.46 -9.17
CA LEU C 9 -21.97 10.22 -9.60
C LEU C 9 -21.20 10.46 -10.90
N ASP C 10 -21.81 11.18 -11.84
CA ASP C 10 -21.09 11.55 -13.06
C ASP C 10 -19.81 12.32 -12.74
N ARG C 11 -19.93 13.33 -11.88
CA ARG C 11 -18.76 14.14 -11.53
C ARG C 11 -17.67 13.26 -10.94
N ALA C 12 -18.07 12.39 -10.01
CA ALA C 12 -17.13 11.46 -9.38
C ALA C 12 -16.48 10.54 -10.41
N ASP C 13 -17.27 10.10 -11.40
CA ASP C 13 -16.71 9.21 -12.43
C ASP C 13 -15.73 9.94 -13.32
N ILE C 14 -16.03 11.20 -13.63
CA ILE C 14 -15.14 12.00 -14.47
C ILE C 14 -13.82 12.26 -13.74
N LEU C 15 -13.91 12.54 -12.43
CA LEU C 15 -12.72 12.77 -11.64
C LEU C 15 -11.87 11.48 -11.61
N TYR C 16 -12.53 10.35 -11.45
CA TYR C 16 -11.87 9.05 -11.54
C TYR C 16 -11.18 8.86 -12.89
N ASN C 17 -11.89 9.14 -13.99
CA ASN C 17 -11.30 9.00 -15.33
C ASN C 17 -10.07 9.89 -15.53
N ILE C 18 -10.18 11.15 -15.11
CA ILE C 18 -9.06 12.09 -15.24
C ILE C 18 -7.85 11.56 -14.48
N ARG C 19 -8.06 11.12 -13.24
CA ARG C 19 -6.96 10.62 -12.43
C ARG C 19 -6.36 9.32 -12.99
N GLN C 20 -7.16 8.52 -13.67
CA GLN C 20 -6.63 7.32 -14.29
C GLN C 20 -5.76 7.65 -15.49
N THR C 21 -6.20 8.63 -16.28
CA THR C 21 -5.53 9.04 -17.52
C THR C 21 -4.36 9.99 -17.28
N SER C 22 -4.49 10.86 -16.29
CA SER C 22 -3.51 11.93 -16.09
C SER C 22 -2.11 11.44 -15.80
N ARG C 23 -1.12 12.05 -16.44
CA ARG C 23 0.28 11.87 -16.07
C ARG C 23 0.81 13.20 -15.57
N PRO C 24 0.73 13.46 -14.26
CA PRO C 24 1.09 14.77 -13.70
C PRO C 24 2.51 15.20 -13.98
N ASP C 25 3.42 14.27 -14.29
CA ASP C 25 4.80 14.71 -14.46
C ASP C 25 5.27 14.67 -15.91
N VAL C 26 4.37 14.42 -16.84
CA VAL C 26 4.76 14.31 -18.25
C VAL C 26 4.04 15.37 -19.09
N ILE C 27 4.77 16.08 -19.95
CA ILE C 27 4.13 17.15 -20.70
C ILE C 27 3.10 16.57 -21.65
N PRO C 28 1.93 17.21 -21.73
CA PRO C 28 0.88 16.64 -22.58
C PRO C 28 1.08 17.03 -24.04
N THR C 29 2.20 16.61 -24.64
CA THR C 29 2.44 16.92 -26.05
C THR C 29 1.55 16.07 -26.91
N GLN C 30 0.90 16.71 -27.87
CA GLN C 30 -0.04 16.03 -28.74
C GLN C 30 0.39 16.23 -30.19
N ARG C 31 0.17 15.21 -31.02
CA ARG C 31 0.90 15.08 -32.26
C ARG C 31 2.39 15.13 -31.90
N ASP C 32 3.17 15.87 -32.65
CA ASP C 32 4.55 16.12 -32.25
C ASP C 32 4.70 17.64 -32.20
N ARG C 33 3.87 18.25 -31.36
CA ARG C 33 3.82 19.71 -31.21
C ARG C 33 4.09 20.09 -29.77
N PRO C 34 4.71 21.25 -29.55
CA PRO C 34 4.84 21.75 -28.18
C PRO C 34 3.48 21.99 -27.52
N VAL C 35 3.45 21.89 -26.20
CA VAL C 35 2.25 22.24 -25.46
C VAL C 35 2.08 23.75 -25.48
N ALA C 36 0.96 24.21 -26.01
CA ALA C 36 0.68 25.65 -26.05
C ALA C 36 0.00 26.07 -24.77
N VAL C 37 0.72 26.83 -23.97
CA VAL C 37 0.21 27.31 -22.69
C VAL C 37 -0.13 28.80 -22.81
N SER C 38 -1.39 29.16 -22.61
CA SER C 38 -1.78 30.56 -22.69
C SER C 38 -1.77 31.16 -21.30
N VAL C 39 -1.15 32.32 -21.16
CA VAL C 39 -1.01 32.99 -19.87
C VAL C 39 -1.42 34.45 -19.98
N SER C 40 -2.35 34.87 -19.13
CA SER C 40 -2.67 36.28 -18.98
C SER C 40 -2.74 36.68 -17.49
N LEU C 41 -1.98 37.70 -17.10
CA LEU C 41 -2.03 38.17 -15.73
C LEU C 41 -3.11 39.22 -15.59
N LYS C 42 -4.07 38.97 -14.70
CA LYS C 42 -5.08 39.94 -14.37
C LYS C 42 -4.71 40.56 -13.04
N PHE C 43 -4.27 41.82 -13.06
CA PHE C 43 -3.78 42.45 -11.85
C PHE C 43 -4.95 42.82 -10.96
N ILE C 44 -4.82 42.55 -9.66
CA ILE C 44 -5.88 42.85 -8.72
C ILE C 44 -5.48 44.03 -7.84
N ASN C 45 -4.21 44.03 -7.47
CA ASN C 45 -3.69 44.98 -6.48
C ASN C 45 -2.21 45.24 -6.72
N ILE C 46 -1.83 46.50 -6.60
CA ILE C 46 -0.41 46.86 -6.51
C ILE C 46 -0.20 47.37 -5.10
N LEU C 47 0.52 46.62 -4.29
CA LEU C 47 0.50 46.85 -2.85
C LEU C 47 1.64 47.73 -2.38
N GLU C 48 2.83 47.49 -2.93
CA GLU C 48 4.00 48.26 -2.57
C GLU C 48 4.82 48.51 -3.81
N VAL C 49 5.30 49.73 -3.90
CA VAL C 49 6.15 50.13 -5.01
C VAL C 49 7.34 50.84 -4.39
N ASN C 50 8.55 50.39 -4.73
CA ASN C 50 9.72 50.98 -4.11
C ASN C 50 10.59 51.68 -5.13
N GLU C 51 10.53 53.00 -5.01
CA GLU C 51 11.24 53.95 -5.84
CA GLU C 51 11.24 53.94 -5.86
C GLU C 51 12.73 53.65 -6.00
N ILE C 52 13.40 53.48 -4.87
CA ILE C 52 14.85 53.30 -4.82
C ILE C 52 15.32 51.96 -5.35
N THR C 53 14.67 50.89 -4.89
CA THR C 53 15.15 49.54 -5.16
C THR C 53 14.61 48.95 -6.45
N ASN C 54 13.67 49.67 -7.07
CA ASN C 54 12.98 49.21 -8.27
C ASN C 54 12.29 47.85 -8.04
N GLU C 55 11.42 47.82 -7.03
CA GLU C 55 10.68 46.62 -6.65
C GLU C 55 9.19 46.93 -6.55
N VAL C 56 8.36 45.99 -6.98
CA VAL C 56 6.92 46.09 -6.77
C VAL C 56 6.41 44.82 -6.12
N ASP C 57 5.34 44.98 -5.35
CA ASP C 57 4.68 43.86 -4.69
C ASP C 57 3.26 43.88 -5.22
N VAL C 58 2.87 42.83 -5.93
CA VAL C 58 1.57 42.81 -6.59
C VAL C 58 0.75 41.56 -6.32
N VAL C 59 -0.55 41.68 -6.50
CA VAL C 59 -1.44 40.53 -6.52
C VAL C 59 -2.08 40.44 -7.89
N PHE C 60 -2.02 39.25 -8.48
CA PHE C 60 -2.65 39.02 -9.77
C PHE C 60 -3.27 37.63 -9.86
N TRP C 61 -4.31 37.52 -10.67
CA TRP C 61 -4.88 36.22 -11.02
C TRP C 61 -4.22 35.77 -12.30
N GLN C 62 -3.51 34.63 -12.23
CA GLN C 62 -2.79 34.09 -13.37
C GLN C 62 -3.66 33.19 -14.22
N GLN C 63 -4.36 33.79 -15.19
CA GLN C 63 -5.21 33.00 -16.08
C GLN C 63 -4.36 32.11 -16.95
N THR C 64 -4.50 30.79 -16.78
CA THR C 64 -3.63 29.85 -17.48
C THR C 64 -4.47 28.77 -18.14
N THR C 65 -4.26 28.52 -19.42
CA THR C 65 -4.99 27.46 -20.09
C THR C 65 -4.08 26.66 -21.00
N TRP C 66 -4.45 25.40 -21.20
CA TRP C 66 -3.77 24.52 -22.13
C TRP C 66 -4.71 23.37 -22.36
N SER C 67 -4.38 22.50 -23.29
CA SER C 67 -5.28 21.41 -23.55
C SER C 67 -4.55 20.09 -23.37
N ASP C 68 -5.27 19.10 -22.87
CA ASP C 68 -4.79 17.73 -22.92
C ASP C 68 -5.96 16.89 -23.38
N ARG C 69 -6.00 16.57 -24.68
CA ARG C 69 -7.16 15.87 -25.24
C ARG C 69 -7.34 14.46 -24.72
N THR C 70 -6.30 13.88 -24.09
CA THR C 70 -6.46 12.55 -23.51
C THR C 70 -7.43 12.61 -22.34
N LEU C 71 -7.68 13.80 -21.81
CA LEU C 71 -8.59 13.97 -20.67
C LEU C 71 -10.04 14.14 -21.12
N ALA C 72 -10.25 14.25 -22.42
CA ALA C 72 -11.57 14.59 -22.96
C ALA C 72 -12.59 13.50 -22.71
N TRP C 73 -13.86 13.89 -22.56
CA TRP C 73 -14.93 12.90 -22.49
C TRP C 73 -16.16 13.40 -23.21
N ASN C 74 -17.11 12.48 -23.42
CA ASN C 74 -18.40 12.83 -24.00
C ASN C 74 -19.33 13.44 -22.98
N SER C 75 -19.67 14.72 -23.14
CA SER C 75 -20.55 15.37 -22.18
C SER C 75 -21.96 15.64 -22.74
N SER C 76 -22.36 14.83 -23.71
CA SER C 76 -23.74 14.87 -24.22
C SER C 76 -24.77 14.78 -23.10
N HIS C 77 -24.52 13.88 -22.16
CA HIS C 77 -25.40 13.72 -21.01
C HIS C 77 -24.60 13.59 -19.72
N SER C 78 -23.62 14.46 -19.57
CA SER C 78 -22.81 14.47 -18.36
C SER C 78 -22.26 15.88 -18.19
N PRO C 79 -21.67 16.17 -17.00
CA PRO C 79 -21.17 17.53 -16.77
C PRO C 79 -20.13 17.96 -17.80
N ASP C 80 -20.13 19.25 -18.14
CA ASP C 80 -19.19 19.81 -19.12
C ASP C 80 -17.81 20.07 -18.52
N GLN C 81 -17.78 20.19 -17.21
CA GLN C 81 -16.56 20.54 -16.50
C GLN C 81 -16.61 19.98 -15.09
N VAL C 82 -15.44 19.71 -14.51
CA VAL C 82 -15.34 19.47 -13.07
C VAL C 82 -14.11 20.20 -12.49
N SER C 83 -14.12 20.47 -11.20
CA SER C 83 -12.92 20.97 -10.54
C SER C 83 -12.04 19.78 -10.11
N VAL C 84 -10.73 19.95 -10.24
CA VAL C 84 -9.77 18.88 -9.99
C VAL C 84 -8.60 19.49 -9.22
N PRO C 85 -8.16 18.86 -8.10
CA PRO C 85 -6.96 19.36 -7.41
C PRO C 85 -5.77 19.28 -8.35
N ILE C 86 -4.89 20.28 -8.35
CA ILE C 86 -3.85 20.28 -9.39
C ILE C 86 -2.81 19.22 -9.14
N SER C 87 -2.75 18.70 -7.91
CA SER C 87 -1.88 17.57 -7.62
C SER C 87 -2.23 16.36 -8.48
N SER C 88 -3.45 16.31 -9.01
CA SER C 88 -3.84 15.21 -9.90
C SER C 88 -3.52 15.48 -11.37
N LEU C 89 -3.04 16.70 -11.69
CA LEU C 89 -2.86 17.10 -13.07
C LEU C 89 -1.44 17.51 -13.40
N TRP C 90 -1.04 17.35 -14.65
CA TRP C 90 0.14 18.09 -15.11
C TRP C 90 -0.22 19.56 -15.15
N VAL C 91 0.68 20.39 -14.63
CA VAL C 91 0.57 21.83 -14.74
C VAL C 91 1.91 22.35 -15.23
N PRO C 92 1.90 23.40 -16.07
CA PRO C 92 3.15 23.93 -16.62
C PRO C 92 4.08 24.42 -15.53
N ASP C 93 5.38 24.22 -15.69
CA ASP C 93 6.35 24.65 -14.68
C ASP C 93 6.72 26.12 -14.88
N LEU C 94 5.73 27.00 -14.78
CA LEU C 94 5.92 28.44 -15.02
C LEU C 94 6.66 29.12 -13.88
N ALA C 95 7.49 30.09 -14.24
CA ALA C 95 8.14 30.93 -13.26
C ALA C 95 8.35 32.31 -13.88
N ALA C 96 8.34 33.32 -13.03
CA ALA C 96 8.70 34.68 -13.42
C ALA C 96 10.20 34.87 -13.30
N TYR C 97 10.85 35.18 -14.42
CA TYR C 97 12.31 35.34 -14.45
C TYR C 97 12.83 36.41 -13.50
N ASN C 98 12.02 37.43 -13.22
CA ASN C 98 12.47 38.55 -12.40
C ASN C 98 11.74 38.60 -11.07
N ALA C 99 11.20 37.46 -10.66
CA ALA C 99 10.63 37.35 -9.33
C ALA C 99 11.75 37.38 -8.30
N ILE C 100 11.52 38.10 -7.21
CA ILE C 100 12.48 38.15 -6.11
C ILE C 100 11.85 37.67 -4.81
N SER C 101 10.67 37.06 -4.92
CA SER C 101 10.05 36.37 -3.79
C SER C 101 9.29 35.16 -4.31
N LYS C 102 8.96 34.22 -3.43
CA LYS C 102 8.16 33.06 -3.83
C LYS C 102 6.77 33.49 -4.28
N PRO C 103 6.22 32.82 -5.30
CA PRO C 103 4.81 33.11 -5.57
C PRO C 103 3.93 32.61 -4.42
N GLU C 104 3.24 33.51 -3.73
CA GLU C 104 2.33 33.11 -2.67
C GLU C 104 0.94 32.89 -3.24
N VAL C 105 0.52 31.63 -3.28
CA VAL C 105 -0.82 31.31 -3.78
C VAL C 105 -1.85 31.57 -2.68
N LEU C 106 -2.85 32.39 -2.99
CA LEU C 106 -3.82 32.80 -1.99
C LEU C 106 -5.12 32.00 -2.09
N THR C 107 -5.22 31.12 -3.07
CA THR C 107 -6.48 30.50 -3.42
C THR C 107 -6.41 28.97 -3.46
N PRO C 108 -7.57 28.30 -3.33
CA PRO C 108 -7.60 26.83 -3.45
C PRO C 108 -6.91 26.35 -4.73
N GLN C 109 -6.03 25.37 -4.59
CA GLN C 109 -5.26 24.90 -5.74
C GLN C 109 -6.04 23.85 -6.53
N LEU C 110 -7.08 24.35 -7.20
CA LEU C 110 -7.94 23.54 -8.04
C LEU C 110 -7.91 24.08 -9.46
N ALA C 111 -8.11 23.20 -10.44
CA ALA C 111 -8.27 23.65 -11.80
C ALA C 111 -9.60 23.14 -12.29
N ARG C 112 -10.07 23.70 -13.40
CA ARG C 112 -11.23 23.15 -14.10
C ARG C 112 -10.72 22.33 -15.26
N VAL C 113 -11.29 21.14 -15.44
CA VAL C 113 -11.05 20.39 -16.67
C VAL C 113 -12.36 20.36 -17.43
N VAL C 114 -12.28 20.76 -18.69
CA VAL C 114 -13.43 20.85 -19.61
C VAL C 114 -13.49 19.55 -20.42
N SER C 115 -14.68 19.17 -20.88
CA SER C 115 -14.84 17.84 -21.50
C SER C 115 -14.15 17.72 -22.84
N ASP C 116 -13.70 18.84 -23.41
CA ASP C 116 -12.92 18.77 -24.66
C ASP C 116 -11.43 18.69 -24.34
N GLY C 117 -11.11 18.59 -23.06
CA GLY C 117 -9.73 18.43 -22.63
C GLY C 117 -8.99 19.72 -22.32
N GLU C 118 -9.70 20.84 -22.37
CA GLU C 118 -9.08 22.10 -21.96
C GLU C 118 -8.93 22.11 -20.45
N VAL C 119 -7.81 22.64 -19.97
CA VAL C 119 -7.61 22.80 -18.54
C VAL C 119 -7.52 24.29 -18.24
N LEU C 120 -8.25 24.73 -17.22
CA LEU C 120 -8.28 26.14 -16.80
C LEU C 120 -7.75 26.25 -15.38
N TYR C 121 -6.67 27.00 -15.20
CA TYR C 121 -6.02 27.15 -13.90
C TYR C 121 -5.81 28.62 -13.65
N MET C 122 -6.24 29.13 -12.50
CA MET C 122 -6.05 30.54 -12.23
C MET C 122 -5.82 30.81 -10.75
N PRO C 123 -4.56 30.68 -10.31
CA PRO C 123 -4.29 30.99 -8.90
C PRO C 123 -4.25 32.50 -8.71
N SER C 124 -4.68 33.00 -7.57
CA SER C 124 -4.36 34.36 -7.18
C SER C 124 -3.00 34.31 -6.52
N ILE C 125 -2.07 35.10 -7.04
CA ILE C 125 -0.69 35.07 -6.60
C ILE C 125 -0.24 36.41 -6.08
N ARG C 126 0.36 36.43 -4.90
CA ARG C 126 1.06 37.60 -4.43
C ARG C 126 2.57 37.36 -4.58
N GLN C 127 3.26 38.28 -5.23
CA GLN C 127 4.67 38.08 -5.52
C GLN C 127 5.38 39.43 -5.69
N ARG C 128 6.68 39.45 -5.38
CA ARG C 128 7.49 40.65 -5.54
C ARG C 128 8.40 40.50 -6.74
N PHE C 129 8.65 41.61 -7.44
CA PHE C 129 9.41 41.61 -8.67
C PHE C 129 10.41 42.75 -8.73
N SER C 130 11.49 42.51 -9.45
CA SER C 130 12.44 43.56 -9.79
C SER C 130 12.07 44.10 -11.16
N CYS C 131 11.66 45.35 -11.24
CA CYS C 131 11.33 45.94 -12.53
C CYS C 131 11.46 47.46 -12.46
N ASP C 132 11.36 48.10 -13.63
CA ASP C 132 11.53 49.55 -13.71
C ASP C 132 10.34 50.27 -13.10
N VAL C 133 10.57 50.86 -11.94
CA VAL C 133 9.53 51.57 -11.20
C VAL C 133 9.58 53.10 -11.49
N SER C 134 10.60 53.54 -12.23
CA SER C 134 10.74 54.96 -12.53
C SER C 134 9.52 55.52 -13.26
N GLY C 135 9.05 56.69 -12.82
CA GLY C 135 7.94 57.37 -13.46
C GLY C 135 6.58 57.10 -12.82
N VAL C 136 6.57 56.28 -11.76
CA VAL C 136 5.29 55.88 -11.16
C VAL C 136 4.48 57.07 -10.66
N ASP C 137 5.15 58.15 -10.27
CA ASP C 137 4.43 59.27 -9.72
C ASP C 137 4.18 60.35 -10.77
N THR C 138 4.28 59.96 -12.04
CA THR C 138 4.05 60.90 -13.13
C THR C 138 2.80 60.54 -13.92
N GLU C 139 2.35 61.48 -14.74
CA GLU C 139 1.17 61.26 -15.56
C GLU C 139 1.29 60.01 -16.43
N SER C 140 2.48 59.81 -17.00
CA SER C 140 2.70 58.72 -17.93
C SER C 140 3.00 57.41 -17.21
N GLY C 141 3.29 57.50 -15.92
CA GLY C 141 3.44 56.32 -15.07
C GLY C 141 4.71 55.52 -15.29
N ALA C 142 4.86 54.47 -14.47
CA ALA C 142 5.92 53.49 -14.65
C ALA C 142 5.47 52.35 -15.55
N THR C 143 6.44 51.69 -16.19
CA THR C 143 6.13 50.48 -16.93
C THR C 143 6.98 49.33 -16.38
N CYS C 144 6.34 48.48 -15.59
CA CYS C 144 6.99 47.33 -14.98
C CYS C 144 6.79 46.07 -15.82
N ARG C 145 7.89 45.46 -16.29
CA ARG C 145 7.80 44.30 -17.15
C ARG C 145 8.06 43.01 -16.38
N ILE C 146 7.17 42.04 -16.53
CA ILE C 146 7.32 40.74 -15.88
C ILE C 146 7.43 39.67 -16.95
N LYS C 147 8.50 38.89 -16.90
CA LYS C 147 8.76 37.88 -17.92
C LYS C 147 8.42 36.50 -17.35
N ILE C 148 7.48 35.80 -17.98
CA ILE C 148 7.02 34.49 -17.51
C ILE C 148 7.23 33.38 -18.53
N GLY C 149 7.91 32.31 -18.12
CA GLY C 149 8.08 31.16 -18.99
C GLY C 149 8.25 29.84 -18.25
N SER C 150 8.42 28.77 -19.01
CA SER C 150 8.70 27.47 -18.43
C SER C 150 10.09 27.49 -17.85
N TRP C 151 10.24 26.98 -16.64
CA TRP C 151 11.56 26.96 -16.02
C TRP C 151 12.48 25.92 -16.67
N THR C 152 11.94 24.79 -17.13
CA THR C 152 12.82 23.74 -17.63
C THR C 152 12.49 23.24 -19.04
N HIS C 153 11.36 23.64 -19.60
CA HIS C 153 10.99 23.16 -20.93
C HIS C 153 11.26 24.22 -22.01
N HIS C 154 11.93 23.81 -23.07
CA HIS C 154 12.25 24.76 -24.13
C HIS C 154 11.13 24.78 -25.18
N SER C 155 11.33 25.63 -26.19
CA SER C 155 10.26 26.01 -27.11
C SER C 155 9.74 24.85 -27.93
N ARG C 156 10.55 23.82 -28.13
CA ARG C 156 10.07 22.61 -28.81
C ARG C 156 9.09 21.83 -27.93
N GLU C 157 9.16 22.05 -26.62
CA GLU C 157 8.35 21.29 -25.65
C GLU C 157 7.12 22.05 -25.17
N ILE C 158 7.33 23.32 -24.83
CA ILE C 158 6.26 24.17 -24.34
C ILE C 158 6.38 25.56 -24.96
N SER C 159 5.28 26.11 -25.48
CA SER C 159 5.24 27.52 -25.82
C SER C 159 4.35 28.26 -24.83
N VAL C 160 4.91 29.29 -24.19
CA VAL C 160 4.14 30.10 -23.26
C VAL C 160 3.68 31.35 -23.98
N ASP C 161 2.37 31.44 -24.25
CA ASP C 161 1.81 32.46 -25.14
C ASP C 161 0.82 33.42 -24.48
N PRO C 162 0.82 34.69 -24.94
CA PRO C 162 -0.16 35.66 -24.44
C PRO C 162 -1.54 35.36 -25.01
N THR C 163 -2.58 35.73 -24.28
CA THR C 163 -3.93 35.60 -24.78
C THR C 163 -4.27 36.84 -25.58
N THR C 164 -4.54 37.93 -24.84
CA THR C 164 -4.84 39.22 -25.43
C THR C 164 -3.61 40.11 -25.36
N GLU C 165 -3.40 40.95 -26.37
CA GLU C 165 -2.21 41.80 -26.41
C GLU C 165 -2.33 43.02 -25.48
N ASN C 166 -3.52 43.60 -25.39
CA ASN C 166 -3.80 44.70 -24.44
C ASN C 166 -4.98 44.36 -23.52
N SER C 167 -4.97 44.88 -22.30
CA SER C 167 -6.09 44.69 -21.36
C SER C 167 -6.36 45.91 -20.48
N ASP C 168 -7.65 46.20 -20.23
CA ASP C 168 -8.15 47.21 -19.28
CA ASP C 168 -7.88 47.29 -19.29
C ASP C 168 -7.89 46.77 -17.85
N ASP C 169 -8.17 45.48 -17.66
CA ASP C 169 -8.18 44.82 -16.36
CA ASP C 169 -8.16 44.86 -16.35
C ASP C 169 -9.23 45.45 -15.44
N SER C 170 -10.22 46.13 -16.05
CA SER C 170 -11.19 46.91 -15.28
C SER C 170 -12.17 46.03 -14.49
N GLU C 171 -12.39 44.80 -14.95
CA GLU C 171 -13.22 43.85 -14.20
C GLU C 171 -12.49 43.24 -13.00
N TYR C 172 -11.19 43.52 -12.87
CA TYR C 172 -10.35 42.83 -11.88
C TYR C 172 -9.65 43.73 -10.87
N PHE C 173 -9.11 44.85 -11.35
CA PHE C 173 -8.25 45.68 -10.52
C PHE C 173 -9.05 46.37 -9.41
N SER C 174 -8.46 46.41 -8.21
CA SER C 174 -9.14 47.03 -7.09
C SER C 174 -9.32 48.52 -7.30
N GLN C 175 -10.55 48.99 -7.19
CA GLN C 175 -10.81 50.42 -7.27
C GLN C 175 -10.36 51.16 -6.01
N TYR C 176 -9.93 50.41 -5.00
CA TYR C 176 -9.47 51.05 -3.76
C TYR C 176 -7.96 51.10 -3.70
N SER C 177 -7.31 50.66 -4.76
CA SER C 177 -5.86 50.75 -4.85
C SER C 177 -5.46 52.23 -4.87
N ARG C 178 -4.25 52.55 -4.42
CA ARG C 178 -3.78 53.92 -4.56
C ARG C 178 -3.09 54.08 -5.92
N PHE C 179 -3.08 53.02 -6.70
CA PHE C 179 -2.55 53.10 -8.06
C PHE C 179 -3.65 52.82 -9.05
N GLU C 180 -3.38 53.09 -10.33
CA GLU C 180 -4.34 52.79 -11.38
C GLU C 180 -3.56 52.35 -12.60
N ILE C 181 -4.20 51.57 -13.47
CA ILE C 181 -3.51 51.02 -14.62
C ILE C 181 -3.85 51.78 -15.91
N LEU C 182 -2.80 52.12 -16.67
CA LEU C 182 -2.99 52.79 -17.95
C LEU C 182 -3.12 51.74 -19.06
N ASP C 183 -2.28 50.72 -19.00
CA ASP C 183 -2.38 49.62 -19.97
C ASP C 183 -1.57 48.43 -19.48
N VAL C 184 -2.07 47.24 -19.80
CA VAL C 184 -1.30 46.03 -19.62
C VAL C 184 -1.13 45.42 -20.99
N THR C 185 0.12 45.34 -21.45
CA THR C 185 0.40 44.68 -22.71
C THR C 185 1.12 43.36 -22.45
N GLN C 186 0.82 42.36 -23.25
CA GLN C 186 1.40 41.04 -23.05
C GLN C 186 1.80 40.54 -24.44
N LYS C 187 3.09 40.26 -24.63
CA LYS C 187 3.62 39.89 -25.95
C LYS C 187 4.50 38.64 -25.89
N LYS C 188 4.61 37.95 -27.02
CA LYS C 188 5.50 36.80 -27.16
C LYS C 188 6.94 37.24 -27.05
N ASN C 189 7.77 36.41 -26.45
CA ASN C 189 9.17 36.73 -26.27
C ASN C 189 9.98 35.44 -26.22
N SER C 190 11.12 35.45 -26.91
CA SER C 190 11.99 34.29 -26.99
C SER C 190 13.30 34.61 -26.31
N VAL C 191 13.79 33.68 -25.48
CA VAL C 191 15.02 33.90 -24.73
C VAL C 191 16.04 32.80 -24.99
N THR C 192 17.29 33.21 -25.23
CA THR C 192 18.40 32.27 -25.34
C THR C 192 19.53 32.69 -24.39
N TYR C 193 20.34 31.73 -23.97
CA TYR C 193 21.52 32.04 -23.17
C TYR C 193 22.75 31.47 -23.86
N SER C 194 23.86 32.19 -23.78
CA SER C 194 25.10 31.77 -24.44
C SER C 194 25.61 30.41 -23.95
N CYS C 195 25.27 30.05 -22.72
CA CYS C 195 25.70 28.78 -22.16
C CYS C 195 25.00 27.60 -22.84
N CYS C 196 23.80 27.84 -23.35
CA CYS C 196 22.87 26.74 -23.58
C CYS C 196 22.14 26.83 -24.93
N PRO C 197 22.02 25.68 -25.63
CA PRO C 197 21.59 25.54 -27.04
C PRO C 197 20.15 25.97 -27.41
N GLU C 198 19.19 25.80 -26.51
CA GLU C 198 17.78 25.95 -26.89
C GLU C 198 17.23 27.35 -26.64
N ALA C 199 16.05 27.61 -27.19
CA ALA C 199 15.34 28.85 -26.93
C ALA C 199 14.15 28.58 -26.03
N TYR C 200 13.80 29.58 -25.23
CA TYR C 200 12.66 29.48 -24.32
C TYR C 200 11.61 30.53 -24.70
N GLU C 201 10.42 30.06 -25.03
CA GLU C 201 9.35 30.91 -25.54
CA GLU C 201 9.34 30.89 -25.53
C GLU C 201 8.45 31.38 -24.40
N ASP C 202 8.54 32.68 -24.08
CA ASP C 202 7.90 33.25 -22.89
CA ASP C 202 7.86 33.21 -22.89
C ASP C 202 6.90 34.36 -23.19
N VAL C 203 6.23 34.83 -22.14
CA VAL C 203 5.30 35.95 -22.23
C VAL C 203 5.86 37.13 -21.44
N GLU C 204 5.95 38.27 -22.12
CA GLU C 204 6.42 39.50 -21.50
C GLU C 204 5.21 40.36 -21.17
N VAL C 205 5.01 40.59 -19.88
CA VAL C 205 3.87 41.38 -19.39
C VAL C 205 4.33 42.78 -19.02
N SER C 206 3.83 43.79 -19.73
CA SER C 206 4.16 45.17 -19.42
C SER C 206 3.02 45.89 -18.69
N LEU C 207 3.24 46.12 -17.40
CA LEU C 207 2.27 46.80 -16.56
C LEU C 207 2.58 48.30 -16.50
N ASN C 208 1.80 49.10 -17.24
CA ASN C 208 1.91 50.57 -17.24
C ASN C 208 0.90 51.15 -16.26
N PHE C 209 1.40 51.67 -15.14
CA PHE C 209 0.55 52.04 -14.02
C PHE C 209 1.08 53.29 -13.40
N ARG C 210 0.27 53.97 -12.58
CA ARG C 210 0.75 55.17 -11.92
C ARG C 210 0.04 55.34 -10.59
N LYS C 211 0.61 56.15 -9.71
CA LYS C 211 -0.05 56.53 -8.48
C LYS C 211 -1.23 57.44 -8.79
N LYS C 212 -2.36 57.24 -8.11
CA LYS C 212 -3.52 58.09 -8.33
C LYS C 212 -3.18 59.52 -7.91
N GLY C 213 -3.75 60.49 -8.63
CA GLY C 213 -3.54 61.89 -8.32
C GLY C 213 -3.98 62.24 -6.91
N ASP D 1 17.21 12.10 -30.23
CA ASP D 1 16.60 12.56 -31.47
C ASP D 1 15.59 13.68 -31.21
N TYR D 2 15.92 14.92 -31.60
CA TYR D 2 15.07 16.06 -31.29
C TYR D 2 13.69 15.95 -31.96
N LYS D 3 13.63 15.26 -33.10
CA LYS D 3 12.36 15.04 -33.79
C LYS D 3 11.38 14.21 -32.93
N ASP D 4 11.93 13.49 -31.95
CA ASP D 4 11.10 12.64 -31.08
C ASP D 4 10.87 13.24 -29.71
N ASP D 5 11.33 14.48 -29.49
CA ASP D 5 11.24 15.11 -28.18
C ASP D 5 9.81 15.10 -27.65
N ASP D 6 8.84 15.31 -28.54
CA ASP D 6 7.45 15.47 -28.11
C ASP D 6 6.60 14.20 -28.24
N ASP D 7 7.27 13.07 -28.34
CA ASP D 7 6.58 11.79 -28.28
C ASP D 7 6.22 11.52 -26.82
N LYS D 8 4.96 11.73 -26.44
CA LYS D 8 4.59 11.70 -25.03
C LYS D 8 4.86 10.35 -24.36
N LEU D 9 4.48 9.27 -25.01
CA LEU D 9 4.67 7.93 -24.42
C LEU D 9 6.16 7.66 -24.18
N ASP D 10 7.00 8.07 -25.13
CA ASP D 10 8.44 7.97 -24.97
C ASP D 10 8.90 8.70 -23.71
N ARG D 11 8.39 9.91 -23.51
CA ARG D 11 8.75 10.68 -22.32
C ARG D 11 8.27 9.99 -21.05
N ALA D 12 7.03 9.51 -21.07
CA ALA D 12 6.49 8.81 -19.91
C ALA D 12 7.36 7.58 -19.60
N ASP D 13 7.83 6.93 -20.66
CA ASP D 13 8.62 5.72 -20.50
C ASP D 13 10.00 6.03 -19.98
N ILE D 14 10.57 7.15 -20.42
CA ILE D 14 11.87 7.55 -19.91
C ILE D 14 11.75 7.88 -18.41
N LEU D 15 10.72 8.63 -18.05
CA LEU D 15 10.44 8.94 -16.65
C LEU D 15 10.30 7.68 -15.79
N TYR D 16 9.55 6.71 -16.30
CA TYR D 16 9.45 5.41 -15.64
C TYR D 16 10.82 4.76 -15.44
N ASN D 17 11.61 4.70 -16.51
CA ASN D 17 12.96 4.12 -16.43
C ASN D 17 13.83 4.79 -15.37
N ILE D 18 13.85 6.13 -15.42
CA ILE D 18 14.63 6.90 -14.46
C ILE D 18 14.22 6.56 -13.03
N ARG D 19 12.91 6.50 -12.80
CA ARG D 19 12.43 6.28 -11.44
C ARG D 19 12.71 4.86 -10.96
N GLN D 20 12.81 3.90 -11.89
CA GLN D 20 13.13 2.53 -11.50
C GLN D 20 14.61 2.40 -11.15
N THR D 21 15.46 3.10 -11.89
CA THR D 21 16.91 3.06 -11.69
C THR D 21 17.40 3.98 -10.58
N SER D 22 16.76 5.14 -10.44
CA SER D 22 17.24 6.17 -9.52
C SER D 22 17.26 5.73 -8.06
N ARG D 23 18.35 6.06 -7.39
CA ARG D 23 18.48 5.85 -5.96
C ARG D 23 18.69 7.23 -5.35
N PRO D 24 17.60 7.90 -4.96
CA PRO D 24 17.65 9.32 -4.57
C PRO D 24 18.53 9.59 -3.36
N ASP D 25 18.83 8.56 -2.57
CA ASP D 25 19.54 8.79 -1.32
C ASP D 25 20.97 8.25 -1.33
N VAL D 26 21.41 7.75 -2.48
CA VAL D 26 22.74 7.16 -2.61
C VAL D 26 23.58 7.94 -3.61
N ILE D 27 24.80 8.32 -3.23
CA ILE D 27 25.60 9.12 -4.15
C ILE D 27 25.93 8.29 -5.38
N PRO D 28 25.84 8.90 -6.56
CA PRO D 28 26.06 8.19 -7.81
C PRO D 28 27.53 8.08 -8.17
N THR D 29 28.30 7.49 -7.26
CA THR D 29 29.73 7.31 -7.49
C THR D 29 29.91 6.27 -8.56
N GLN D 30 30.54 6.70 -9.65
CA GLN D 30 30.85 5.82 -10.76
C GLN D 30 32.33 5.46 -10.65
N ARG D 31 32.67 4.23 -11.05
CA ARG D 31 34.05 3.74 -11.06
C ARG D 31 34.91 4.09 -9.80
N ASP D 32 34.33 3.97 -8.61
CA ASP D 32 35.02 4.28 -7.35
C ASP D 32 35.70 5.65 -7.30
N ARG D 33 35.11 6.62 -7.99
CA ARG D 33 35.58 7.99 -7.98
C ARG D 33 34.51 8.87 -7.35
N PRO D 34 34.91 10.02 -6.80
CA PRO D 34 33.90 10.91 -6.22
C PRO D 34 32.97 11.46 -7.28
N VAL D 35 31.77 11.84 -6.89
CA VAL D 35 30.85 12.49 -7.81
C VAL D 35 31.35 13.89 -8.09
N ALA D 36 31.59 14.21 -9.36
CA ALA D 36 32.01 15.55 -9.74
C ALA D 36 30.79 16.44 -9.92
N VAL D 37 30.59 17.34 -8.98
CA VAL D 37 29.46 18.28 -9.05
C VAL D 37 29.92 19.65 -9.53
N SER D 38 29.39 20.11 -10.66
CA SER D 38 29.72 21.44 -11.18
C SER D 38 28.74 22.49 -10.68
N VAL D 39 29.27 23.59 -10.15
CA VAL D 39 28.43 24.67 -9.61
C VAL D 39 28.86 26.03 -10.16
N SER D 40 27.92 26.78 -10.73
CA SER D 40 28.17 28.17 -11.08
C SER D 40 27.01 29.05 -10.64
N LEU D 41 27.30 30.10 -9.88
CA LEU D 41 26.25 31.01 -9.44
C LEU D 41 26.11 32.17 -10.41
N LYS D 42 24.91 32.33 -10.95
CA LYS D 42 24.58 33.46 -11.80
C LYS D 42 23.71 34.43 -11.02
N PHE D 43 24.30 35.53 -10.58
CA PHE D 43 23.55 36.47 -9.74
C PHE D 43 22.48 37.22 -10.53
N ILE D 44 21.30 37.37 -9.95
CA ILE D 44 20.21 38.04 -10.63
C ILE D 44 19.90 39.39 -10.00
N ASN D 45 20.00 39.45 -8.68
CA ASN D 45 19.77 40.69 -7.97
C ASN D 45 20.47 40.70 -6.63
N ILE D 46 20.76 41.91 -6.17
CA ILE D 46 21.24 42.16 -4.84
C ILE D 46 20.21 43.08 -4.21
N LEU D 47 19.49 42.56 -3.22
CA LEU D 47 18.27 43.22 -2.74
C LEU D 47 18.54 44.19 -1.61
N GLU D 48 19.34 43.76 -0.64
CA GLU D 48 19.71 44.63 0.47
C GLU D 48 21.11 44.28 0.95
N VAL D 49 21.91 45.31 1.24
CA VAL D 49 23.19 45.10 1.89
C VAL D 49 23.26 45.98 3.12
N ASN D 50 23.95 45.49 4.14
CA ASN D 50 24.13 46.23 5.38
C ASN D 50 25.61 46.25 5.71
N GLU D 51 26.18 47.44 5.69
CA GLU D 51 27.62 47.61 5.89
C GLU D 51 27.96 47.57 7.38
N ILE D 52 26.97 47.81 8.23
CA ILE D 52 27.16 47.65 9.68
C ILE D 52 27.22 46.20 10.14
N THR D 53 26.28 45.38 9.65
CA THR D 53 26.19 44.01 10.12
C THR D 53 26.94 43.05 9.20
N ASN D 54 27.38 43.55 8.05
CA ASN D 54 28.07 42.75 7.04
C ASN D 54 27.22 41.59 6.54
N GLU D 55 26.04 41.94 6.02
CA GLU D 55 25.09 40.95 5.53
C GLU D 55 24.56 41.36 4.17
N VAL D 56 24.33 40.39 3.30
CA VAL D 56 23.71 40.66 2.01
C VAL D 56 22.53 39.71 1.78
N ASP D 57 21.58 40.21 1.00
CA ASP D 57 20.39 39.46 0.61
C ASP D 57 20.39 39.44 -0.92
N VAL D 58 20.60 38.26 -1.49
CA VAL D 58 20.74 38.14 -2.95
C VAL D 58 19.84 37.07 -3.57
N VAL D 59 19.62 37.20 -4.87
CA VAL D 59 18.95 36.19 -5.67
C VAL D 59 19.93 35.70 -6.72
N PHE D 60 20.09 34.38 -6.83
CA PHE D 60 20.97 33.83 -7.85
C PHE D 60 20.41 32.53 -8.45
N TRP D 61 20.76 32.26 -9.70
CA TRP D 61 20.48 30.98 -10.33
C TRP D 61 21.68 30.09 -10.11
N GLN D 62 21.47 28.96 -9.45
CA GLN D 62 22.56 28.05 -9.13
C GLN D 62 22.66 26.97 -10.18
N GLN D 63 23.45 27.24 -11.21
CA GLN D 63 23.65 26.28 -12.28
C GLN D 63 24.42 25.10 -11.71
N THR D 64 23.80 23.92 -11.75
CA THR D 64 24.38 22.73 -11.13
C THR D 64 24.32 21.58 -12.10
N THR D 65 25.44 20.88 -12.28
CA THR D 65 25.44 19.66 -13.09
C THR D 65 26.27 18.56 -12.45
N TRP D 66 25.87 17.33 -12.74
CA TRP D 66 26.62 16.15 -12.35
C TRP D 66 26.11 15.08 -13.30
N SER D 67 26.71 13.91 -13.28
CA SER D 67 26.21 12.85 -14.12
CA SER D 67 26.25 12.83 -14.13
C SER D 67 25.90 11.59 -13.32
N ASP D 68 24.92 10.83 -13.80
CA ASP D 68 24.65 9.51 -13.28
C ASP D 68 24.40 8.64 -14.49
N ARG D 69 25.45 7.97 -14.96
CA ARG D 69 25.39 7.15 -16.17
C ARG D 69 24.36 6.04 -16.10
N THR D 70 23.96 5.65 -14.89
CA THR D 70 22.99 4.57 -14.75
C THR D 70 21.64 5.03 -15.30
N LEU D 71 21.44 6.35 -15.36
CA LEU D 71 20.22 6.95 -15.88
C LEU D 71 20.20 7.05 -17.40
N ALA D 72 21.36 6.85 -18.02
CA ALA D 72 21.52 7.07 -19.46
C ALA D 72 20.61 6.14 -20.25
N TRP D 73 20.14 6.62 -21.39
CA TRP D 73 19.39 5.76 -22.31
C TRP D 73 19.77 6.07 -23.76
N ASN D 74 19.31 5.19 -24.62
CA ASN D 74 19.54 5.27 -26.05
C ASN D 74 18.52 6.20 -26.70
N SER D 75 18.96 7.38 -27.16
CA SER D 75 18.01 8.36 -27.68
C SER D 75 18.03 8.47 -29.22
N SER D 76 18.48 7.40 -29.87
CA SER D 76 18.41 7.27 -31.33
C SER D 76 17.05 7.67 -31.89
N HIS D 77 15.99 7.19 -31.25
CA HIS D 77 14.63 7.47 -31.70
C HIS D 77 13.73 7.75 -30.52
N SER D 78 14.23 8.55 -29.60
CA SER D 78 13.48 8.91 -28.41
C SER D 78 14.00 10.27 -27.94
N PRO D 79 13.28 10.93 -27.01
CA PRO D 79 13.69 12.23 -26.50
C PRO D 79 15.12 12.29 -25.97
N ASP D 80 15.78 13.43 -26.15
CA ASP D 80 17.16 13.68 -25.70
C ASP D 80 17.23 14.02 -24.22
N GLN D 81 16.13 14.55 -23.71
CA GLN D 81 16.03 15.06 -22.34
C GLN D 81 14.58 15.04 -21.88
N VAL D 82 14.39 14.94 -20.58
CA VAL D 82 13.06 15.11 -19.98
C VAL D 82 13.26 15.86 -18.69
N SER D 83 12.22 16.56 -18.24
CA SER D 83 12.25 17.16 -16.92
C SER D 83 11.78 16.14 -15.90
N VAL D 84 12.35 16.20 -14.69
CA VAL D 84 12.08 15.23 -13.64
C VAL D 84 12.01 15.98 -12.33
N PRO D 85 10.98 15.72 -11.51
CA PRO D 85 10.96 16.30 -10.16
C PRO D 85 12.20 15.84 -9.38
N ILE D 86 12.86 16.72 -8.65
CA ILE D 86 14.11 16.32 -8.00
C ILE D 86 13.85 15.34 -6.84
N SER D 87 12.60 15.26 -6.39
CA SER D 87 12.24 14.22 -5.42
C SER D 87 12.47 12.81 -5.97
N SER D 88 12.53 12.67 -7.29
CA SER D 88 12.79 11.35 -7.90
C SER D 88 14.28 11.06 -8.15
N LEU D 89 15.13 12.01 -7.76
CA LEU D 89 16.54 11.96 -8.14
C LEU D 89 17.45 12.13 -6.94
N TRP D 90 18.68 11.64 -7.04
CA TRP D 90 19.69 12.08 -6.10
C TRP D 90 20.11 13.48 -6.52
N VAL D 91 20.23 14.36 -5.55
CA VAL D 91 20.73 15.71 -5.73
C VAL D 91 21.81 15.97 -4.67
N PRO D 92 22.89 16.68 -5.03
CA PRO D 92 23.93 16.87 -4.01
C PRO D 92 23.41 17.64 -2.82
N ASP D 93 23.88 17.28 -1.63
CA ASP D 93 23.49 18.00 -0.42
C ASP D 93 24.30 19.29 -0.24
N LEU D 94 24.21 20.18 -1.21
CA LEU D 94 24.94 21.44 -1.15
C LEU D 94 24.38 22.39 -0.09
N ALA D 95 25.26 23.19 0.50
CA ALA D 95 24.89 24.21 1.47
C ALA D 95 25.91 25.34 1.40
N ALA D 96 25.47 26.57 1.65
CA ALA D 96 26.39 27.69 1.76
C ALA D 96 26.86 27.77 3.19
N TYR D 97 28.18 27.70 3.39
CA TYR D 97 28.72 27.60 4.74
C TYR D 97 28.57 28.94 5.50
N ASN D 98 28.40 30.05 4.78
CA ASN D 98 28.20 31.31 5.47
C ASN D 98 26.79 31.86 5.28
N ALA D 99 25.84 30.97 5.00
CA ALA D 99 24.44 31.40 4.89
C ALA D 99 23.90 31.75 6.26
N ILE D 100 23.03 32.76 6.33
CA ILE D 100 22.39 33.10 7.61
C ILE D 100 20.87 33.09 7.49
N SER D 101 20.36 32.62 6.37
CA SER D 101 18.94 32.32 6.24
C SER D 101 18.77 31.03 5.42
N LYS D 102 17.56 30.48 5.43
CA LYS D 102 17.27 29.30 4.61
C LYS D 102 17.35 29.66 3.14
N PRO D 103 17.84 28.75 2.30
CA PRO D 103 17.75 29.07 0.87
C PRO D 103 16.27 29.04 0.44
N GLU D 104 15.77 30.18 -0.05
CA GLU D 104 14.40 30.28 -0.54
C GLU D 104 14.39 29.97 -2.04
N VAL D 105 13.85 28.82 -2.42
CA VAL D 105 13.79 28.42 -3.83
C VAL D 105 12.56 29.02 -4.48
N LEU D 106 12.76 29.74 -5.58
CA LEU D 106 11.69 30.54 -6.17
C LEU D 106 11.09 29.85 -7.39
N THR D 107 11.61 28.68 -7.71
CA THR D 107 11.34 28.05 -9.00
C THR D 107 10.84 26.61 -8.83
N PRO D 108 10.11 26.08 -9.84
CA PRO D 108 9.70 24.67 -9.77
C PRO D 108 10.90 23.79 -9.53
N GLN D 109 10.77 22.83 -8.62
CA GLN D 109 11.89 21.97 -8.28
C GLN D 109 11.97 20.77 -9.24
N LEU D 110 12.37 21.09 -10.47
CA LEU D 110 12.58 20.11 -11.52
C LEU D 110 14.02 20.18 -12.00
N ALA D 111 14.56 19.04 -12.41
CA ALA D 111 15.87 19.00 -13.08
C ALA D 111 15.66 18.44 -14.48
N ARG D 112 16.63 18.63 -15.35
CA ARG D 112 16.63 17.95 -16.64
C ARG D 112 17.57 16.75 -16.56
N VAL D 113 17.12 15.60 -17.04
CA VAL D 113 18.03 14.49 -17.20
C VAL D 113 18.27 14.28 -18.70
N VAL D 114 19.55 14.29 -19.08
CA VAL D 114 19.98 14.12 -20.47
C VAL D 114 20.21 12.64 -20.73
N SER D 115 19.99 12.19 -21.96
CA SER D 115 20.08 10.76 -22.28
C SER D 115 21.47 10.14 -22.07
N ASP D 116 22.50 10.97 -21.95
CA ASP D 116 23.84 10.46 -21.61
C ASP D 116 24.04 10.41 -20.10
N GLY D 117 22.97 10.65 -19.35
CA GLY D 117 23.03 10.61 -17.90
C GLY D 117 23.42 11.90 -17.21
N GLU D 118 23.67 12.97 -17.96
CA GLU D 118 23.91 14.25 -17.31
C GLU D 118 22.62 14.75 -16.66
N VAL D 119 22.75 15.31 -15.46
CA VAL D 119 21.62 15.96 -14.80
C VAL D 119 21.90 17.47 -14.66
N LEU D 120 20.93 18.28 -15.07
CA LEU D 120 21.03 19.75 -14.96
C LEU D 120 19.99 20.25 -13.99
N TYR D 121 20.42 21.04 -13.01
CA TYR D 121 19.55 21.54 -11.97
C TYR D 121 19.90 23.00 -11.72
N MET D 122 18.92 23.89 -11.81
CA MET D 122 19.19 25.31 -11.63
C MET D 122 18.04 25.99 -10.91
N PRO D 123 18.05 25.91 -9.58
CA PRO D 123 17.03 26.63 -8.81
C PRO D 123 17.36 28.11 -8.79
N SER D 124 16.34 28.96 -8.81
CA SER D 124 16.55 30.34 -8.44
C SER D 124 16.42 30.43 -6.93
N ILE D 125 17.45 30.96 -6.28
CA ILE D 125 17.50 30.97 -4.84
C ILE D 125 17.64 32.38 -4.29
N ARG D 126 16.82 32.72 -3.31
CA ARG D 126 17.00 33.94 -2.53
C ARG D 126 17.50 33.54 -1.16
N GLN D 127 18.60 34.15 -0.75
CA GLN D 127 19.26 33.79 0.49
C GLN D 127 20.08 34.94 1.03
N ARG D 128 20.20 35.00 2.36
CA ARG D 128 21.03 36.01 3.00
C ARG D 128 22.34 35.43 3.52
N PHE D 129 23.39 36.25 3.51
CA PHE D 129 24.73 35.77 3.82
C PHE D 129 25.50 36.74 4.71
N SER D 130 26.42 36.17 5.48
CA SER D 130 27.38 36.96 6.24
C SER D 130 28.69 37.01 5.46
N CYS D 131 29.08 38.20 5.03
CA CYS D 131 30.27 38.35 4.20
C CYS D 131 30.74 39.81 4.23
N ASP D 132 31.88 40.08 3.62
CA ASP D 132 32.44 41.42 3.70
C ASP D 132 31.72 42.40 2.79
N VAL D 133 30.94 43.31 3.37
CA VAL D 133 30.24 44.32 2.57
C VAL D 133 31.02 45.65 2.53
N SER D 134 32.14 45.73 3.25
CA SER D 134 32.91 46.98 3.28
C SER D 134 33.36 47.37 1.86
N GLY D 135 33.24 48.65 1.51
CA GLY D 135 33.62 49.11 0.19
C GLY D 135 32.49 49.22 -0.82
N VAL D 136 31.28 48.81 -0.43
CA VAL D 136 30.16 48.78 -1.37
C VAL D 136 29.84 50.15 -1.98
N ASP D 137 30.03 51.21 -1.22
CA ASP D 137 29.70 52.54 -1.73
C ASP D 137 30.88 53.22 -2.40
N THR D 138 31.92 52.44 -2.67
CA THR D 138 33.14 53.00 -3.26
C THR D 138 33.32 52.53 -4.69
N GLU D 139 34.35 53.07 -5.35
CA GLU D 139 34.71 52.68 -6.71
C GLU D 139 35.11 51.21 -6.78
N SER D 140 35.84 50.77 -5.77
CA SER D 140 36.40 49.43 -5.76
C SER D 140 35.29 48.42 -5.54
N GLY D 141 34.23 48.87 -4.86
CA GLY D 141 33.12 48.01 -4.50
C GLY D 141 33.48 47.11 -3.34
N ALA D 142 32.51 46.31 -2.92
CA ALA D 142 32.75 45.27 -1.91
C ALA D 142 33.05 43.95 -2.60
N THR D 143 33.71 43.05 -1.89
CA THR D 143 33.89 41.69 -2.38
C THR D 143 33.32 40.72 -1.37
N CYS D 144 32.12 40.23 -1.64
CA CYS D 144 31.42 39.31 -0.76
C CYS D 144 31.68 37.88 -1.21
N ARG D 145 32.29 37.08 -0.34
CA ARG D 145 32.63 35.70 -0.66
C ARG D 145 31.58 34.74 -0.09
N ILE D 146 31.10 33.85 -0.95
CA ILE D 146 30.15 32.82 -0.55
C ILE D 146 30.76 31.44 -0.80
N LYS D 147 30.81 30.62 0.24
CA LYS D 147 31.35 29.28 0.14
C LYS D 147 30.23 28.25 0.07
N ILE D 148 30.22 27.46 -0.99
CA ILE D 148 29.22 26.40 -1.15
C ILE D 148 29.89 25.03 -1.32
N GLY D 149 29.51 24.07 -0.49
CA GLY D 149 30.00 22.70 -0.66
C GLY D 149 29.02 21.68 -0.11
N SER D 150 29.37 20.41 -0.19
CA SER D 150 28.54 19.35 0.38
C SER D 150 28.46 19.50 1.88
N TRP D 151 27.29 19.28 2.45
CA TRP D 151 27.17 19.38 3.90
C TRP D 151 27.71 18.13 4.59
N THR D 152 27.62 16.96 3.96
CA THR D 152 28.00 15.72 4.65
C THR D 152 28.92 14.79 3.87
N HIS D 153 29.31 15.17 2.66
CA HIS D 153 30.16 14.29 1.87
C HIS D 153 31.54 14.91 1.68
N HIS D 154 32.58 14.20 2.11
CA HIS D 154 33.94 14.72 1.98
C HIS D 154 34.49 14.51 0.57
N SER D 155 35.72 14.96 0.36
CA SER D 155 36.30 15.06 -0.97
C SER D 155 36.41 13.73 -1.72
N ARG D 156 36.47 12.61 -0.98
CA ARG D 156 36.54 11.30 -1.63
C ARG D 156 35.19 10.84 -2.17
N GLU D 157 34.12 11.49 -1.73
CA GLU D 157 32.76 11.11 -2.14
C GLU D 157 32.16 12.11 -3.13
N ILE D 158 32.38 13.40 -2.85
CA ILE D 158 31.89 14.47 -3.71
C ILE D 158 32.97 15.51 -3.92
N SER D 159 33.24 15.87 -5.17
CA SER D 159 34.04 17.06 -5.46
C SER D 159 33.13 18.14 -6.04
N VAL D 160 33.22 19.34 -5.48
CA VAL D 160 32.39 20.46 -5.90
C VAL D 160 33.26 21.47 -6.65
N ASP D 161 33.02 21.61 -7.95
CA ASP D 161 33.92 22.35 -8.83
C ASP D 161 33.27 23.51 -9.59
N PRO D 162 34.00 24.64 -9.71
CA PRO D 162 33.51 25.80 -10.46
C PRO D 162 33.62 25.60 -11.96
N THR D 163 32.59 26.00 -12.68
CA THR D 163 32.56 25.87 -14.14
C THR D 163 33.17 27.08 -14.83
N ASN D 166 35.02 34.74 -13.34
CA ASN D 166 35.28 34.63 -14.77
C ASN D 166 34.22 35.35 -15.59
N SER D 167 33.41 36.17 -14.93
CA SER D 167 32.32 36.87 -15.62
C SER D 167 31.82 38.07 -14.84
N ASP D 168 30.96 38.86 -15.49
CA ASP D 168 30.24 39.91 -14.80
C ASP D 168 28.75 39.62 -14.90
N ASP D 169 28.42 38.41 -15.38
CA ASP D 169 27.04 37.91 -15.31
CA ASP D 169 27.06 37.92 -15.28
C ASP D 169 26.07 38.82 -16.06
N SER D 170 26.50 39.34 -17.20
CA SER D 170 25.71 40.34 -17.94
C SER D 170 24.38 39.81 -18.48
N GLU D 171 24.32 38.55 -18.85
CA GLU D 171 23.08 37.99 -19.39
C GLU D 171 22.03 37.76 -18.31
N TYR D 172 22.43 37.85 -17.04
CA TYR D 172 21.56 37.44 -15.94
C TYR D 172 21.19 38.56 -14.97
N PHE D 173 22.15 39.42 -14.63
CA PHE D 173 21.91 40.39 -13.58
C PHE D 173 20.91 41.47 -14.00
N SER D 174 20.03 41.83 -13.07
CA SER D 174 18.96 42.77 -13.35
C SER D 174 19.49 44.16 -13.62
N GLN D 175 19.09 44.75 -14.73
CA GLN D 175 19.46 46.13 -15.03
C GLN D 175 18.84 47.12 -14.05
N TYR D 176 17.80 46.68 -13.33
CA TYR D 176 17.07 47.60 -12.45
C TYR D 176 17.52 47.51 -11.02
N SER D 177 18.54 46.70 -10.76
CA SER D 177 19.10 46.64 -9.42
C SER D 177 19.70 47.98 -9.02
N ARG D 178 19.77 48.21 -7.72
CA ARG D 178 20.39 49.38 -7.15
C ARG D 178 21.91 49.22 -7.17
N PHE D 179 22.35 48.00 -7.39
CA PHE D 179 23.77 47.68 -7.40
C PHE D 179 24.22 47.23 -8.77
N GLU D 180 25.52 47.16 -8.97
CA GLU D 180 26.06 46.66 -10.22
C GLU D 180 27.21 45.73 -9.93
N ILE D 181 27.37 44.73 -10.79
CA ILE D 181 28.41 43.73 -10.58
C ILE D 181 29.67 44.11 -11.34
N LEU D 182 30.79 44.12 -10.64
CA LEU D 182 32.08 44.40 -11.26
C LEU D 182 32.72 43.11 -11.74
N ASP D 183 32.62 42.05 -10.94
CA ASP D 183 33.24 40.78 -11.29
C ASP D 183 32.72 39.65 -10.39
N VAL D 184 32.56 38.47 -10.98
CA VAL D 184 32.29 37.26 -10.22
C VAL D 184 33.36 36.23 -10.53
N THR D 185 34.10 35.81 -9.52
CA THR D 185 35.09 34.75 -9.69
C THR D 185 34.70 33.57 -8.81
N GLN D 186 34.92 32.37 -9.31
CA GLN D 186 34.58 31.16 -8.57
C GLN D 186 35.76 30.22 -8.63
N LYS D 187 36.31 29.88 -7.48
CA LYS D 187 37.50 29.06 -7.41
C LYS D 187 37.31 27.82 -6.51
N LYS D 188 38.05 26.76 -6.82
CA LYS D 188 38.10 25.57 -5.98
C LYS D 188 38.66 25.91 -4.61
N ASN D 189 38.13 25.26 -3.59
CA ASN D 189 38.59 25.50 -2.23
C ASN D 189 38.40 24.23 -1.39
N SER D 190 39.29 24.04 -0.42
CA SER D 190 39.25 22.86 0.42
C SER D 190 39.16 23.25 1.89
N VAL D 191 38.23 22.64 2.61
CA VAL D 191 37.98 23.00 4.00
C VAL D 191 38.21 21.79 4.93
N THR D 192 38.85 22.05 6.07
CA THR D 192 39.10 21.03 7.08
C THR D 192 38.91 21.62 8.48
N TYR D 193 38.64 20.77 9.46
CA TYR D 193 38.50 21.21 10.84
C TYR D 193 39.34 20.35 11.78
N SER D 194 39.74 20.95 12.90
CA SER D 194 40.55 20.26 13.91
C SER D 194 39.90 19.00 14.42
N CYS D 195 38.59 19.09 14.65
CA CYS D 195 37.81 17.97 15.15
C CYS D 195 37.83 16.76 14.22
N CYS D 196 38.01 17.00 12.94
CA CYS D 196 37.64 16.02 11.94
C CYS D 196 38.67 15.86 10.83
N PRO D 197 38.99 14.59 10.48
CA PRO D 197 40.10 14.34 9.54
C PRO D 197 39.85 14.85 8.12
N GLU D 198 38.73 14.46 7.53
CA GLU D 198 38.49 14.58 6.09
C GLU D 198 38.48 16.01 5.56
N ALA D 199 38.76 16.15 4.26
CA ALA D 199 38.67 17.43 3.57
C ALA D 199 37.33 17.55 2.84
N TYR D 200 36.75 18.75 2.85
CA TYR D 200 35.50 18.99 2.16
C TYR D 200 35.73 20.01 1.05
N GLU D 201 35.35 19.64 -0.17
CA GLU D 201 35.54 20.54 -1.29
C GLU D 201 34.40 21.53 -1.35
N ASP D 202 34.73 22.76 -1.71
CA ASP D 202 33.69 23.74 -1.97
C ASP D 202 34.09 24.65 -3.11
N VAL D 203 33.13 25.45 -3.55
CA VAL D 203 33.37 26.51 -4.50
C VAL D 203 33.29 27.80 -3.73
N GLU D 204 34.33 28.61 -3.82
CA GLU D 204 34.29 29.92 -3.21
C GLU D 204 33.94 30.94 -4.28
N VAL D 205 32.77 31.56 -4.12
CA VAL D 205 32.31 32.53 -5.09
C VAL D 205 32.58 33.95 -4.57
N SER D 206 33.23 34.76 -5.38
CA SER D 206 33.56 36.13 -4.99
C SER D 206 32.74 37.11 -5.79
N LEU D 207 31.82 37.79 -5.11
CA LEU D 207 30.94 38.76 -5.74
C LEU D 207 31.47 40.18 -5.47
N ASN D 208 32.10 40.75 -6.49
CA ASN D 208 32.62 42.11 -6.40
C ASN D 208 31.59 43.03 -7.02
N PHE D 209 30.93 43.81 -6.17
CA PHE D 209 29.80 44.63 -6.59
C PHE D 209 29.90 45.99 -5.90
N ARG D 210 29.18 46.98 -6.42
CA ARG D 210 29.13 48.30 -5.78
C ARG D 210 27.79 48.96 -6.02
N LYS D 211 27.45 49.93 -5.17
CA LYS D 211 26.25 50.73 -5.37
C LYS D 211 26.36 51.50 -6.69
N LYS D 212 25.29 51.53 -7.47
CA LYS D 212 25.19 52.32 -8.69
C LYS D 212 25.07 53.79 -8.39
N GLY D 213 25.68 54.63 -9.23
CA GLY D 213 25.52 56.07 -9.11
C GLY D 213 25.78 56.59 -7.70
N ARG D 214 26.96 56.28 -7.19
CA ARG D 214 27.36 56.70 -5.86
C ARG D 214 27.47 58.22 -5.77
N SER D 215 27.32 58.75 -4.57
CA SER D 215 27.62 60.16 -4.34
C SER D 215 28.86 60.24 -3.47
N GLU D 216 29.93 60.78 -4.03
CA GLU D 216 31.23 60.77 -3.37
C GLU D 216 31.78 62.18 -3.18
N ILE D 217 32.76 62.29 -2.27
CA ILE D 217 33.50 63.53 -2.10
C ILE D 217 34.80 63.46 -2.91
N LEU D 218 34.88 64.28 -3.95
CA LEU D 218 36.02 64.26 -4.87
C LEU D 218 37.14 65.23 -4.44
N ASP E 1 36.42 0.14 4.95
CA ASP E 1 37.62 0.23 4.10
C ASP E 1 37.54 1.47 3.24
N TYR E 2 38.53 2.38 3.36
CA TYR E 2 38.46 3.65 2.64
C TYR E 2 38.45 3.42 1.13
N LYS E 3 39.10 2.36 0.66
CA LYS E 3 39.16 2.05 -0.77
C LYS E 3 37.77 1.68 -1.35
N ASP E 4 36.86 1.23 -0.49
CA ASP E 4 35.54 0.79 -0.94
C ASP E 4 34.45 1.82 -0.65
N ASP E 5 34.84 3.00 -0.19
CA ASP E 5 33.90 4.06 0.16
C ASP E 5 32.93 4.39 -0.99
N ASP E 6 33.46 4.41 -2.21
CA ASP E 6 32.66 4.81 -3.37
C ASP E 6 32.03 3.63 -4.14
N ASP E 7 31.94 2.45 -3.52
CA ASP E 7 31.21 1.36 -4.13
C ASP E 7 29.71 1.61 -3.96
N LYS E 8 29.06 2.05 -5.03
CA LYS E 8 27.68 2.52 -4.93
C LYS E 8 26.72 1.46 -4.42
N LEU E 9 26.87 0.23 -4.94
CA LEU E 9 25.99 -0.86 -4.52
C LEU E 9 26.13 -1.14 -3.04
N ASP E 10 27.37 -1.14 -2.52
CA ASP E 10 27.60 -1.33 -1.08
C ASP E 10 26.90 -0.23 -0.27
N ARG E 11 26.99 1.01 -0.72
CA ARG E 11 26.37 2.12 0.00
C ARG E 11 24.86 1.93 0.02
N ALA E 12 24.29 1.53 -1.12
CA ALA E 12 22.85 1.25 -1.20
C ALA E 12 22.45 0.15 -0.23
N ASP E 13 23.30 -0.88 -0.12
CA ASP E 13 22.99 -2.01 0.74
C ASP E 13 23.10 -1.63 2.22
N ILE E 14 24.08 -0.78 2.55
CA ILE E 14 24.20 -0.27 3.91
C ILE E 14 22.96 0.56 4.28
N LEU E 15 22.55 1.45 3.38
CA LEU E 15 21.37 2.26 3.63
C LEU E 15 20.13 1.39 3.82
N TYR E 16 19.97 0.38 2.96
CA TYR E 16 18.92 -0.62 3.15
C TYR E 16 19.01 -1.32 4.53
N ASN E 17 20.19 -1.79 4.89
CA ASN E 17 20.38 -2.42 6.21
C ASN E 17 19.99 -1.50 7.36
N ILE E 18 20.43 -0.25 7.27
CA ILE E 18 20.12 0.73 8.31
C ILE E 18 18.63 0.92 8.41
N ARG E 19 17.96 1.09 7.27
CA ARG E 19 16.51 1.31 7.30
C ARG E 19 15.73 0.10 7.82
N GLN E 20 16.25 -1.09 7.56
N GLN E 20 16.24 -1.10 7.56
CA GLN E 20 15.64 -2.32 8.07
CA GLN E 20 15.59 -2.30 8.09
C GLN E 20 15.76 -2.41 9.59
C GLN E 20 15.74 -2.39 9.61
N THR E 21 16.90 -1.99 10.11
CA THR E 21 17.20 -2.14 11.54
C THR E 21 16.72 -0.96 12.38
N SER E 22 16.70 0.23 11.78
CA SER E 22 16.43 1.46 12.53
C SER E 22 15.03 1.52 13.13
N ARG E 23 14.93 1.94 14.39
CA ARG E 23 13.64 2.26 14.98
C ARG E 23 13.65 3.74 15.31
N PRO E 24 13.16 4.57 14.37
CA PRO E 24 13.29 6.02 14.50
C PRO E 24 12.60 6.61 15.71
N ASP E 25 11.60 5.90 16.25
CA ASP E 25 10.83 6.47 17.37
C ASP E 25 11.19 5.88 18.74
N VAL E 26 12.18 4.98 18.77
CA VAL E 26 12.55 4.30 20.01
C VAL E 26 13.98 4.66 20.40
N ILE E 27 14.21 5.04 21.66
CA ILE E 27 15.56 5.40 22.07
C ILE E 27 16.49 4.19 21.98
N PRO E 28 17.68 4.38 21.42
CA PRO E 28 18.62 3.28 21.20
C PRO E 28 19.40 2.95 22.48
N THR E 29 18.67 2.60 23.54
CA THR E 29 19.31 2.27 24.80
C THR E 29 19.96 0.90 24.69
N GLN E 30 21.17 0.81 25.23
CA GLN E 30 22.00 -0.39 25.18
C GLN E 30 22.44 -0.73 26.61
N ARG E 31 22.29 -1.99 27.00
CA ARG E 31 22.71 -2.47 28.31
C ARG E 31 21.98 -1.81 29.49
N ASP E 32 20.69 -1.54 29.32
CA ASP E 32 19.91 -0.85 30.35
C ASP E 32 20.61 0.41 30.84
N ARG E 33 21.22 1.13 29.91
CA ARG E 33 21.93 2.36 30.20
C ARG E 33 21.34 3.48 29.36
N PRO E 34 21.38 4.72 29.86
CA PRO E 34 20.83 5.83 29.07
C PRO E 34 21.63 6.08 27.80
N VAL E 35 20.96 6.63 26.79
CA VAL E 35 21.67 7.01 25.58
C VAL E 35 22.54 8.21 25.87
N ALA E 36 23.84 8.09 25.60
CA ALA E 36 24.76 9.22 25.79
C ALA E 36 24.82 10.05 24.53
N VAL E 37 24.29 11.28 24.62
CA VAL E 37 24.30 12.19 23.49
C VAL E 37 25.32 13.28 23.73
N SER E 38 26.25 13.45 22.80
CA SER E 38 27.23 14.51 22.94
C SER E 38 26.78 15.69 22.11
N VAL E 39 26.79 16.87 22.73
CA VAL E 39 26.39 18.11 22.08
C VAL E 39 27.44 19.20 22.27
N SER E 40 27.86 19.81 21.17
CA SER E 40 28.73 20.96 21.21
C SER E 40 28.22 22.01 20.22
N LEU E 41 27.97 23.23 20.68
CA LEU E 41 27.55 24.29 19.76
C LEU E 41 28.76 25.06 19.27
N LYS E 42 28.90 25.14 17.95
CA LYS E 42 29.92 25.97 17.34
C LYS E 42 29.23 27.17 16.75
N PHE E 43 29.38 28.33 17.40
CA PHE E 43 28.73 29.52 16.89
C PHE E 43 29.38 30.01 15.61
N ILE E 44 28.52 30.34 14.64
CA ILE E 44 28.97 30.85 13.35
C ILE E 44 28.75 32.36 13.26
N ASN E 45 27.62 32.82 13.76
CA ASN E 45 27.34 34.24 13.72
C ASN E 45 26.33 34.66 14.78
N ILE E 46 26.47 35.92 15.19
CA ILE E 46 25.53 36.56 16.09
C ILE E 46 24.87 37.67 15.29
N LEU E 47 23.62 37.45 14.88
CA LEU E 47 22.99 38.32 13.90
C LEU E 47 22.43 39.60 14.51
N GLU E 48 21.90 39.47 15.72
CA GLU E 48 21.24 40.60 16.34
C GLU E 48 21.23 40.45 17.84
N VAL E 49 21.46 41.57 18.52
CA VAL E 49 21.49 41.62 19.97
C VAL E 49 20.60 42.76 20.41
N ASN E 50 19.53 42.44 21.13
CA ASN E 50 18.57 43.44 21.56
C ASN E 50 18.71 43.67 23.04
N GLU E 51 19.34 44.79 23.39
CA GLU E 51 19.63 45.14 24.77
C GLU E 51 18.37 45.51 25.54
N ILE E 52 17.35 45.96 24.81
CA ILE E 52 16.10 46.35 25.46
C ILE E 52 15.30 45.11 25.90
N THR E 53 15.25 44.10 25.05
CA THR E 53 14.44 42.92 25.31
C THR E 53 15.21 41.75 25.89
N ASN E 54 16.53 41.88 25.98
CA ASN E 54 17.42 40.77 26.34
C ASN E 54 17.23 39.57 25.42
N GLU E 55 17.45 39.80 24.12
CA GLU E 55 17.28 38.73 23.13
C GLU E 55 18.46 38.69 22.19
N VAL E 56 18.91 37.49 21.83
CA VAL E 56 19.90 37.35 20.78
C VAL E 56 19.38 36.44 19.68
N ASP E 57 19.84 36.70 18.46
CA ASP E 57 19.53 35.93 17.28
C ASP E 57 20.86 35.40 16.77
N VAL E 58 21.03 34.08 16.75
CA VAL E 58 22.35 33.51 16.46
C VAL E 58 22.27 32.37 15.42
N VAL E 59 23.41 32.09 14.81
CA VAL E 59 23.56 30.90 13.97
C VAL E 59 24.65 30.03 14.59
N PHE E 60 24.37 28.73 14.73
CA PHE E 60 25.37 27.81 15.24
C PHE E 60 25.25 26.45 14.56
N TRP E 61 26.38 25.74 14.50
CA TRP E 61 26.38 24.36 14.07
C TRP E 61 26.32 23.50 15.33
N GLN E 62 25.29 22.66 15.40
CA GLN E 62 25.08 21.84 16.57
C GLN E 62 25.70 20.46 16.36
N GLN E 63 26.96 20.32 16.79
CA GLN E 63 27.66 19.05 16.69
C GLN E 63 27.04 18.05 17.65
N THR E 64 26.45 17.00 17.10
CA THR E 64 25.71 16.06 17.91
C THR E 64 26.16 14.65 17.56
N THR E 65 26.47 13.84 18.57
CA THR E 65 26.83 12.44 18.33
C THR E 65 26.20 11.53 19.37
N TRP E 66 25.92 10.30 18.96
CA TRP E 66 25.46 9.25 19.85
C TRP E 66 25.76 7.96 19.10
N SER E 67 25.53 6.82 19.73
CA SER E 67 25.74 5.59 18.99
C SER E 67 24.51 4.72 19.04
N ASP E 68 24.35 3.89 18.02
CA ASP E 68 23.37 2.82 18.03
C ASP E 68 24.05 1.62 17.44
N ARG E 69 24.54 0.74 18.30
CA ARG E 69 25.37 -0.37 17.85
C ARG E 69 24.58 -1.37 17.00
N THR E 70 23.25 -1.30 17.04
CA THR E 70 22.44 -2.18 16.18
C THR E 70 22.61 -1.79 14.71
N LEU E 71 23.07 -0.56 14.47
CA LEU E 71 23.29 -0.09 13.10
C LEU E 71 24.64 -0.52 12.52
N ALA E 72 25.52 -1.04 13.38
CA ALA E 72 26.90 -1.31 12.96
C ALA E 72 26.99 -2.37 11.87
N TRP E 73 28.03 -2.28 11.04
CA TRP E 73 28.31 -3.32 10.05
C TRP E 73 29.80 -3.56 9.89
N ASN E 74 30.13 -4.69 9.30
CA ASN E 74 31.51 -5.05 9.00
C ASN E 74 32.03 -4.26 7.78
N SER E 75 32.94 -3.31 8.01
CA SER E 75 33.41 -2.47 6.91
C SER E 75 34.80 -2.87 6.40
N SER E 76 35.20 -4.12 6.66
CA SER E 76 36.47 -4.66 6.19
C SER E 76 36.63 -4.49 4.67
N HIS E 77 35.53 -4.65 3.95
CA HIS E 77 35.56 -4.47 2.49
C HIS E 77 34.33 -3.74 1.99
N SER E 78 33.97 -2.68 2.71
CA SER E 78 32.79 -1.89 2.35
C SER E 78 32.94 -0.51 2.99
N PRO E 79 32.14 0.47 2.55
CA PRO E 79 32.27 1.85 3.06
C PRO E 79 32.32 1.97 4.58
N ASP E 80 33.13 2.91 5.07
CA ASP E 80 33.25 3.22 6.50
C ASP E 80 32.04 3.99 7.02
N GLN E 81 31.42 4.78 6.14
CA GLN E 81 30.38 5.71 6.53
C GLN E 81 29.46 5.96 5.37
N VAL E 82 28.21 6.31 5.65
CA VAL E 82 27.30 6.80 4.62
C VAL E 82 26.45 7.94 5.17
N SER E 83 25.90 8.75 4.29
CA SER E 83 24.95 9.79 4.67
C SER E 83 23.55 9.21 4.64
N VAL E 84 22.74 9.55 5.64
CA VAL E 84 21.40 9.01 5.81
C VAL E 84 20.45 10.15 6.17
N PRO E 85 19.28 10.23 5.49
CA PRO E 85 18.26 11.21 5.89
C PRO E 85 17.83 10.96 7.33
N ILE E 86 17.75 12.00 8.15
CA ILE E 86 17.51 11.78 9.58
C ILE E 86 16.11 11.22 9.81
N SER E 87 15.22 11.35 8.82
CA SER E 87 13.89 10.74 8.93
C SER E 87 13.96 9.21 9.00
N SER E 88 15.09 8.64 8.56
CA SER E 88 15.31 7.19 8.67
C SER E 88 15.89 6.77 10.02
N LEU E 89 16.25 7.75 10.84
CA LEU E 89 16.99 7.49 12.08
C LEU E 89 16.25 7.99 13.31
N TRP E 90 16.53 7.38 14.46
CA TRP E 90 16.18 8.04 15.71
C TRP E 90 17.16 9.18 15.88
N VAL E 91 16.66 10.32 16.28
CA VAL E 91 17.50 11.46 16.64
C VAL E 91 16.99 11.97 17.99
N PRO E 92 17.90 12.43 18.87
CA PRO E 92 17.49 12.86 20.21
C PRO E 92 16.54 14.03 20.12
N ASP E 93 15.52 14.06 20.97
CA ASP E 93 14.53 15.13 20.94
C ASP E 93 15.02 16.38 21.68
N LEU E 94 16.11 16.97 21.20
CA LEU E 94 16.73 18.12 21.86
C LEU E 94 15.91 19.38 21.68
N ALA E 95 15.91 20.20 22.71
CA ALA E 95 15.28 21.49 22.63
C ALA E 95 16.08 22.47 23.45
N ALA E 96 16.10 23.72 23.04
CA ALA E 96 16.70 24.77 23.88
C ALA E 96 15.63 25.30 24.82
N TYR E 97 15.87 25.21 26.12
CA TYR E 97 14.83 25.57 27.10
C TYR E 97 14.52 27.09 27.14
N ASN E 98 15.41 27.93 26.62
CA ASN E 98 15.17 29.38 26.60
C ASN E 98 15.05 29.94 25.18
N ALA E 99 14.79 29.06 24.21
CA ALA E 99 14.50 29.52 22.86
C ALA E 99 13.22 30.35 22.84
N ILE E 100 13.19 31.38 22.00
CA ILE E 100 11.96 32.14 21.80
C ILE E 100 11.57 32.17 20.32
N SER E 101 12.26 31.37 19.50
CA SER E 101 11.79 31.10 18.15
C SER E 101 12.05 29.64 17.80
N LYS E 102 11.45 29.16 16.73
CA LYS E 102 11.70 27.78 16.27
C LYS E 102 13.15 27.66 15.83
N PRO E 103 13.75 26.49 16.03
CA PRO E 103 15.07 26.30 15.42
C PRO E 103 14.93 26.22 13.88
N GLU E 104 15.49 27.19 13.19
CA GLU E 104 15.43 27.23 11.72
C GLU E 104 16.69 26.52 11.21
N VAL E 105 16.49 25.37 10.57
CA VAL E 105 17.60 24.55 10.08
C VAL E 105 18.01 24.97 8.68
N LEU E 106 19.28 25.35 8.52
CA LEU E 106 19.74 25.93 7.25
C LEU E 106 20.41 24.90 6.33
N THR E 107 20.49 23.66 6.79
CA THR E 107 21.30 22.66 6.10
C THR E 107 20.50 21.39 5.79
N PRO E 108 20.96 20.63 4.78
CA PRO E 108 20.28 19.37 4.45
C PRO E 108 20.19 18.50 5.66
N GLN E 109 19.03 17.87 5.87
CA GLN E 109 18.80 17.11 7.09
C GLN E 109 19.26 15.67 6.94
N LEU E 110 20.58 15.54 6.88
CA LEU E 110 21.27 14.27 6.75
C LEU E 110 22.19 14.05 7.94
N ALA E 111 22.39 12.79 8.31
CA ALA E 111 23.37 12.45 9.32
C ALA E 111 24.40 11.52 8.69
N ARG E 112 25.56 11.39 9.33
CA ARG E 112 26.49 10.33 8.94
C ARG E 112 26.35 9.15 9.90
N VAL E 113 26.25 7.96 9.35
CA VAL E 113 26.28 6.77 10.17
C VAL E 113 27.59 6.04 9.91
N VAL E 114 28.34 5.81 10.98
CA VAL E 114 29.66 5.16 10.90
C VAL E 114 29.49 3.67 11.10
N SER E 115 30.36 2.86 10.49
CA SER E 115 30.19 1.42 10.55
C SER E 115 30.26 0.86 11.97
N ASP E 116 30.77 1.63 12.94
CA ASP E 116 30.75 1.12 14.31
C ASP E 116 29.46 1.48 15.02
N GLY E 117 28.54 2.11 14.29
CA GLY E 117 27.25 2.46 14.85
C GLY E 117 27.21 3.87 15.39
N GLU E 118 28.29 4.62 15.27
CA GLU E 118 28.25 6.02 15.69
C GLU E 118 27.41 6.84 14.70
N VAL E 119 26.60 7.76 15.23
CA VAL E 119 25.85 8.66 14.39
C VAL E 119 26.33 10.10 14.59
N LEU E 120 26.66 10.79 13.50
CA LEU E 120 27.07 12.20 13.56
C LEU E 120 26.05 13.08 12.84
N TYR E 121 25.52 14.06 13.56
CA TYR E 121 24.51 14.95 13.03
C TYR E 121 24.91 16.39 13.36
N MET E 122 24.91 17.28 12.36
CA MET E 122 25.32 18.67 12.62
C MET E 122 24.53 19.68 11.79
N PRO E 123 23.31 20.00 12.21
CA PRO E 123 22.53 21.01 11.53
C PRO E 123 23.10 22.40 11.76
N SER E 124 23.03 23.27 10.77
CA SER E 124 23.23 24.69 11.05
C SER E 124 21.88 25.25 11.46
N ILE E 125 21.85 25.87 12.62
CA ILE E 125 20.60 26.35 13.17
C ILE E 125 20.64 27.85 13.40
N ARG E 126 19.62 28.55 12.90
CA ARG E 126 19.42 29.93 13.31
C ARG E 126 18.25 30.00 14.28
N GLN E 127 18.44 30.67 15.41
CA GLN E 127 17.44 30.66 16.46
C GLN E 127 17.57 31.85 17.40
N ARG E 128 16.46 32.27 17.99
CA ARG E 128 16.42 33.39 18.93
C ARG E 128 16.29 32.91 20.37
N PHE E 129 17.04 33.55 21.26
CA PHE E 129 17.06 33.19 22.67
C PHE E 129 16.87 34.38 23.59
N SER E 130 16.25 34.11 24.72
CA SER E 130 16.19 35.05 25.83
C SER E 130 17.34 34.74 26.78
N CYS E 131 18.24 35.70 26.95
CA CYS E 131 19.41 35.49 27.79
C CYS E 131 20.00 36.84 28.20
N ASP E 132 20.97 36.81 29.11
CA ASP E 132 21.55 38.05 29.66
C ASP E 132 22.46 38.73 28.65
N VAL E 133 21.96 39.83 28.09
CA VAL E 133 22.66 40.59 27.06
C VAL E 133 23.48 41.75 27.67
N SER E 134 23.21 42.05 28.93
CA SER E 134 23.91 43.16 29.59
C SER E 134 25.44 42.97 29.55
N GLY E 135 26.15 44.03 29.17
CA GLY E 135 27.60 44.01 29.15
C GLY E 135 28.20 43.79 27.77
N VAL E 136 27.34 43.64 26.77
CA VAL E 136 27.77 43.35 25.40
C VAL E 136 28.67 44.46 24.86
N ASP E 137 28.50 45.67 25.41
CA ASP E 137 29.24 46.82 24.89
C ASP E 137 30.43 47.16 25.78
N THR E 138 30.84 46.20 26.61
CA THR E 138 31.98 46.39 27.49
C THR E 138 33.10 45.44 27.12
N GLU E 139 34.28 45.66 27.70
CA GLU E 139 35.43 44.85 27.35
C GLU E 139 35.23 43.40 27.82
N SER E 140 34.62 43.21 28.99
CA SER E 140 34.43 41.87 29.53
C SER E 140 33.26 41.15 28.84
N GLY E 141 32.42 41.92 28.15
CA GLY E 141 31.40 41.38 27.28
C GLY E 141 30.14 40.90 27.99
N ALA E 142 29.18 40.44 27.21
CA ALA E 142 27.97 39.82 27.75
C ALA E 142 28.18 38.31 27.86
N THR E 143 27.42 37.67 28.74
CA THR E 143 27.41 36.22 28.79
C THR E 143 25.98 35.72 28.66
N CYS E 144 25.68 35.14 27.50
CA CYS E 144 24.36 34.63 27.21
C CYS E 144 24.35 33.11 27.37
N ARG E 145 23.52 32.61 28.27
CA ARG E 145 23.48 31.19 28.55
C ARG E 145 22.33 30.50 27.80
N ILE E 146 22.67 29.43 27.11
CA ILE E 146 21.70 28.62 26.36
C ILE E 146 21.69 27.20 26.90
N LYS E 147 20.51 26.73 27.26
CA LYS E 147 20.36 25.44 27.91
C LYS E 147 19.65 24.44 26.99
N ILE E 148 20.31 23.33 26.68
CA ILE E 148 19.80 22.36 25.72
C ILE E 148 19.75 20.96 26.30
N GLY E 149 18.57 20.35 26.27
CA GLY E 149 18.42 18.97 26.71
C GLY E 149 17.32 18.25 25.94
N SER E 150 17.07 17.01 26.32
CA SER E 150 15.95 16.25 25.78
C SER E 150 14.64 16.88 26.22
N TRP E 151 13.67 16.96 25.33
CA TRP E 151 12.39 17.54 25.74
C TRP E 151 11.55 16.57 26.60
N THR E 152 11.66 15.26 26.35
CA THR E 152 10.75 14.31 27.01
C THR E 152 11.43 13.11 27.67
N HIS E 153 12.75 13.01 27.58
CA HIS E 153 13.45 11.89 28.19
C HIS E 153 14.30 12.32 29.38
N HIS E 154 14.08 11.73 30.54
CA HIS E 154 14.82 12.12 31.74
C HIS E 154 16.17 11.42 31.76
N SER E 155 16.90 11.59 32.85
CA SER E 155 18.32 11.25 32.89
C SER E 155 18.58 9.76 32.83
N ARG E 156 17.61 8.95 33.23
CA ARG E 156 17.80 7.50 33.11
C ARG E 156 17.67 7.04 31.66
N GLU E 157 17.08 7.89 30.81
CA GLU E 157 16.87 7.52 29.41
C GLU E 157 17.87 8.17 28.46
N ILE E 158 18.08 9.47 28.62
CA ILE E 158 19.07 10.18 27.83
C ILE E 158 19.96 11.04 28.72
N SER E 159 21.26 10.92 28.55
CA SER E 159 22.16 11.86 29.18
C SER E 159 22.74 12.76 28.10
N VAL E 160 22.78 14.05 28.37
CA VAL E 160 23.31 15.01 27.42
C VAL E 160 24.65 15.53 27.94
N ASP E 161 25.68 15.42 27.12
CA ASP E 161 27.03 15.66 27.58
C ASP E 161 27.79 16.60 26.67
N PRO E 162 28.48 17.59 27.26
CA PRO E 162 29.28 18.50 26.44
C PRO E 162 30.52 17.76 25.98
N THR E 163 30.90 17.96 24.73
CA THR E 163 32.10 17.33 24.20
C THR E 163 33.34 17.97 24.81
N THR E 164 33.26 19.29 24.99
CA THR E 164 34.43 20.07 25.38
C THR E 164 33.95 21.34 26.06
N GLU E 165 34.60 21.72 27.16
CA GLU E 165 34.07 22.85 27.90
C GLU E 165 34.53 24.21 27.38
N ASN E 166 35.74 24.35 26.85
CA ASN E 166 36.22 25.70 26.49
C ASN E 166 36.87 25.89 25.11
N SER E 167 36.33 26.84 24.35
CA SER E 167 36.89 27.23 23.04
C SER E 167 36.55 28.69 22.70
N ASP E 168 37.30 29.27 21.78
CA ASP E 168 36.97 30.60 21.26
C ASP E 168 36.32 30.48 19.88
N ASP E 169 36.14 29.25 19.42
CA ASP E 169 35.45 28.92 18.16
C ASP E 169 36.09 29.60 16.94
N SER E 170 37.42 29.60 16.90
CA SER E 170 38.18 30.33 15.88
C SER E 170 37.97 29.82 14.46
N GLU E 171 37.74 28.51 14.32
CA GLU E 171 37.57 27.93 13.01
C GLU E 171 36.16 28.13 12.44
N TYR E 172 35.24 28.58 13.29
CA TYR E 172 33.82 28.61 12.94
C TYR E 172 33.22 30.02 12.87
N PHE E 173 33.52 30.86 13.85
CA PHE E 173 32.87 32.17 13.94
C PHE E 173 33.28 33.11 12.81
N SER E 174 32.29 33.71 12.16
CA SER E 174 32.54 34.63 11.05
C SER E 174 33.39 35.84 11.48
N GLN E 175 34.44 36.11 10.72
CA GLN E 175 35.28 37.29 10.95
C GLN E 175 34.55 38.58 10.62
N TYR E 176 33.41 38.46 9.94
CA TYR E 176 32.71 39.65 9.46
C TYR E 176 31.59 40.06 10.38
N SER E 177 31.34 39.27 11.41
CA SER E 177 30.35 39.62 12.42
C SER E 177 30.68 40.93 13.10
N ARG E 178 29.65 41.62 13.56
CA ARG E 178 29.78 42.85 14.33
C ARG E 178 30.29 42.54 15.74
N PHE E 179 30.19 41.27 16.12
CA PHE E 179 30.58 40.85 17.45
C PHE E 179 31.81 39.97 17.37
N GLU E 180 32.40 39.70 18.54
CA GLU E 180 33.53 38.80 18.61
C GLU E 180 33.36 37.93 19.84
N ILE E 181 33.78 36.68 19.73
CA ILE E 181 33.60 35.75 20.83
C ILE E 181 34.82 35.71 21.76
N LEU E 182 34.58 35.85 23.05
CA LEU E 182 35.67 35.78 24.01
C LEU E 182 35.87 34.34 24.47
N ASP E 183 34.77 33.63 24.70
CA ASP E 183 34.83 32.27 25.20
C ASP E 183 33.44 31.62 25.12
N VAL E 184 33.42 30.35 24.74
CA VAL E 184 32.21 29.56 24.83
C VAL E 184 32.47 28.43 25.81
N THR E 185 31.74 28.43 26.92
CA THR E 185 31.87 27.32 27.85
C THR E 185 30.63 26.43 27.81
N GLN E 186 30.82 25.12 27.92
CA GLN E 186 29.69 24.20 27.88
C GLN E 186 29.85 23.19 29.00
N LYS E 187 28.89 23.19 29.92
CA LYS E 187 28.97 22.33 31.09
C LYS E 187 27.72 21.47 31.27
N LYS E 188 27.89 20.34 31.96
CA LYS E 188 26.76 19.49 32.34
C LYS E 188 25.88 20.24 33.32
N ASN E 189 24.58 19.98 33.24
CA ASN E 189 23.64 20.62 34.13
C ASN E 189 22.40 19.76 34.29
N SER E 190 21.78 19.84 35.45
CA SER E 190 20.67 18.95 35.80
C SER E 190 19.45 19.79 36.16
N VAL E 191 18.32 19.43 35.60
CA VAL E 191 17.11 20.23 35.77
C VAL E 191 15.98 19.41 36.38
N THR E 192 15.38 19.95 37.43
CA THR E 192 14.24 19.31 38.08
CA THR E 192 14.22 19.33 38.08
C THR E 192 13.14 20.36 38.34
N TYR E 193 11.89 19.92 38.42
CA TYR E 193 10.77 20.80 38.69
C TYR E 193 9.96 20.25 39.86
N SER E 194 9.53 21.14 40.76
CA SER E 194 8.82 20.71 41.98
C SER E 194 7.53 19.97 41.63
N CYS E 195 7.05 20.17 40.41
CA CYS E 195 5.86 19.48 39.93
C CYS E 195 6.12 18.02 39.58
N CYS E 196 7.37 17.68 39.25
CA CYS E 196 7.63 16.44 38.53
C CYS E 196 8.85 15.67 39.05
N PRO E 197 8.81 14.34 38.97
CA PRO E 197 9.83 13.50 39.64
C PRO E 197 11.25 13.66 39.10
N GLU E 198 11.54 12.96 38.02
CA GLU E 198 12.91 12.72 37.54
C GLU E 198 13.69 13.98 37.16
N ALA E 199 14.99 13.80 36.98
CA ALA E 199 15.89 14.87 36.55
C ALA E 199 16.15 14.80 35.06
N TYR E 200 16.29 15.96 34.44
CA TYR E 200 16.61 16.00 33.01
C TYR E 200 17.99 16.58 32.88
N GLU E 201 18.80 15.96 32.04
CA GLU E 201 20.14 16.47 31.86
C GLU E 201 20.12 17.48 30.74
N ASP E 202 20.99 18.48 30.84
CA ASP E 202 21.16 19.36 29.71
C ASP E 202 22.59 19.83 29.63
N VAL E 203 22.91 20.50 28.53
CA VAL E 203 24.17 21.19 28.41
C VAL E 203 23.87 22.68 28.53
N GLU E 204 24.59 23.35 29.41
CA GLU E 204 24.49 24.78 29.56
C GLU E 204 25.61 25.39 28.75
N VAL E 205 25.24 26.10 27.69
CA VAL E 205 26.23 26.75 26.86
C VAL E 205 26.29 28.23 27.25
N SER E 206 27.44 28.66 27.77
CA SER E 206 27.63 30.07 28.12
C SER E 206 28.43 30.79 27.04
N LEU E 207 27.76 31.69 26.33
CA LEU E 207 28.38 32.41 25.22
C LEU E 207 28.86 33.80 25.66
N ASN E 208 30.17 33.93 25.86
CA ASN E 208 30.76 35.20 26.28
C ASN E 208 31.23 35.97 25.05
N PHE E 209 30.56 37.08 24.76
CA PHE E 209 30.80 37.83 23.54
C PHE E 209 30.65 39.33 23.79
N ARG E 210 31.12 40.13 22.84
CA ARG E 210 31.05 41.58 22.96
C ARG E 210 31.04 42.22 21.59
N LYS E 211 30.50 43.44 21.51
CA LYS E 211 30.53 44.21 20.28
C LYS E 211 31.99 44.56 19.94
N LYS E 212 32.32 44.55 18.65
CA LYS E 212 33.59 45.10 18.18
C LYS E 212 33.52 46.63 18.24
N GLY E 213 34.65 47.28 18.46
CA GLY E 213 34.71 48.73 18.53
C GLY E 213 33.65 49.35 19.44
N ARG E 214 33.68 48.97 20.71
CA ARG E 214 32.67 49.41 21.67
C ARG E 214 32.81 50.89 22.00
N SER E 215 34.02 51.41 21.84
CA SER E 215 34.29 52.79 22.15
C SER E 215 33.94 53.71 20.99
N GLU E 216 33.04 54.65 21.28
CA GLU E 216 32.46 55.51 20.25
C GLU E 216 32.70 56.98 20.55
N ILE E 217 32.67 57.80 19.51
CA ILE E 217 32.50 59.22 19.73
C ILE E 217 31.01 59.44 19.96
N LEU E 218 30.67 59.69 21.23
CA LEU E 218 29.31 59.72 21.81
C LEU E 218 28.84 58.33 22.21
N TYR F 2 -32.49 -7.80 17.17
CA TYR F 2 -33.96 -7.87 17.20
C TYR F 2 -34.53 -7.52 15.83
N LYS F 3 -35.29 -6.43 15.82
CA LYS F 3 -35.63 -5.69 14.60
C LYS F 3 -34.35 -5.13 14.01
N ASP F 4 -33.34 -5.01 14.86
CA ASP F 4 -32.07 -4.39 14.52
C ASP F 4 -31.10 -5.29 13.77
N ASP F 5 -31.39 -6.59 13.69
CA ASP F 5 -30.48 -7.53 13.03
C ASP F 5 -30.26 -7.16 11.56
N ASP F 6 -31.30 -6.70 10.88
CA ASP F 6 -31.17 -6.34 9.47
C ASP F 6 -30.77 -4.89 9.19
N ASP F 7 -30.23 -4.21 10.20
CA ASP F 7 -29.67 -2.89 10.00
C ASP F 7 -28.29 -3.05 9.34
N LYS F 8 -28.21 -2.83 8.04
CA LYS F 8 -26.99 -3.15 7.29
C LYS F 8 -25.77 -2.34 7.75
N LEU F 9 -25.95 -1.04 7.96
CA LEU F 9 -24.85 -0.23 8.40
C LEU F 9 -24.31 -0.75 9.74
N ASP F 10 -25.21 -1.18 10.62
CA ASP F 10 -24.79 -1.74 11.91
C ASP F 10 -23.96 -3.02 11.70
N ARG F 11 -24.38 -3.87 10.79
CA ARG F 11 -23.63 -5.11 10.52
C ARG F 11 -22.23 -4.78 9.99
N ALA F 12 -22.16 -3.84 9.05
CA ALA F 12 -20.89 -3.38 8.49
C ALA F 12 -19.96 -2.86 9.58
N ASP F 13 -20.53 -2.16 10.56
CA ASP F 13 -19.72 -1.54 11.60
C ASP F 13 -19.21 -2.60 12.57
N ILE F 14 -20.08 -3.55 12.91
CA ILE F 14 -19.67 -4.69 13.74
C ILE F 14 -18.53 -5.47 13.08
N LEU F 15 -18.64 -5.71 11.78
CA LEU F 15 -17.60 -6.38 11.03
C LEU F 15 -16.30 -5.59 11.07
N TYR F 16 -16.40 -4.28 10.87
CA TYR F 16 -15.24 -3.41 11.00
C TYR F 16 -14.63 -3.49 12.41
N ASN F 17 -15.46 -3.44 13.44
CA ASN F 17 -14.97 -3.55 14.82
C ASN F 17 -14.24 -4.86 15.06
N ILE F 18 -14.85 -5.95 14.59
CA ILE F 18 -14.28 -7.28 14.74
C ILE F 18 -12.91 -7.34 14.06
N ARG F 19 -12.83 -6.82 12.84
CA ARG F 19 -11.55 -6.84 12.11
C ARG F 19 -10.49 -5.93 12.75
N GLN F 20 -10.90 -4.85 13.41
CA GLN F 20 -9.92 -3.99 14.08
C GLN F 20 -9.37 -4.65 15.33
N THR F 21 -10.23 -5.34 16.06
CA THR F 21 -9.85 -5.97 17.32
C THR F 21 -9.20 -7.34 17.13
N SER F 22 -9.62 -8.07 16.10
CA SER F 22 -9.21 -9.46 15.95
C SER F 22 -7.71 -9.62 15.75
N ARG F 23 -7.14 -10.60 16.43
CA ARG F 23 -5.76 -11.02 16.21
C ARG F 23 -5.80 -12.47 15.73
N PRO F 24 -5.88 -12.68 14.40
CA PRO F 24 -6.07 -14.01 13.83
C PRO F 24 -5.01 -15.04 14.25
N ASP F 25 -3.83 -14.59 14.63
CA ASP F 25 -2.72 -15.51 14.86
C ASP F 25 -2.36 -15.66 16.32
N VAL F 26 -3.07 -14.94 17.19
CA VAL F 26 -2.81 -15.02 18.64
C VAL F 26 -3.97 -15.71 19.36
N ILE F 27 -3.67 -16.68 20.24
CA ILE F 27 -4.77 -17.36 20.94
C ILE F 27 -5.47 -16.36 21.87
N PRO F 28 -6.80 -16.42 21.90
CA PRO F 28 -7.55 -15.45 22.70
C PRO F 28 -7.62 -15.92 24.16
N THR F 29 -6.48 -16.07 24.82
CA THR F 29 -6.52 -16.46 26.22
C THR F 29 -6.91 -15.27 27.07
N GLN F 30 -7.86 -15.52 27.97
CA GLN F 30 -8.35 -14.49 28.87
C GLN F 30 -8.11 -14.95 30.32
N ARG F 31 -7.64 -14.04 31.16
CA ARG F 31 -7.41 -14.34 32.58
C ARG F 31 -6.39 -15.45 32.81
N ASP F 32 -5.42 -15.57 31.90
CA ASP F 32 -4.37 -16.60 32.01
C ASP F 32 -4.95 -18.01 32.12
N ARG F 33 -6.09 -18.21 31.47
CA ARG F 33 -6.73 -19.51 31.37
C ARG F 33 -6.58 -19.97 29.93
N PRO F 34 -6.45 -21.28 29.72
CA PRO F 34 -6.47 -21.80 28.34
C PRO F 34 -7.77 -21.46 27.61
N VAL F 35 -7.69 -21.32 26.29
CA VAL F 35 -8.89 -21.12 25.49
C VAL F 35 -9.69 -22.41 25.49
N ALA F 36 -10.93 -22.34 25.97
CA ALA F 36 -11.76 -23.54 26.00
C ALA F 36 -12.48 -23.65 24.67
N VAL F 37 -12.15 -24.70 23.92
CA VAL F 37 -12.73 -24.93 22.62
C VAL F 37 -13.69 -26.10 22.69
N SER F 38 -14.95 -25.88 22.34
CA SER F 38 -15.93 -26.98 22.34
CA SER F 38 -15.92 -26.97 22.35
C SER F 38 -16.08 -27.56 20.94
N VAL F 39 -16.03 -28.88 20.85
CA VAL F 39 -16.13 -29.58 19.58
C VAL F 39 -17.14 -30.71 19.66
N SER F 40 -18.08 -30.74 18.73
CA SER F 40 -18.98 -31.87 18.60
C SER F 40 -19.16 -32.23 17.12
N LEU F 41 -18.96 -33.51 16.79
CA LEU F 41 -19.14 -33.94 15.41
C LEU F 41 -20.54 -34.49 15.20
N LYS F 42 -21.23 -33.93 14.21
CA LYS F 42 -22.50 -34.45 13.76
C LYS F 42 -22.29 -35.17 12.44
N PHE F 43 -22.37 -36.49 12.44
CA PHE F 43 -22.11 -37.25 11.23
C PHE F 43 -23.29 -37.15 10.27
N ILE F 44 -22.97 -36.89 9.01
CA ILE F 44 -23.99 -36.74 7.99
C ILE F 44 -24.04 -37.96 7.09
N ASN F 45 -22.87 -38.49 6.77
CA ASN F 45 -22.76 -39.53 5.76
C ASN F 45 -21.53 -40.39 6.03
N ILE F 46 -21.65 -41.67 5.76
CA ILE F 46 -20.51 -42.59 5.75
C ILE F 46 -20.44 -43.07 4.32
N LEU F 47 -19.44 -42.58 3.59
CA LEU F 47 -19.40 -42.73 2.14
C LEU F 47 -18.78 -44.05 1.70
N GLU F 48 -17.77 -44.48 2.43
CA GLU F 48 -17.00 -45.63 2.01
C GLU F 48 -16.36 -46.26 3.23
N VAL F 49 -16.33 -47.58 3.23
CA VAL F 49 -15.77 -48.33 4.33
C VAL F 49 -14.91 -49.42 3.70
N ASN F 50 -13.62 -49.41 3.99
CA ASN F 50 -12.70 -50.37 3.39
C ASN F 50 -12.16 -51.31 4.46
N GLU F 51 -12.69 -52.53 4.48
CA GLU F 51 -12.52 -53.41 5.63
C GLU F 51 -11.17 -54.15 5.70
N ILE F 52 -10.48 -54.31 4.57
CA ILE F 52 -9.07 -54.73 4.63
C ILE F 52 -8.13 -53.64 5.13
N THR F 53 -8.29 -52.42 4.63
CA THR F 53 -7.34 -51.34 4.91
C THR F 53 -7.68 -50.60 6.19
N ASN F 54 -8.84 -50.90 6.76
CA ASN F 54 -9.33 -50.24 7.97
C ASN F 54 -9.38 -48.72 7.74
N GLU F 55 -10.05 -48.32 6.65
CA GLU F 55 -10.27 -46.91 6.33
C GLU F 55 -11.75 -46.59 6.19
N VAL F 56 -12.16 -45.42 6.66
CA VAL F 56 -13.50 -44.90 6.43
C VAL F 56 -13.44 -43.53 5.80
N ASP F 57 -14.40 -43.24 4.94
CA ASP F 57 -14.58 -41.94 4.30
C ASP F 57 -15.90 -41.39 4.84
N VAL F 58 -15.84 -40.28 5.59
CA VAL F 58 -17.05 -39.77 6.23
C VAL F 58 -17.28 -38.28 5.97
N VAL F 59 -18.54 -37.85 6.13
CA VAL F 59 -18.86 -36.41 6.12
C VAL F 59 -19.47 -36.08 7.48
N PHE F 60 -18.99 -35.00 8.09
CA PHE F 60 -19.51 -34.55 9.37
C PHE F 60 -19.55 -33.04 9.46
N TRP F 61 -20.49 -32.52 10.24
CA TRP F 61 -20.52 -31.09 10.56
C TRP F 61 -19.78 -30.94 11.86
N GLN F 62 -18.67 -30.23 11.84
CA GLN F 62 -17.89 -30.06 13.04
C GLN F 62 -18.35 -28.82 13.80
N GLN F 63 -19.28 -29.03 14.74
CA GLN F 63 -19.80 -27.93 15.56
C GLN F 63 -18.73 -27.45 16.49
N THR F 64 -18.29 -26.22 16.29
CA THR F 64 -17.13 -25.72 17.03
C THR F 64 -17.44 -24.38 17.68
N THR F 65 -17.16 -24.25 18.97
CA THR F 65 -17.38 -22.98 19.66
CA THR F 65 -17.40 -23.01 19.67
C THR F 65 -16.23 -22.61 20.57
N TRP F 66 -16.00 -21.30 20.70
CA TRP F 66 -15.09 -20.75 21.68
C TRP F 66 -15.50 -19.31 21.91
N SER F 67 -14.88 -18.65 22.88
CA SER F 67 -15.19 -17.25 23.07
C SER F 67 -13.95 -16.38 23.01
N ASP F 68 -14.12 -15.16 22.51
CA ASP F 68 -13.12 -14.11 22.64
C ASP F 68 -13.84 -12.83 23.03
N ARG F 69 -13.84 -12.52 24.32
CA ARG F 69 -14.64 -11.41 24.83
C ARG F 69 -14.14 -10.06 24.34
N THR F 70 -12.93 -9.99 23.78
CA THR F 70 -12.48 -8.73 23.20
C THR F 70 -13.30 -8.39 21.96
N LEU F 71 -14.03 -9.38 21.43
CA LEU F 71 -14.87 -9.14 20.26
C LEU F 71 -16.28 -8.67 20.63
N ALA F 72 -16.62 -8.75 21.92
CA ALA F 72 -17.98 -8.48 22.36
C ALA F 72 -18.38 -7.03 22.12
N TRP F 73 -19.67 -6.81 21.87
CA TRP F 73 -20.20 -5.46 21.77
C TRP F 73 -21.57 -5.39 22.41
N ASN F 74 -21.98 -4.18 22.71
CA ASN F 74 -23.30 -3.90 23.24
C ASN F 74 -24.33 -4.06 22.12
N SER F 75 -25.21 -5.06 22.21
CA SER F 75 -26.19 -5.25 21.14
C SER F 75 -27.60 -4.90 21.58
N SER F 76 -27.72 -4.03 22.58
CA SER F 76 -29.02 -3.52 23.01
C SER F 76 -29.84 -3.00 21.84
N HIS F 77 -29.22 -2.22 20.97
CA HIS F 77 -29.92 -1.71 19.79
C HIS F 77 -29.10 -1.92 18.52
N SER F 78 -28.61 -3.13 18.35
CA SER F 78 -27.83 -3.47 17.18
C SER F 78 -27.87 -4.99 16.98
N PRO F 79 -27.42 -5.48 15.80
CA PRO F 79 -27.40 -6.93 15.55
C PRO F 79 -26.75 -7.73 16.67
N ASP F 80 -27.35 -8.87 17.01
CA ASP F 80 -26.84 -9.82 18.01
C ASP F 80 -25.68 -10.67 17.50
N GLN F 81 -25.69 -10.92 16.19
CA GLN F 81 -24.73 -11.81 15.53
C GLN F 81 -24.47 -11.33 14.13
N VAL F 82 -23.27 -11.60 13.64
CA VAL F 82 -22.96 -11.42 12.22
C VAL F 82 -22.12 -12.59 11.71
N SER F 83 -22.16 -12.81 10.40
CA SER F 83 -21.30 -13.80 9.79
C SER F 83 -19.99 -13.13 9.40
N VAL F 84 -18.88 -13.84 9.62
CA VAL F 84 -17.53 -13.30 9.42
C VAL F 84 -16.68 -14.35 8.71
N PRO F 85 -15.95 -13.96 7.65
CA PRO F 85 -15.00 -14.91 7.03
C PRO F 85 -13.98 -15.35 8.07
N ILE F 86 -13.65 -16.64 8.14
CA ILE F 86 -12.77 -17.10 9.22
C ILE F 86 -11.35 -16.59 9.02
N SER F 87 -11.03 -16.13 7.82
CA SER F 87 -9.73 -15.47 7.61
C SER F 87 -9.58 -14.19 8.45
N SER F 88 -10.68 -13.61 8.91
CA SER F 88 -10.60 -12.40 9.75
C SER F 88 -10.49 -12.72 11.24
N LEU F 89 -10.60 -14.00 11.59
CA LEU F 89 -10.67 -14.40 12.98
C LEU F 89 -9.54 -15.34 13.36
N TRP F 90 -9.24 -15.40 14.66
CA TRP F 90 -8.50 -16.55 15.16
C TRP F 90 -9.42 -17.76 15.14
N VAL F 91 -8.89 -18.89 14.66
CA VAL F 91 -9.58 -20.18 14.70
C VAL F 91 -8.62 -21.21 15.28
N PRO F 92 -9.11 -22.09 16.17
CA PRO F 92 -8.21 -23.08 16.76
C PRO F 92 -7.54 -23.95 15.70
N ASP F 93 -6.28 -24.30 15.91
CA ASP F 93 -5.54 -25.09 14.93
C ASP F 93 -5.85 -26.57 15.12
N LEU F 94 -7.12 -26.93 14.99
CA LEU F 94 -7.56 -28.31 15.19
C LEU F 94 -7.10 -29.24 14.07
N ALA F 95 -6.82 -30.48 14.44
CA ALA F 95 -6.42 -31.49 13.48
C ALA F 95 -6.84 -32.85 14.00
N ALA F 96 -7.23 -33.74 13.09
CA ALA F 96 -7.56 -35.09 13.47
C ALA F 96 -6.27 -35.90 13.46
N TYR F 97 -5.89 -36.39 14.64
CA TYR F 97 -4.60 -37.04 14.81
C TYR F 97 -4.51 -38.32 13.95
N ASN F 98 -5.65 -38.92 13.62
CA ASN F 98 -5.62 -40.13 12.81
C ASN F 98 -6.21 -39.95 11.40
N ALA F 99 -6.23 -38.71 10.90
CA ALA F 99 -6.67 -38.47 9.53
C ALA F 99 -5.64 -39.02 8.54
N ILE F 100 -6.11 -39.51 7.41
CA ILE F 100 -5.19 -39.96 6.36
C ILE F 100 -5.45 -39.25 5.04
N SER F 101 -6.34 -38.26 5.06
CA SER F 101 -6.52 -37.35 3.94
C SER F 101 -6.76 -35.94 4.50
N LYS F 102 -6.63 -34.92 3.66
CA LYS F 102 -6.91 -33.55 4.11
C LYS F 102 -8.38 -33.40 4.49
N PRO F 103 -8.68 -32.54 5.48
CA PRO F 103 -10.10 -32.26 5.67
C PRO F 103 -10.63 -31.45 4.48
N GLU F 104 -11.57 -32.01 3.73
CA GLU F 104 -12.16 -31.26 2.63
C GLU F 104 -13.40 -30.53 3.11
N VAL F 105 -13.33 -29.20 3.09
CA VAL F 105 -14.41 -28.35 3.58
C VAL F 105 -15.43 -28.13 2.48
N LEU F 106 -16.67 -28.55 2.72
CA LEU F 106 -17.69 -28.50 1.67
C LEU F 106 -18.55 -27.25 1.73
N THR F 107 -18.27 -26.36 2.67
CA THR F 107 -19.17 -25.24 2.98
C THR F 107 -18.47 -23.87 3.01
N PRO F 108 -19.24 -22.77 2.88
CA PRO F 108 -18.62 -21.44 3.00
C PRO F 108 -17.82 -21.30 4.29
N GLN F 109 -16.62 -20.75 4.22
CA GLN F 109 -15.77 -20.66 5.39
C GLN F 109 -16.09 -19.38 6.17
N LEU F 110 -17.29 -19.39 6.75
CA LEU F 110 -17.77 -18.30 7.57
C LEU F 110 -18.06 -18.81 8.97
N ALA F 111 -17.88 -17.94 9.96
CA ALA F 111 -18.29 -18.24 11.32
C ALA F 111 -19.29 -17.16 11.76
N ARG F 112 -20.04 -17.46 12.82
CA ARG F 112 -20.91 -16.45 13.43
C ARG F 112 -20.20 -15.92 14.65
N VAL F 113 -20.16 -14.59 14.80
CA VAL F 113 -19.68 -13.98 16.00
C VAL F 113 -20.90 -13.37 16.71
N VAL F 114 -21.07 -13.74 17.98
CA VAL F 114 -22.19 -13.34 18.81
C VAL F 114 -21.74 -12.14 19.64
N SER F 115 -22.66 -11.25 19.98
CA SER F 115 -22.27 -10.01 20.64
C SER F 115 -21.64 -10.23 22.03
N ASP F 116 -21.76 -11.44 22.60
CA ASP F 116 -21.09 -11.66 23.88
C ASP F 116 -19.66 -12.18 23.67
N GLY F 117 -19.24 -12.27 22.41
CA GLY F 117 -17.89 -12.70 22.08
C GLY F 117 -17.79 -14.17 21.72
N GLU F 118 -18.91 -14.90 21.74
CA GLU F 118 -18.89 -16.31 21.35
C GLU F 118 -18.67 -16.39 19.84
N VAL F 119 -17.85 -17.34 19.41
CA VAL F 119 -17.68 -17.62 17.98
C VAL F 119 -18.25 -18.99 17.68
N LEU F 120 -19.06 -19.10 16.62
CA LEU F 120 -19.66 -20.36 16.21
C LEU F 120 -19.17 -20.67 14.80
N TYR F 121 -18.61 -21.87 14.64
CA TYR F 121 -18.01 -22.27 13.38
C TYR F 121 -18.39 -23.72 13.14
N MET F 122 -18.93 -24.03 11.97
CA MET F 122 -19.37 -25.40 11.72
C MET F 122 -19.16 -25.77 10.28
N PRO F 123 -17.92 -26.14 9.94
CA PRO F 123 -17.67 -26.58 8.57
C PRO F 123 -18.27 -27.96 8.31
N SER F 124 -18.76 -28.19 7.10
CA SER F 124 -19.02 -29.56 6.68
C SER F 124 -17.73 -30.12 6.09
N ILE F 125 -17.24 -31.20 6.69
CA ILE F 125 -15.96 -31.78 6.32
C ILE F 125 -16.11 -33.22 5.84
N ARG F 126 -15.54 -33.50 4.67
CA ARG F 126 -15.36 -34.86 4.21
C ARG F 126 -13.90 -35.22 4.43
N GLN F 127 -13.65 -36.36 5.08
CA GLN F 127 -12.28 -36.74 5.42
C GLN F 127 -12.19 -38.25 5.60
N ARG F 128 -10.97 -38.78 5.42
CA ARG F 128 -10.73 -40.22 5.59
C ARG F 128 -9.92 -40.50 6.83
N PHE F 129 -10.16 -41.66 7.42
CA PHE F 129 -9.51 -42.00 8.68
C PHE F 129 -9.09 -43.44 8.67
N SER F 130 -8.00 -43.71 9.36
CA SER F 130 -7.62 -45.05 9.74
C SER F 130 -8.22 -45.33 11.11
N CYS F 131 -9.17 -46.25 11.15
CA CYS F 131 -9.82 -46.58 12.40
C CYS F 131 -10.34 -48.02 12.35
N ASP F 132 -10.83 -48.49 13.50
CA ASP F 132 -11.27 -49.88 13.63
C ASP F 132 -12.56 -50.13 12.88
N VAL F 133 -12.48 -50.92 11.81
CA VAL F 133 -13.61 -51.11 10.90
C VAL F 133 -14.17 -52.53 11.06
N SER F 134 -13.51 -53.32 11.90
CA SER F 134 -13.95 -54.69 12.13
C SER F 134 -15.35 -54.70 12.72
N GLY F 135 -16.22 -55.55 12.17
CA GLY F 135 -17.56 -55.72 12.71
C GLY F 135 -18.65 -54.95 11.98
N VAL F 136 -18.30 -54.27 10.89
CA VAL F 136 -19.25 -53.39 10.22
C VAL F 136 -20.48 -54.14 9.69
N ASP F 137 -20.33 -55.43 9.38
CA ASP F 137 -21.44 -56.23 8.87
C ASP F 137 -22.11 -57.07 9.94
N THR F 138 -21.91 -56.70 11.19
CA THR F 138 -22.52 -57.42 12.31
C THR F 138 -23.58 -56.56 12.96
N GLU F 139 -24.36 -57.16 13.85
CA GLU F 139 -25.44 -56.47 14.55
C GLU F 139 -24.93 -55.36 15.48
N SER F 140 -23.77 -55.60 16.08
CA SER F 140 -23.20 -54.64 17.03
C SER F 140 -22.30 -53.62 16.31
N GLY F 141 -22.07 -53.85 15.02
CA GLY F 141 -21.37 -52.90 14.16
C GLY F 141 -19.89 -52.68 14.46
N ALA F 142 -19.25 -51.90 13.60
CA ALA F 142 -17.87 -51.45 13.84
C ALA F 142 -17.85 -50.21 14.71
N THR F 143 -16.76 -49.99 15.44
CA THR F 143 -16.57 -48.75 16.19
C THR F 143 -15.30 -48.02 15.73
N CYS F 144 -15.50 -46.89 15.06
CA CYS F 144 -14.37 -46.14 14.51
C CYS F 144 -14.10 -44.89 15.35
N ARG F 145 -12.85 -44.76 15.84
CA ARG F 145 -12.48 -43.66 16.72
C ARG F 145 -11.70 -42.56 15.99
N ILE F 146 -12.11 -41.32 16.25
CA ILE F 146 -11.48 -40.16 15.63
C ILE F 146 -11.01 -39.21 16.73
N LYS F 147 -9.73 -38.90 16.75
CA LYS F 147 -9.17 -38.00 17.76
C LYS F 147 -8.89 -36.62 17.18
N ILE F 148 -9.51 -35.60 17.76
CA ILE F 148 -9.33 -34.23 17.28
C ILE F 148 -8.80 -33.32 18.40
N GLY F 149 -7.70 -32.63 18.14
CA GLY F 149 -7.17 -31.69 19.10
C GLY F 149 -6.34 -30.63 18.40
N SER F 150 -5.75 -29.74 19.20
CA SER F 150 -4.92 -28.66 18.67
C SER F 150 -3.62 -29.25 18.15
N TRP F 151 -3.15 -28.78 17.00
CA TRP F 151 -1.90 -29.32 16.46
C TRP F 151 -0.67 -28.83 17.21
N THR F 152 -0.70 -27.60 17.74
CA THR F 152 0.50 -26.97 18.29
C THR F 152 0.33 -26.33 19.66
N HIS F 153 -0.88 -26.34 20.19
CA HIS F 153 -1.14 -25.72 21.51
C HIS F 153 -1.43 -26.79 22.56
N HIS F 154 -0.60 -26.84 23.60
CA HIS F 154 -0.78 -27.82 24.67
C HIS F 154 -1.92 -27.39 25.61
N SER F 155 -2.18 -28.22 26.61
CA SER F 155 -3.39 -28.07 27.43
C SER F 155 -3.42 -26.79 28.25
N ARG F 156 -2.26 -26.19 28.52
CA ARG F 156 -2.25 -24.91 29.23
C ARG F 156 -2.68 -23.75 28.32
N GLU F 157 -2.65 -23.98 27.00
CA GLU F 157 -3.01 -22.91 26.05
C GLU F 157 -4.40 -23.12 25.47
N ILE F 158 -4.70 -24.36 25.08
CA ILE F 158 -6.02 -24.72 24.55
C ILE F 158 -6.54 -26.00 25.19
N SER F 159 -7.77 -25.94 25.72
CA SER F 159 -8.44 -27.16 26.11
C SER F 159 -9.56 -27.40 25.13
N VAL F 160 -9.73 -28.64 24.69
CA VAL F 160 -10.88 -28.97 23.86
C VAL F 160 -11.86 -29.72 24.74
N ASP F 161 -13.13 -29.57 24.43
CA ASP F 161 -14.17 -30.11 25.28
C ASP F 161 -15.28 -30.67 24.43
N PRO F 162 -15.65 -31.94 24.68
CA PRO F 162 -16.77 -32.55 23.97
C PRO F 162 -18.06 -31.85 24.37
N THR F 163 -18.98 -31.69 23.42
CA THR F 163 -20.24 -30.98 23.66
C THR F 163 -21.42 -31.93 23.73
N ASP F 168 -28.49 -38.23 19.71
CA ASP F 168 -27.16 -38.16 19.09
C ASP F 168 -27.19 -38.56 17.61
N ASP F 169 -27.59 -37.60 16.77
CA ASP F 169 -27.41 -37.55 15.29
C ASP F 169 -28.58 -37.93 14.38
N SER F 170 -29.76 -38.16 14.96
CA SER F 170 -30.94 -38.43 14.16
C SER F 170 -31.30 -37.28 13.21
N GLU F 171 -31.13 -36.05 13.67
CA GLU F 171 -31.45 -34.87 12.87
C GLU F 171 -30.46 -34.64 11.73
N TYR F 172 -29.32 -35.33 11.78
CA TYR F 172 -28.22 -35.04 10.86
C TYR F 172 -27.89 -36.17 9.87
N PHE F 173 -27.86 -37.41 10.35
CA PHE F 173 -27.38 -38.50 9.51
C PHE F 173 -28.35 -38.79 8.37
N SER F 174 -27.81 -38.95 7.16
CA SER F 174 -28.61 -39.24 5.99
C SER F 174 -29.37 -40.57 6.13
N GLN F 175 -30.69 -40.52 5.92
CA GLN F 175 -31.50 -41.73 5.92
C GLN F 175 -31.21 -42.59 4.70
N TYR F 176 -30.53 -42.03 3.72
CA TYR F 176 -30.28 -42.73 2.48
C TYR F 176 -28.95 -43.46 2.47
N SER F 177 -28.14 -43.25 3.52
CA SER F 177 -26.85 -43.93 3.63
C SER F 177 -27.00 -45.45 3.63
N ARG F 178 -25.97 -46.12 3.15
CA ARG F 178 -25.89 -47.57 3.15
C ARG F 178 -25.65 -48.02 4.59
N PHE F 179 -25.23 -47.09 5.43
CA PHE F 179 -24.91 -47.43 6.80
C PHE F 179 -25.89 -46.83 7.78
N GLU F 180 -25.93 -47.39 8.99
CA GLU F 180 -26.73 -46.79 10.02
C GLU F 180 -25.90 -46.57 11.27
N ILE F 181 -26.19 -45.49 11.97
CA ILE F 181 -25.47 -45.12 13.17
C ILE F 181 -26.11 -45.76 14.39
N LEU F 182 -25.30 -46.43 15.20
CA LEU F 182 -25.77 -47.03 16.43
C LEU F 182 -25.61 -46.04 17.57
N ASP F 183 -24.45 -45.40 17.62
CA ASP F 183 -24.09 -44.58 18.77
C ASP F 183 -22.88 -43.71 18.46
N VAL F 184 -22.90 -42.47 18.94
CA VAL F 184 -21.74 -41.59 18.81
C VAL F 184 -21.39 -41.04 20.17
N THR F 185 -20.24 -41.43 20.72
CA THR F 185 -19.82 -40.87 22.00
C THR F 185 -18.59 -39.99 21.80
N GLN F 186 -18.49 -38.96 22.64
CA GLN F 186 -17.38 -38.01 22.58
C GLN F 186 -16.85 -37.84 23.98
N LYS F 187 -15.57 -38.12 24.17
CA LYS F 187 -14.99 -37.92 25.48
C LYS F 187 -13.69 -37.12 25.45
N LYS F 188 -13.39 -36.48 26.59
CA LYS F 188 -12.10 -35.85 26.84
C LYS F 188 -11.01 -36.89 26.83
N ASN F 189 -9.87 -36.52 26.27
CA ASN F 189 -8.72 -37.39 26.28
C ASN F 189 -7.47 -36.52 26.36
N SER F 190 -6.40 -37.09 26.88
CA SER F 190 -5.15 -36.37 26.98
C SER F 190 -4.06 -37.16 26.26
N VAL F 191 -3.16 -36.45 25.59
CA VAL F 191 -2.13 -37.11 24.81
C VAL F 191 -0.75 -36.56 25.16
N THR F 192 0.20 -37.46 25.41
CA THR F 192 1.58 -37.08 25.65
C THR F 192 2.48 -38.01 24.86
N TYR F 193 3.68 -37.54 24.55
CA TYR F 193 4.67 -38.36 23.88
C TYR F 193 5.94 -38.34 24.70
N SER F 194 6.67 -39.45 24.69
CA SER F 194 7.88 -39.57 25.49
C SER F 194 8.95 -38.57 25.04
N CYS F 195 8.85 -38.12 23.79
CA CYS F 195 9.81 -37.15 23.26
C CYS F 195 9.63 -35.78 23.91
N CYS F 196 8.42 -35.48 24.34
CA CYS F 196 8.03 -34.09 24.55
C CYS F 196 7.26 -33.85 25.86
N PRO F 197 7.50 -32.70 26.51
CA PRO F 197 7.05 -32.50 27.89
C PRO F 197 5.53 -32.38 28.10
N GLU F 198 4.84 -31.64 27.24
CA GLU F 198 3.48 -31.19 27.55
C GLU F 198 2.38 -32.20 27.20
N ALA F 199 1.19 -31.99 27.76
CA ALA F 199 0.01 -32.76 27.38
C ALA F 199 -0.89 -31.95 26.44
N TYR F 200 -1.50 -32.64 25.49
CA TYR F 200 -2.38 -32.01 24.52
C TYR F 200 -3.77 -32.61 24.70
N GLU F 201 -4.79 -31.75 24.81
CA GLU F 201 -6.14 -32.27 24.97
C GLU F 201 -6.78 -32.53 23.62
N ASP F 202 -7.52 -33.63 23.52
CA ASP F 202 -8.28 -33.89 22.31
C ASP F 202 -9.68 -34.35 22.68
N VAL F 203 -10.56 -34.34 21.69
CA VAL F 203 -11.85 -34.99 21.81
C VAL F 203 -11.72 -36.31 21.05
N GLU F 204 -11.97 -37.41 21.74
CA GLU F 204 -12.01 -38.70 21.10
C GLU F 204 -13.46 -39.02 20.77
N VAL F 205 -13.74 -39.12 19.48
CA VAL F 205 -15.10 -39.37 19.01
C VAL F 205 -15.18 -40.83 18.58
N SER F 206 -16.18 -41.55 19.09
CA SER F 206 -16.40 -42.97 18.77
C SER F 206 -17.65 -43.14 17.92
N LEU F 207 -17.45 -43.52 16.67
CA LEU F 207 -18.55 -43.75 15.73
C LEU F 207 -18.87 -45.25 15.67
N ASN F 208 -19.95 -45.64 16.33
CA ASN F 208 -20.42 -47.03 16.27
C ASN F 208 -21.51 -47.14 15.21
N PHE F 209 -21.23 -47.87 14.15
CA PHE F 209 -22.10 -47.92 12.96
C PHE F 209 -22.08 -49.30 12.35
N ARG F 210 -23.08 -49.59 11.51
CA ARG F 210 -23.12 -50.88 10.85
C ARG F 210 -23.73 -50.76 9.46
N LYS F 211 -23.43 -51.75 8.62
CA LYS F 211 -24.03 -51.82 7.31
C LYS F 211 -25.51 -52.16 7.44
N LYS F 212 -26.34 -51.62 6.54
CA LYS F 212 -27.74 -52.05 6.38
C LYS F 212 -27.82 -53.27 5.46
N GLY F 213 -28.82 -54.13 5.69
CA GLY F 213 -28.99 -55.30 4.84
C GLY F 213 -27.80 -56.24 4.89
N ARG F 214 -27.49 -56.72 6.09
CA ARG F 214 -26.29 -57.50 6.35
C ARG F 214 -26.42 -58.94 5.84
N SER F 215 -27.65 -59.36 5.56
CA SER F 215 -27.90 -60.72 5.10
C SER F 215 -28.29 -60.74 3.62
N GLU F 216 -27.41 -61.31 2.79
CA GLU F 216 -27.67 -61.39 1.36
C GLU F 216 -27.72 -62.82 0.85
N ILE F 217 -28.06 -62.96 -0.44
CA ILE F 217 -28.00 -64.22 -1.15
C ILE F 217 -26.64 -64.33 -1.85
N LEU F 218 -25.79 -65.20 -1.29
CA LEU F 218 -24.36 -65.36 -1.60
C LEU F 218 -23.52 -64.27 -0.94
N ASP G 1 8.61 -18.12 31.34
CA ASP G 1 7.84 -18.45 32.52
C ASP G 1 6.51 -19.08 32.11
N TYR G 2 6.21 -20.27 32.61
CA TYR G 2 4.96 -20.93 32.23
C TYR G 2 3.73 -20.23 32.83
N LYS G 3 3.92 -19.47 33.90
CA LYS G 3 2.83 -18.70 34.51
C LYS G 3 2.39 -17.52 33.64
N ASP G 4 3.30 -17.06 32.78
CA ASP G 4 3.02 -15.93 31.90
C ASP G 4 2.65 -16.39 30.48
N ASP G 5 2.58 -17.70 30.29
CA ASP G 5 2.29 -18.30 28.98
C ASP G 5 1.00 -17.78 28.33
N ASP G 6 -0.05 -17.61 29.14
CA ASP G 6 -1.33 -17.19 28.59
C ASP G 6 -1.56 -15.68 28.68
N ASP G 7 -0.49 -14.90 28.85
CA ASP G 7 -0.61 -13.45 28.76
C ASP G 7 -0.72 -13.09 27.29
N LYS G 8 -1.95 -12.84 26.82
CA LYS G 8 -2.20 -12.63 25.40
C LYS G 8 -1.40 -11.48 24.79
N LEU G 9 -1.34 -10.34 25.49
CA LEU G 9 -0.62 -9.21 24.93
C LEU G 9 0.86 -9.53 24.74
N ASP G 10 1.43 -10.23 25.73
CA ASP G 10 2.80 -10.76 25.64
C ASP G 10 2.97 -11.63 24.39
N ARG G 11 1.99 -12.49 24.14
CA ARG G 11 2.07 -13.39 22.99
C ARG G 11 2.02 -12.58 21.70
N ALA G 12 1.17 -11.55 21.67
CA ALA G 12 1.02 -10.75 20.47
C ALA G 12 2.31 -9.98 20.20
N ASP G 13 2.96 -9.56 21.28
CA ASP G 13 4.20 -8.78 21.15
C ASP G 13 5.35 -9.66 20.70
N ILE G 14 5.35 -10.92 21.15
CA ILE G 14 6.35 -11.87 20.70
C ILE G 14 6.21 -12.15 19.21
N LEU G 15 4.97 -12.33 18.77
CA LEU G 15 4.69 -12.58 17.37
C LEU G 15 5.13 -11.40 16.52
N TYR G 16 4.87 -10.19 17.00
CA TYR G 16 5.33 -8.97 16.35
C TYR G 16 6.85 -8.93 16.22
N ASN G 17 7.53 -9.24 17.33
CA ASN G 17 8.99 -9.24 17.38
C ASN G 17 9.57 -10.25 16.38
N ILE G 18 9.00 -11.43 16.38
CA ILE G 18 9.43 -12.50 15.48
C ILE G 18 9.28 -12.06 14.03
N ARG G 19 8.15 -11.45 13.70
CA ARG G 19 7.90 -10.99 12.34
C ARG G 19 8.80 -9.83 11.95
N GLN G 20 9.14 -8.95 12.88
CA GLN G 20 10.07 -7.88 12.57
C GLN G 20 11.49 -8.40 12.31
N THR G 21 11.89 -9.41 13.07
CA THR G 21 13.25 -9.96 12.95
C THR G 21 13.37 -10.97 11.82
N SER G 22 12.31 -11.75 11.61
CA SER G 22 12.33 -12.86 10.67
C SER G 22 12.66 -12.45 9.24
N ARG G 23 13.52 -13.25 8.61
CA ARG G 23 13.78 -13.11 7.18
C ARG G 23 13.40 -14.43 6.56
N PRO G 24 12.13 -14.59 6.18
CA PRO G 24 11.63 -15.89 5.72
C PRO G 24 12.41 -16.47 4.54
N ASP G 25 13.10 -15.63 3.77
CA ASP G 25 13.74 -16.12 2.56
C ASP G 25 15.25 -16.24 2.68
N VAL G 26 15.77 -15.95 3.86
CA VAL G 26 17.22 -15.96 4.07
C VAL G 26 17.59 -17.03 5.09
N ILE G 27 18.57 -17.89 4.78
CA ILE G 27 18.95 -18.91 5.73
C ILE G 27 19.55 -18.28 6.98
N PRO G 28 19.15 -18.77 8.16
CA PRO G 28 19.59 -18.18 9.43
C PRO G 28 20.97 -18.72 9.84
N THR G 29 21.97 -18.51 8.98
CA THR G 29 23.30 -18.98 9.28
C THR G 29 23.87 -18.01 10.29
N GLN G 30 24.29 -18.55 11.43
CA GLN G 30 24.81 -17.69 12.48
C GLN G 30 26.27 -17.38 12.19
N ARG G 31 26.50 -16.79 11.00
CA ARG G 31 27.78 -16.54 10.34
C ARG G 31 28.88 -17.61 10.56
N ASP G 32 29.43 -18.07 9.45
CA ASP G 32 30.50 -19.07 9.39
C ASP G 32 29.97 -20.51 9.34
N ARG G 33 28.79 -20.76 9.91
CA ARG G 33 28.35 -22.16 10.03
C ARG G 33 26.99 -22.45 9.38
N PRO G 34 26.85 -23.66 8.81
CA PRO G 34 25.57 -24.05 8.21
C PRO G 34 24.47 -24.11 9.25
N VAL G 35 23.23 -23.90 8.81
CA VAL G 35 22.09 -24.15 9.67
C VAL G 35 21.95 -25.65 9.93
N ALA G 36 21.96 -26.03 11.20
CA ALA G 36 21.78 -27.43 11.55
C ALA G 36 20.30 -27.74 11.65
N VAL G 37 19.81 -28.51 10.70
CA VAL G 37 18.41 -28.91 10.72
C VAL G 37 18.31 -30.35 11.19
N SER G 38 17.50 -30.61 12.19
CA SER G 38 17.27 -31.99 12.64
C SER G 38 15.94 -32.48 12.11
N VAL G 39 15.93 -33.71 11.63
CA VAL G 39 14.73 -34.28 11.03
C VAL G 39 14.57 -35.71 11.50
N SER G 40 13.34 -36.07 11.84
CA SER G 40 13.00 -37.45 12.19
C SER G 40 11.59 -37.74 11.71
N LEU G 41 11.41 -38.84 10.97
CA LEU G 41 10.07 -39.20 10.53
C LEU G 41 9.45 -40.16 11.52
N LYS G 42 8.24 -39.87 11.96
CA LYS G 42 7.45 -40.83 12.72
C LYS G 42 6.33 -41.37 11.83
N PHE G 43 6.42 -42.63 11.44
CA PHE G 43 5.42 -43.18 10.54
C PHE G 43 4.12 -43.45 11.28
N ILE G 44 3.02 -42.99 10.69
CA ILE G 44 1.68 -43.14 11.27
C ILE G 44 0.95 -44.28 10.59
N ASN G 45 1.10 -44.39 9.28
CA ASN G 45 0.40 -45.43 8.53
C ASN G 45 1.06 -45.75 7.20
N ILE G 46 0.73 -46.92 6.68
CA ILE G 46 1.19 -47.38 5.38
C ILE G 46 -0.06 -47.80 4.65
N LEU G 47 -0.29 -47.22 3.47
CA LEU G 47 -1.59 -47.31 2.82
C LEU G 47 -1.41 -47.51 1.33
N GLU G 48 -2.48 -47.95 0.68
CA GLU G 48 -2.54 -48.02 -0.79
C GLU G 48 -1.28 -48.64 -1.37
N VAL G 49 -0.93 -49.80 -0.84
CA VAL G 49 0.27 -50.52 -1.25
C VAL G 49 0.01 -51.30 -2.53
N ASN G 50 0.73 -50.96 -3.60
CA ASN G 50 0.48 -51.57 -4.92
C ASN G 50 1.64 -52.49 -5.34
N GLU G 51 1.42 -53.80 -5.21
CA GLU G 51 2.45 -54.79 -5.53
C GLU G 51 2.77 -54.79 -7.01
N ILE G 52 1.78 -54.40 -7.82
CA ILE G 52 1.95 -54.47 -9.27
C ILE G 52 2.79 -53.30 -9.79
N THR G 53 2.56 -52.10 -9.25
CA THR G 53 3.28 -50.91 -9.71
C THR G 53 4.45 -50.52 -8.81
N ASN G 54 4.64 -51.25 -7.72
CA ASN G 54 5.71 -51.01 -6.75
C ASN G 54 5.61 -49.60 -6.15
N GLU G 55 4.42 -49.26 -5.67
CA GLU G 55 4.17 -47.95 -5.07
C GLU G 55 3.49 -48.11 -3.71
N VAL G 56 3.79 -47.16 -2.83
CA VAL G 56 3.31 -47.17 -1.47
C VAL G 56 2.95 -45.74 -1.05
N ASP G 57 1.80 -45.56 -0.41
CA ASP G 57 1.49 -44.31 0.31
C ASP G 57 1.91 -44.42 1.75
N VAL G 58 2.60 -43.40 2.26
CA VAL G 58 2.88 -43.32 3.69
C VAL G 58 2.32 -42.04 4.29
N VAL G 59 2.00 -42.09 5.58
CA VAL G 59 1.68 -40.91 6.38
C VAL G 59 2.72 -40.86 7.50
N PHE G 60 3.39 -39.73 7.63
CA PHE G 60 4.37 -39.56 8.70
C PHE G 60 4.31 -38.17 9.28
N TRP G 61 4.66 -38.05 10.55
CA TRP G 61 4.86 -36.75 11.16
C TRP G 61 6.33 -36.44 10.98
N GLN G 62 6.62 -35.34 10.32
CA GLN G 62 8.00 -34.96 10.07
C GLN G 62 8.52 -34.06 11.19
N GLN G 63 9.13 -34.65 12.20
CA GLN G 63 9.66 -33.88 13.32
C GLN G 63 10.88 -33.08 12.86
N THR G 64 10.77 -31.76 12.90
CA THR G 64 11.78 -30.89 12.34
C THR G 64 12.15 -29.77 13.34
N THR G 65 13.44 -29.58 13.59
CA THR G 65 13.86 -28.50 14.46
C THR G 65 15.10 -27.83 13.90
N TRP G 66 15.22 -26.55 14.21
CA TRP G 66 16.43 -25.81 13.93
C TRP G 66 16.41 -24.64 14.88
N SER G 67 17.46 -23.83 14.83
CA SER G 67 17.55 -22.68 15.71
C SER G 67 17.78 -21.40 14.90
N ASP G 68 17.19 -20.29 15.36
CA ASP G 68 17.55 -18.98 14.87
C ASP G 68 17.65 -18.07 16.06
N ARG G 69 18.85 -17.88 16.57
CA ARG G 69 18.99 -17.18 17.83
C ARG G 69 18.58 -15.70 17.73
N THR G 70 18.51 -15.15 16.52
CA THR G 70 18.04 -13.78 16.40
C THR G 70 16.57 -13.69 16.83
N LEU G 71 15.88 -14.82 16.88
CA LEU G 71 14.48 -14.82 17.31
C LEU G 71 14.32 -14.89 18.82
N ALA G 72 15.42 -15.13 19.54
CA ALA G 72 15.31 -15.42 20.96
C ALA G 72 14.80 -14.20 21.73
N TRP G 73 14.09 -14.45 22.82
CA TRP G 73 13.72 -13.34 23.70
C TRP G 73 13.84 -13.73 25.17
N ASN G 74 13.86 -12.72 26.00
CA ASN G 74 13.82 -12.86 27.45
C ASN G 74 12.46 -13.33 27.97
N SER G 75 12.36 -14.58 28.42
CA SER G 75 11.08 -15.09 28.90
C SER G 75 10.96 -15.16 30.42
N SER G 76 11.84 -14.44 31.12
CA SER G 76 11.74 -14.27 32.57
C SER G 76 10.31 -14.07 33.03
N HIS G 77 9.62 -13.12 32.41
CA HIS G 77 8.24 -12.85 32.75
C HIS G 77 7.35 -12.79 31.52
N SER G 78 7.53 -13.73 30.60
CA SER G 78 6.72 -13.76 29.39
C SER G 78 6.65 -15.20 28.87
N PRO G 79 5.76 -15.47 27.90
CA PRO G 79 5.63 -16.82 27.37
C PRO G 79 6.96 -17.45 26.95
N ASP G 80 7.09 -18.74 27.19
CA ASP G 80 8.26 -19.54 26.81
C ASP G 80 8.26 -19.87 25.32
N GLN G 81 7.06 -19.96 24.75
CA GLN G 81 6.84 -20.45 23.39
C GLN G 81 5.58 -19.86 22.82
N VAL G 82 5.56 -19.63 21.51
CA VAL G 82 4.31 -19.30 20.83
C VAL G 82 4.22 -20.08 19.52
N SER G 83 3.02 -20.23 19.01
CA SER G 83 2.82 -20.79 17.67
C SER G 83 2.86 -19.66 16.66
N VAL G 84 3.43 -19.96 15.49
CA VAL G 84 3.66 -18.97 14.44
C VAL G 84 3.34 -19.60 13.09
N PRO G 85 2.56 -18.90 12.24
CA PRO G 85 2.37 -19.44 10.89
C PRO G 85 3.72 -19.54 10.18
N ILE G 86 3.96 -20.62 9.44
CA ILE G 86 5.30 -20.77 8.86
C ILE G 86 5.59 -19.75 7.77
N SER G 87 4.55 -19.13 7.20
CA SER G 87 4.75 -18.04 6.25
C SER G 87 5.49 -16.85 6.88
N SER G 88 5.48 -16.75 8.20
CA SER G 88 6.20 -15.68 8.91
C SER G 88 7.66 -16.03 9.19
N LEU G 89 8.03 -17.28 8.94
CA LEU G 89 9.35 -17.79 9.28
C LEU G 89 10.13 -18.30 8.09
N TRP G 90 11.45 -18.30 8.20
CA TRP G 90 12.26 -19.16 7.35
C TRP G 90 12.03 -20.60 7.79
N VAL G 91 11.76 -21.47 6.82
CA VAL G 91 11.67 -22.90 7.07
C VAL G 91 12.63 -23.55 6.06
N PRO G 92 13.33 -24.62 6.48
CA PRO G 92 14.24 -25.25 5.52
C PRO G 92 13.48 -25.77 4.32
N ASP G 93 14.08 -25.68 3.13
CA ASP G 93 13.44 -26.10 1.89
C ASP G 93 13.62 -27.63 1.70
N LEU G 94 13.13 -28.39 2.67
CA LEU G 94 13.29 -29.84 2.64
C LEU G 94 12.40 -30.46 1.56
N ALA G 95 12.89 -31.53 0.95
CA ALA G 95 12.10 -32.27 0.00
C ALA G 95 12.48 -33.73 0.09
N ALA G 96 11.51 -34.60 -0.15
CA ALA G 96 11.82 -36.01 -0.37
C ALA G 96 12.28 -36.14 -1.81
N TYR G 97 13.59 -36.24 -1.99
CA TYR G 97 14.20 -36.20 -3.33
C TYR G 97 13.55 -37.16 -4.32
N ASN G 98 13.20 -38.34 -3.82
CA ASN G 98 12.76 -39.41 -4.68
C ASN G 98 11.26 -39.70 -4.61
N ALA G 99 10.49 -38.74 -4.10
CA ALA G 99 9.04 -38.92 -4.04
C ALA G 99 8.46 -38.96 -5.45
N ILE G 100 7.30 -39.58 -5.60
CA ILE G 100 6.64 -39.63 -6.90
C ILE G 100 5.24 -39.03 -6.86
N SER G 101 4.95 -38.29 -5.79
CA SER G 101 3.72 -37.51 -5.68
C SER G 101 4.01 -36.30 -4.83
N LYS G 102 3.13 -35.31 -4.87
CA LYS G 102 3.27 -34.15 -3.99
C LYS G 102 3.10 -34.50 -2.53
N PRO G 103 3.89 -33.87 -1.66
CA PRO G 103 3.55 -34.06 -0.25
C PRO G 103 2.17 -33.46 0.04
N GLU G 104 1.30 -34.20 0.69
CA GLU G 104 0.02 -33.61 1.06
CA GLU G 104 -0.01 -33.69 1.07
C GLU G 104 0.03 -33.35 2.56
N VAL G 105 0.07 -32.07 2.92
CA VAL G 105 0.17 -31.70 4.33
C VAL G 105 -1.20 -31.76 4.96
N LEU G 106 -1.34 -32.52 6.04
CA LEU G 106 -2.66 -32.80 6.61
C LEU G 106 -2.97 -31.91 7.82
N THR G 107 -2.02 -31.07 8.19
CA THR G 107 -2.10 -30.35 9.46
C THR G 107 -1.91 -28.84 9.27
N PRO G 108 -2.40 -28.03 10.23
CA PRO G 108 -2.17 -26.58 10.24
C PRO G 108 -0.70 -26.25 10.10
N GLN G 109 -0.38 -25.33 9.20
CA GLN G 109 1.01 -25.02 8.92
C GLN G 109 1.53 -23.98 9.89
N LEU G 110 1.70 -24.42 11.13
CA LEU G 110 2.21 -23.58 12.20
C LEU G 110 3.47 -24.22 12.72
N ALA G 111 4.37 -23.41 13.25
CA ALA G 111 5.51 -23.94 13.99
C ALA G 111 5.46 -23.37 15.39
N ARG G 112 6.23 -23.97 16.30
CA ARG G 112 6.47 -23.37 17.61
C ARG G 112 7.82 -22.67 17.60
N VAL G 113 7.85 -21.45 18.14
CA VAL G 113 9.12 -20.77 18.33
C VAL G 113 9.32 -20.64 19.84
N VAL G 114 10.47 -21.14 20.30
CA VAL G 114 10.82 -21.19 21.73
C VAL G 114 11.65 -19.96 22.02
N SER G 115 11.61 -19.46 23.26
CA SER G 115 12.25 -18.18 23.57
C SER G 115 13.76 -18.21 23.41
N ASP G 116 14.35 -19.40 23.30
CA ASP G 116 15.80 -19.51 23.08
C ASP G 116 16.12 -19.54 21.59
N GLY G 117 15.10 -19.36 20.76
CA GLY G 117 15.31 -19.26 19.33
C GLY G 117 15.16 -20.59 18.57
N GLU G 118 14.90 -21.67 19.31
CA GLU G 118 14.61 -22.95 18.65
C GLU G 118 13.25 -22.91 17.95
N VAL G 119 13.18 -23.52 16.77
CA VAL G 119 11.93 -23.61 16.05
C VAL G 119 11.55 -25.08 15.90
N LEU G 120 10.32 -25.41 16.26
CA LEU G 120 9.79 -26.77 16.16
C LEU G 120 8.67 -26.81 15.13
N TYR G 121 8.83 -27.66 14.13
CA TYR G 121 7.86 -27.78 13.05
C TYR G 121 7.60 -29.26 12.77
N MET G 122 6.32 -29.65 12.68
CA MET G 122 6.00 -31.06 12.49
C MET G 122 4.72 -31.23 11.68
N PRO G 123 4.84 -31.17 10.36
CA PRO G 123 3.64 -31.43 9.56
C PRO G 123 3.31 -32.91 9.53
N SER G 124 2.03 -33.26 9.44
CA SER G 124 1.64 -34.61 9.05
C SER G 124 1.54 -34.62 7.53
N ILE G 125 2.31 -35.52 6.92
CA ILE G 125 2.43 -35.59 5.48
C ILE G 125 2.03 -36.96 4.96
N ARG G 126 1.20 -36.94 3.91
CA ARG G 126 0.90 -38.13 3.15
C ARG G 126 1.53 -37.97 1.78
N GLN G 127 2.25 -39.00 1.34
CA GLN G 127 3.06 -38.91 0.14
C GLN G 127 3.35 -40.30 -0.40
N ARG G 128 3.47 -40.40 -1.72
CA ARG G 128 3.66 -41.68 -2.41
C ARG G 128 5.10 -41.88 -2.84
N PHE G 129 5.57 -43.12 -2.71
CA PHE G 129 6.93 -43.46 -3.09
C PHE G 129 6.95 -44.73 -3.92
N SER G 130 8.03 -44.90 -4.68
CA SER G 130 8.30 -46.15 -5.37
C SER G 130 9.07 -47.08 -4.45
N CYS G 131 8.54 -48.29 -4.23
CA CYS G 131 9.13 -49.17 -3.22
C CYS G 131 9.24 -50.62 -3.69
N ASP G 132 10.18 -51.36 -3.13
CA ASP G 132 10.27 -52.80 -3.37
C ASP G 132 9.14 -53.49 -2.61
N VAL G 133 8.03 -53.72 -3.30
CA VAL G 133 6.81 -54.23 -2.66
C VAL G 133 6.59 -55.74 -2.94
N SER G 134 7.38 -56.30 -3.86
CA SER G 134 7.17 -57.69 -4.29
C SER G 134 7.06 -58.68 -3.12
N GLY G 135 7.89 -58.50 -2.09
CA GLY G 135 7.86 -59.39 -0.94
C GLY G 135 7.03 -58.96 0.27
N VAL G 136 6.08 -58.05 0.06
CA VAL G 136 5.34 -57.47 1.19
C VAL G 136 4.54 -58.50 1.98
N ASP G 137 4.08 -59.55 1.31
CA ASP G 137 3.34 -60.62 1.95
C ASP G 137 4.26 -61.74 2.42
N THR G 138 5.57 -61.54 2.30
CA THR G 138 6.52 -62.55 2.75
C THR G 138 7.12 -62.13 4.09
N GLU G 139 7.92 -63.01 4.68
CA GLU G 139 8.44 -62.77 6.01
CA GLU G 139 8.47 -62.77 6.01
C GLU G 139 9.50 -61.66 5.99
N SER G 140 10.25 -61.56 4.89
CA SER G 140 11.28 -60.52 4.78
C SER G 140 10.67 -59.15 4.47
N GLY G 141 9.53 -59.15 3.78
CA GLY G 141 8.70 -57.97 3.67
C GLY G 141 9.11 -57.01 2.56
N ALA G 142 8.68 -55.77 2.69
CA ALA G 142 8.89 -54.74 1.67
C ALA G 142 9.78 -53.63 2.20
N THR G 143 10.37 -52.84 1.30
CA THR G 143 11.27 -51.78 1.70
C THR G 143 11.01 -50.52 0.89
N CYS G 144 10.83 -49.41 1.59
CA CYS G 144 10.81 -48.07 1.00
C CYS G 144 12.03 -47.34 1.50
N ARG G 145 12.70 -46.61 0.61
CA ARG G 145 13.76 -45.72 1.04
C ARG G 145 13.38 -44.29 0.68
N ILE G 146 13.32 -43.45 1.71
CA ILE G 146 12.93 -42.06 1.53
C ILE G 146 14.12 -41.17 1.82
N LYS G 147 14.51 -40.34 0.85
CA LYS G 147 15.65 -39.45 1.04
C LYS G 147 15.17 -38.00 1.16
N ILE G 148 15.42 -37.40 2.33
CA ILE G 148 14.97 -36.06 2.63
C ILE G 148 16.13 -35.13 2.91
N GLY G 149 16.22 -34.05 2.14
CA GLY G 149 17.24 -33.03 2.35
C GLY G 149 16.82 -31.68 1.78
N SER G 150 17.69 -30.69 1.91
CA SER G 150 17.45 -29.39 1.30
C SER G 150 17.35 -29.57 -0.20
N TRP G 151 16.36 -28.92 -0.82
CA TRP G 151 16.28 -28.96 -2.28
C TRP G 151 17.36 -28.10 -2.95
N THR G 152 17.76 -26.99 -2.33
CA THR G 152 18.68 -26.06 -2.99
C THR G 152 19.90 -25.60 -2.19
N HIS G 153 20.03 -26.04 -0.93
CA HIS G 153 21.17 -25.61 -0.12
C HIS G 153 22.15 -26.76 0.12
N HIS G 154 23.41 -26.56 -0.25
CA HIS G 154 24.41 -27.64 -0.10
C HIS G 154 24.92 -27.66 1.34
N SER G 155 25.81 -28.58 1.64
CA SER G 155 26.21 -28.87 3.02
C SER G 155 26.89 -27.72 3.75
N ARG G 156 27.45 -26.77 3.02
CA ARG G 156 28.06 -25.61 3.70
C ARG G 156 26.98 -24.64 4.20
N GLU G 157 25.77 -24.74 3.67
CA GLU G 157 24.69 -23.81 4.05
C GLU G 157 23.67 -24.45 4.99
N ILE G 158 23.35 -25.71 4.75
CA ILE G 158 22.39 -26.43 5.57
C ILE G 158 22.89 -27.83 5.83
N SER G 159 22.98 -28.21 7.09
CA SER G 159 23.27 -29.59 7.42
C SER G 159 21.99 -30.28 7.91
N VAL G 160 21.81 -31.52 7.50
CA VAL G 160 20.65 -32.28 7.91
C VAL G 160 21.09 -33.43 8.81
N ASP G 161 20.56 -33.48 10.01
CA ASP G 161 20.98 -34.50 10.96
C ASP G 161 19.76 -35.26 11.40
N PRO G 162 19.81 -36.59 11.28
CA PRO G 162 18.68 -37.36 11.78
C PRO G 162 18.74 -37.36 13.28
N THR G 163 17.63 -37.64 13.95
CA THR G 163 17.71 -37.88 15.37
C THR G 163 16.72 -38.95 15.82
N THR G 164 16.59 -39.98 14.98
CA THR G 164 15.88 -41.24 15.27
C THR G 164 15.37 -41.40 16.70
N ASN G 166 13.27 -42.24 19.68
CA ASN G 166 14.14 -43.31 19.22
C ASN G 166 13.38 -44.23 18.27
N SER G 167 13.19 -45.48 18.68
CA SER G 167 12.08 -46.22 18.13
C SER G 167 11.00 -46.31 19.19
N ASP G 168 10.43 -45.14 19.47
CA ASP G 168 9.19 -44.98 20.21
C ASP G 168 8.04 -44.99 19.20
N ASP G 169 8.24 -45.74 18.12
CA ASP G 169 7.32 -45.81 16.99
C ASP G 169 5.94 -46.25 17.42
N SER G 170 5.92 -47.03 18.49
CA SER G 170 4.73 -47.55 19.14
C SER G 170 3.71 -46.47 19.39
N GLU G 171 4.21 -45.29 19.77
CA GLU G 171 3.38 -44.16 20.11
C GLU G 171 2.69 -43.54 18.89
N TYR G 172 3.21 -43.81 17.69
CA TYR G 172 2.76 -43.11 16.47
C TYR G 172 2.05 -43.99 15.45
N PHE G 173 2.60 -45.17 15.19
CA PHE G 173 2.08 -46.01 14.13
C PHE G 173 0.67 -46.50 14.48
N SER G 174 -0.24 -46.40 13.52
CA SER G 174 -1.63 -46.79 13.74
C SER G 174 -1.80 -48.27 14.10
N GLN G 175 -2.61 -48.55 15.13
CA GLN G 175 -2.99 -49.92 15.47
C GLN G 175 -3.70 -50.64 14.34
N TYR G 176 -4.34 -49.88 13.46
CA TYR G 176 -5.27 -50.46 12.52
C TYR G 176 -4.70 -50.61 11.11
N SER G 177 -3.42 -50.29 10.95
CA SER G 177 -2.75 -50.53 9.68
C SER G 177 -2.85 -51.99 9.26
N ARG G 178 -2.92 -52.18 7.95
CA ARG G 178 -2.85 -53.50 7.34
CA ARG G 178 -2.85 -53.50 7.35
C ARG G 178 -1.43 -54.04 7.48
N PHE G 179 -0.50 -53.16 7.78
CA PHE G 179 0.92 -53.50 7.81
C PHE G 179 1.56 -53.31 9.18
N GLU G 180 2.75 -53.86 9.34
CA GLU G 180 3.51 -53.71 10.57
C GLU G 180 4.95 -53.38 10.20
N ILE G 181 5.62 -52.64 11.07
CA ILE G 181 6.97 -52.19 10.76
C ILE G 181 8.00 -53.18 11.28
N LEU G 182 8.87 -53.68 10.39
CA LEU G 182 9.98 -54.55 10.80
C LEU G 182 11.13 -53.70 11.31
N ASP G 183 11.43 -52.63 10.58
CA ASP G 183 12.51 -51.74 10.95
C ASP G 183 12.39 -50.36 10.30
N VAL G 184 12.74 -49.31 11.04
CA VAL G 184 12.99 -48.00 10.44
C VAL G 184 14.40 -47.52 10.83
N THR G 185 15.22 -47.18 9.85
CA THR G 185 16.45 -46.45 10.15
C THR G 185 16.40 -45.11 9.45
N GLN G 186 17.04 -44.13 10.07
CA GLN G 186 17.13 -42.78 9.53
C GLN G 186 18.59 -42.38 9.65
N LYS G 187 19.29 -42.43 8.52
CA LYS G 187 20.73 -42.29 8.51
C LYS G 187 21.21 -41.04 7.80
N LYS G 188 22.24 -40.40 8.33
CA LYS G 188 22.83 -39.26 7.67
C LYS G 188 23.54 -39.75 6.39
N ASN G 189 23.33 -39.04 5.30
CA ASN G 189 24.01 -39.37 4.07
C ASN G 189 24.38 -38.07 3.35
N SER G 190 25.35 -38.15 2.45
CA SER G 190 25.67 -37.05 1.55
C SER G 190 25.33 -37.49 0.16
N VAL G 191 24.77 -36.58 -0.62
CA VAL G 191 24.55 -36.90 -2.02
C VAL G 191 25.30 -35.91 -2.92
N THR G 192 25.99 -36.45 -3.91
CA THR G 192 26.63 -35.64 -4.94
C THR G 192 26.21 -36.20 -6.30
N TYR G 193 26.27 -35.39 -7.33
CA TYR G 193 25.94 -35.86 -8.67
C TYR G 193 27.10 -35.52 -9.60
N SER G 194 27.36 -36.39 -10.57
CA SER G 194 28.51 -36.20 -11.45
C SER G 194 28.40 -34.88 -12.20
N CYS G 195 27.18 -34.40 -12.42
CA CYS G 195 26.99 -33.13 -13.12
C CYS G 195 27.48 -31.94 -12.32
N CYS G 196 27.49 -32.06 -11.00
CA CYS G 196 27.45 -30.85 -10.20
C CYS G 196 28.42 -30.85 -9.04
N PRO G 197 29.00 -29.68 -8.73
CA PRO G 197 29.83 -29.62 -7.53
C PRO G 197 28.93 -29.69 -6.30
N GLU G 198 29.55 -29.72 -5.13
CA GLU G 198 28.88 -29.60 -3.84
C GLU G 198 28.18 -30.87 -3.39
N ALA G 199 28.23 -31.08 -2.09
CA ALA G 199 27.52 -32.17 -1.45
C ALA G 199 26.23 -31.65 -0.84
N TYR G 200 25.19 -32.47 -0.89
CA TYR G 200 23.93 -32.17 -0.21
C TYR G 200 23.70 -33.20 0.88
N GLU G 201 23.50 -32.73 2.11
CA GLU G 201 23.24 -33.64 3.20
C GLU G 201 21.78 -34.02 3.17
N ASP G 202 21.51 -35.27 3.51
CA ASP G 202 20.13 -35.72 3.59
C ASP G 202 20.02 -36.72 4.71
N VAL G 203 18.79 -37.05 5.07
CA VAL G 203 18.53 -38.19 5.93
C VAL G 203 17.92 -39.25 5.05
N GLU G 204 18.51 -40.44 5.08
CA GLU G 204 17.96 -41.53 4.30
C GLU G 204 17.13 -42.38 5.25
N VAL G 205 15.82 -42.36 5.03
CA VAL G 205 14.91 -43.13 5.87
C VAL G 205 14.57 -44.44 5.18
N SER G 206 14.94 -45.55 5.82
CA SER G 206 14.61 -46.87 5.28
C SER G 206 13.47 -47.47 6.09
N LEU G 207 12.35 -47.74 5.41
CA LEU G 207 11.17 -48.32 6.01
C LEU G 207 10.98 -49.76 5.55
N ASN G 208 11.19 -50.69 6.48
CA ASN G 208 10.98 -52.12 6.21
C ASN G 208 9.68 -52.58 6.86
N PHE G 209 8.78 -53.15 6.07
CA PHE G 209 7.46 -53.47 6.59
C PHE G 209 6.88 -54.68 5.88
N ARG G 210 5.82 -55.24 6.44
CA ARG G 210 5.17 -56.37 5.80
C ARG G 210 3.72 -56.44 6.22
N LYS G 211 2.93 -57.18 5.45
CA LYS G 211 1.53 -57.36 5.78
C LYS G 211 1.41 -58.11 7.10
N LYS G 212 0.47 -57.68 7.93
CA LYS G 212 0.20 -58.34 9.19
C LYS G 212 -0.23 -59.78 8.92
N GLY G 213 0.28 -60.71 9.73
CA GLY G 213 0.04 -62.13 9.52
C GLY G 213 -1.24 -62.59 10.18
N ASP H 1 33.06 -15.73 -2.76
CA ASP H 1 34.04 -16.26 -1.81
C ASP H 1 33.37 -17.32 -0.93
N TYR H 2 33.77 -18.58 -1.07
CA TYR H 2 33.07 -19.65 -0.37
C TYR H 2 33.15 -19.48 1.16
N LYS H 3 34.20 -18.85 1.65
CA LYS H 3 34.33 -18.62 3.08
C LYS H 3 33.24 -17.65 3.59
N ASP H 4 32.69 -16.83 2.70
CA ASP H 4 31.71 -15.83 3.09
C ASP H 4 30.27 -16.27 2.78
N ASP H 5 30.13 -17.51 2.33
CA ASP H 5 28.84 -18.09 1.95
C ASP H 5 27.77 -17.93 3.03
N ASP H 6 28.17 -18.17 4.28
CA ASP H 6 27.23 -18.15 5.39
C ASP H 6 27.14 -16.79 6.11
N ASP H 7 27.60 -15.73 5.47
CA ASP H 7 27.41 -14.38 6.01
C ASP H 7 25.96 -13.98 5.75
N LYS H 8 25.12 -14.06 6.77
CA LYS H 8 23.67 -13.94 6.58
C LYS H 8 23.27 -12.56 6.06
N LEU H 9 23.88 -11.51 6.59
CA LEU H 9 23.59 -10.16 6.17
C LEU H 9 23.95 -9.96 4.70
N ASP H 10 25.07 -10.55 4.29
CA ASP H 10 25.46 -10.53 2.89
C ASP H 10 24.37 -11.23 2.04
N ARG H 11 23.91 -12.40 2.48
CA ARG H 11 22.88 -13.10 1.71
C ARG H 11 21.60 -12.25 1.60
N ALA H 12 21.21 -11.62 2.70
CA ALA H 12 20.01 -10.78 2.71
C ALA H 12 20.15 -9.63 1.71
N ASP H 13 21.35 -9.06 1.63
CA ASP H 13 21.58 -7.93 0.75
C ASP H 13 21.58 -8.36 -0.71
N ILE H 14 22.16 -9.53 -0.98
CA ILE H 14 22.14 -10.08 -2.34
C ILE H 14 20.68 -10.30 -2.77
N LEU H 15 19.89 -10.87 -1.89
CA LEU H 15 18.48 -11.11 -2.19
C LEU H 15 17.76 -9.76 -2.42
N TYR H 16 18.09 -8.75 -1.62
CA TYR H 16 17.52 -7.44 -1.87
C TYR H 16 17.95 -6.90 -3.23
N ASN H 17 19.23 -7.04 -3.56
CA ASN H 17 19.72 -6.51 -4.85
C ASN H 17 19.06 -7.21 -6.03
N ILE H 18 18.97 -8.53 -5.94
CA ILE H 18 18.31 -9.32 -6.96
C ILE H 18 16.87 -8.86 -7.13
N ARG H 19 16.15 -8.66 -6.03
CA ARG H 19 14.75 -8.22 -6.11
C ARG H 19 14.57 -6.82 -6.68
N GLN H 20 15.53 -5.93 -6.42
CA GLN H 20 15.48 -4.60 -7.00
C GLN H 20 15.72 -4.61 -8.49
N THR H 21 16.62 -5.49 -8.93
CA THR H 21 17.05 -5.54 -10.32
C THR H 21 16.15 -6.42 -11.20
N SER H 22 15.66 -7.52 -10.63
CA SER H 22 14.95 -8.51 -11.41
C SER H 22 13.67 -7.99 -12.06
N ARG H 23 13.47 -8.35 -13.31
CA ARG H 23 12.19 -8.14 -13.99
C ARG H 23 11.57 -9.50 -14.28
N PRO H 24 10.70 -10.01 -13.40
CA PRO H 24 10.23 -11.39 -13.54
C PRO H 24 9.42 -11.64 -14.82
N ASP H 25 8.87 -10.60 -15.43
CA ASP H 25 8.00 -10.84 -16.58
C ASP H 25 8.63 -10.45 -17.91
N VAL H 26 9.90 -10.02 -17.88
CA VAL H 26 10.60 -9.64 -19.10
C VAL H 26 11.75 -10.60 -19.41
N ILE H 27 11.88 -11.05 -20.66
CA ILE H 27 12.96 -11.99 -20.98
C ILE H 27 14.31 -11.30 -20.85
N PRO H 28 15.30 -11.98 -20.25
CA PRO H 28 16.61 -11.39 -19.98
C PRO H 28 17.58 -11.50 -21.18
N THR H 29 17.19 -10.89 -22.28
CA THR H 29 17.97 -10.91 -23.50
CA THR H 29 17.99 -10.88 -23.49
C THR H 29 19.11 -9.93 -23.34
N GLN H 30 20.27 -10.29 -23.85
CA GLN H 30 21.41 -9.49 -23.55
C GLN H 30 22.04 -9.28 -24.91
N ARG H 31 22.60 -8.12 -25.25
CA ARG H 31 23.19 -7.96 -26.58
C ARG H 31 22.28 -8.34 -27.74
N ASP H 32 20.99 -8.03 -27.59
CA ASP H 32 19.95 -8.32 -28.58
C ASP H 32 20.08 -9.73 -29.18
N ARG H 33 20.23 -10.72 -28.30
CA ARG H 33 20.27 -12.12 -28.72
C ARG H 33 19.25 -12.92 -27.93
N PRO H 34 18.78 -14.05 -28.47
CA PRO H 34 17.81 -14.82 -27.68
C PRO H 34 18.38 -15.29 -26.35
N VAL H 35 17.50 -15.57 -25.40
CA VAL H 35 17.92 -16.13 -24.13
C VAL H 35 18.21 -17.61 -24.33
N ALA H 36 19.45 -18.02 -24.06
CA ALA H 36 19.81 -19.43 -24.23
C ALA H 36 19.44 -20.20 -22.97
N VAL H 37 18.44 -21.06 -23.10
CA VAL H 37 17.98 -21.89 -21.98
C VAL H 37 18.45 -23.33 -22.16
N SER H 38 19.29 -23.80 -21.24
CA SER H 38 19.71 -25.20 -21.25
C SER H 38 18.71 -26.03 -20.46
N VAL H 39 18.32 -27.16 -21.03
CA VAL H 39 17.28 -28.00 -20.45
C VAL H 39 17.67 -29.46 -20.61
N SER H 40 17.71 -30.21 -19.52
CA SER H 40 17.87 -31.66 -19.61
C SER H 40 17.00 -32.34 -18.56
N LEU H 41 16.41 -33.48 -18.93
CA LEU H 41 15.57 -34.20 -17.98
C LEU H 41 16.33 -35.37 -17.41
N LYS H 42 16.24 -35.54 -16.09
CA LYS H 42 16.72 -36.73 -15.43
C LYS H 42 15.52 -37.48 -14.87
N PHE H 43 15.27 -38.68 -15.36
CA PHE H 43 14.10 -39.40 -14.91
C PHE H 43 14.31 -40.07 -13.56
N ILE H 44 13.30 -39.90 -12.72
CA ILE H 44 13.28 -40.43 -11.37
C ILE H 44 12.50 -41.73 -11.36
N ASN H 45 11.42 -41.75 -12.13
CA ASN H 45 10.61 -42.94 -12.22
C ASN H 45 9.68 -42.96 -13.41
N ILE H 46 9.30 -44.19 -13.80
CA ILE H 46 8.24 -44.44 -14.76
C ILE H 46 7.19 -45.22 -14.00
N LEU H 47 6.01 -44.62 -13.80
CA LEU H 47 5.05 -45.16 -12.84
C LEU H 47 4.04 -46.09 -13.47
N GLU H 48 3.44 -45.65 -14.57
CA GLU H 48 2.49 -46.46 -15.29
CA GLU H 48 2.43 -46.41 -15.29
C GLU H 48 2.64 -46.16 -16.78
N VAL H 49 2.29 -47.14 -17.57
CA VAL H 49 2.51 -47.08 -18.98
C VAL H 49 1.36 -47.84 -19.62
N ASN H 50 0.89 -47.39 -20.78
CA ASN H 50 -0.21 -48.08 -21.44
C ASN H 50 0.07 -48.18 -22.91
N GLU H 51 0.30 -49.41 -23.38
CA GLU H 51 0.66 -49.68 -24.77
C GLU H 51 -0.53 -49.54 -25.70
N ILE H 52 -1.73 -49.63 -25.14
CA ILE H 52 -2.94 -49.51 -25.95
C ILE H 52 -3.24 -48.03 -26.26
N THR H 53 -3.14 -47.18 -25.24
CA THR H 53 -3.44 -45.76 -25.41
C THR H 53 -2.21 -44.91 -25.74
N ASN H 54 -1.03 -45.52 -25.67
CA ASN H 54 0.23 -44.81 -25.86
C ASN H 54 0.33 -43.62 -24.89
N GLU H 55 0.24 -43.91 -23.60
CA GLU H 55 0.37 -42.90 -22.54
C GLU H 55 1.36 -43.37 -21.49
N VAL H 56 2.11 -42.42 -20.93
CA VAL H 56 3.07 -42.73 -19.88
C VAL H 56 2.92 -41.73 -18.75
N ASP H 57 3.22 -42.18 -17.53
CA ASP H 57 3.19 -41.35 -16.35
C ASP H 57 4.59 -41.41 -15.74
N VAL H 58 5.29 -40.27 -15.73
CA VAL H 58 6.68 -40.27 -15.30
C VAL H 58 6.99 -39.16 -14.27
N VAL H 59 8.08 -39.33 -13.54
CA VAL H 59 8.59 -38.28 -12.65
C VAL H 59 9.99 -37.93 -13.10
N PHE H 60 10.31 -36.65 -13.21
CA PHE H 60 11.64 -36.24 -13.62
C PHE H 60 12.10 -34.93 -12.98
N TRP H 61 13.42 -34.76 -12.90
CA TRP H 61 14.03 -33.51 -12.53
C TRP H 61 14.37 -32.76 -13.78
N GLN H 62 13.82 -31.56 -13.92
CA GLN H 62 14.08 -30.75 -15.10
C GLN H 62 15.22 -29.79 -14.82
N GLN H 63 16.44 -30.24 -15.13
CA GLN H 63 17.61 -29.39 -14.98
C GLN H 63 17.57 -28.23 -15.97
N THR H 64 17.51 -27.01 -15.43
CA THR H 64 17.30 -25.83 -16.25
C THR H 64 18.30 -24.75 -15.87
N THR H 65 19.02 -24.19 -16.85
CA THR H 65 19.88 -23.04 -16.56
C THR H 65 19.77 -21.98 -17.65
N TRP H 66 19.99 -20.73 -17.27
CA TRP H 66 20.10 -19.60 -18.18
C TRP H 66 20.88 -18.53 -17.46
N SER H 67 21.10 -17.41 -18.13
CA SER H 67 21.87 -16.37 -17.53
C SER H 67 21.11 -15.07 -17.55
N ASP H 68 21.24 -14.30 -16.48
CA ASP H 68 20.81 -12.91 -16.51
C ASP H 68 21.90 -12.10 -15.83
N ARG H 69 22.78 -11.56 -16.65
CA ARG H 69 23.95 -10.83 -16.16
C ARG H 69 23.60 -9.58 -15.35
N THR H 70 22.39 -9.06 -15.48
CA THR H 70 22.02 -7.89 -14.67
C THR H 70 21.96 -8.27 -13.20
N LEU H 71 21.85 -9.57 -12.91
CA LEU H 71 21.76 -10.03 -11.52
C LEU H 71 23.14 -10.25 -10.91
N ALA H 72 24.18 -10.17 -11.72
CA ALA H 72 25.51 -10.53 -11.25
C ALA H 72 26.00 -9.56 -10.19
N TRP H 73 26.81 -10.08 -9.27
CA TRP H 73 27.44 -9.20 -8.29
C TRP H 73 28.89 -9.58 -8.02
N ASN H 74 29.59 -8.70 -7.35
CA ASN H 74 30.97 -8.94 -6.99
C ASN H 74 31.04 -9.78 -5.73
N SER H 75 31.48 -11.04 -5.87
CA SER H 75 31.51 -11.97 -4.75
C SER H 75 32.91 -12.21 -4.19
N SER H 76 33.81 -11.26 -4.43
CA SER H 76 35.17 -11.26 -3.85
C SER H 76 35.14 -11.54 -2.35
N HIS H 77 34.24 -10.86 -1.64
CA HIS H 77 34.13 -11.09 -0.21
C HIS H 77 32.68 -11.27 0.20
N SER H 78 31.97 -12.12 -0.51
CA SER H 78 30.57 -12.36 -0.21
C SER H 78 30.11 -13.65 -0.86
N PRO H 79 28.91 -14.15 -0.50
CA PRO H 79 28.48 -15.46 -1.02
C PRO H 79 28.53 -15.56 -2.55
N ASP H 80 28.87 -16.75 -3.03
CA ASP H 80 28.93 -17.11 -4.44
C ASP H 80 27.55 -17.29 -5.06
N GLN H 81 26.58 -17.69 -4.23
CA GLN H 81 25.25 -18.12 -4.69
C GLN H 81 24.26 -17.90 -3.57
N VAL H 82 23.00 -17.66 -3.92
CA VAL H 82 21.93 -17.67 -2.94
C VAL H 82 20.72 -18.37 -3.55
N SER H 83 19.82 -18.88 -2.70
CA SER H 83 18.55 -19.43 -3.20
C SER H 83 17.52 -18.33 -3.25
N VAL H 84 16.65 -18.37 -4.25
CA VAL H 84 15.70 -17.29 -4.50
C VAL H 84 14.36 -17.89 -4.91
N PRO H 85 13.26 -17.46 -4.28
CA PRO H 85 11.95 -17.93 -4.75
C PRO H 85 11.76 -17.58 -6.22
N ILE H 86 11.19 -18.47 -7.03
CA ILE H 86 11.15 -18.15 -8.46
C ILE H 86 10.14 -17.04 -8.77
N SER H 87 9.22 -16.78 -7.85
CA SER H 87 8.31 -15.64 -7.99
C SER H 87 9.09 -14.32 -8.09
N SER H 88 10.33 -14.31 -7.60
CA SER H 88 11.15 -13.09 -7.68
C SER H 88 11.95 -13.00 -8.99
N LEU H 89 11.85 -14.03 -9.82
CA LEU H 89 12.72 -14.16 -10.98
C LEU H 89 11.95 -14.38 -12.27
N TRP H 90 12.53 -13.98 -13.40
CA TRP H 90 12.08 -14.50 -14.67
C TRP H 90 12.46 -15.98 -14.78
N VAL H 91 11.52 -16.80 -15.22
CA VAL H 91 11.84 -18.18 -15.53
C VAL H 91 11.25 -18.50 -16.91
N PRO H 92 11.95 -19.30 -17.70
CA PRO H 92 11.45 -19.59 -19.06
C PRO H 92 10.07 -20.24 -19.00
N ASP H 93 9.18 -19.83 -19.89
CA ASP H 93 7.83 -20.40 -19.95
C ASP H 93 7.83 -21.75 -20.67
N LEU H 94 8.60 -22.71 -20.16
CA LEU H 94 8.68 -24.04 -20.79
C LEU H 94 7.37 -24.81 -20.62
N ALA H 95 7.03 -25.59 -21.63
CA ALA H 95 5.91 -26.52 -21.55
C ALA H 95 6.24 -27.73 -22.41
N ALA H 96 5.73 -28.88 -22.01
CA ALA H 96 5.82 -30.08 -22.82
C ALA H 96 4.67 -30.08 -23.83
N TYR H 97 5.00 -30.06 -25.12
CA TYR H 97 4.00 -29.97 -26.17
C TYR H 97 3.10 -31.21 -26.26
N ASN H 98 3.59 -32.35 -25.76
CA ASN H 98 2.77 -33.57 -25.76
C ASN H 98 2.37 -34.02 -24.36
N ALA H 99 2.35 -33.08 -23.41
CA ALA H 99 1.83 -33.38 -22.08
C ALA H 99 0.31 -33.55 -22.13
N ILE H 100 -0.19 -34.49 -21.35
CA ILE H 100 -1.63 -34.70 -21.29
C ILE H 100 -2.14 -34.55 -19.86
N SER H 101 -1.28 -34.08 -18.97
CA SER H 101 -1.72 -33.66 -17.64
C SER H 101 -0.93 -32.44 -17.21
N LYS H 102 -1.44 -31.72 -16.21
CA LYS H 102 -0.70 -30.63 -15.59
C LYS H 102 0.66 -31.09 -15.07
N PRO H 103 1.69 -30.27 -15.22
CA PRO H 103 2.94 -30.64 -14.58
C PRO H 103 2.77 -30.47 -13.07
N GLU H 104 2.92 -31.56 -12.32
CA GLU H 104 2.79 -31.56 -10.87
CA GLU H 104 2.78 -31.45 -10.89
C GLU H 104 4.17 -31.31 -10.25
N VAL H 105 4.40 -30.15 -9.67
CA VAL H 105 5.73 -29.83 -9.11
C VAL H 105 5.82 -30.34 -7.68
N LEU H 106 6.83 -31.16 -7.43
CA LEU H 106 6.92 -31.88 -6.16
C LEU H 106 7.82 -31.17 -5.15
N THR H 107 8.50 -30.12 -5.58
CA THR H 107 9.63 -29.57 -4.81
C THR H 107 9.50 -28.08 -4.53
N PRO H 108 10.26 -27.58 -3.54
CA PRO H 108 10.22 -26.13 -3.27
C PRO H 108 10.56 -25.32 -4.51
N GLN H 109 9.78 -24.28 -4.78
CA GLN H 109 9.93 -23.50 -6.01
C GLN H 109 10.94 -22.40 -5.82
N LEU H 110 12.20 -22.82 -5.72
CA LEU H 110 13.35 -21.96 -5.52
C LEU H 110 14.33 -22.20 -6.61
N ALA H 111 15.10 -21.17 -6.97
CA ALA H 111 16.19 -21.34 -7.90
C ALA H 111 17.47 -20.88 -7.23
N ARG H 112 18.61 -21.24 -7.81
CA ARG H 112 19.88 -20.67 -7.36
C ARG H 112 20.32 -19.59 -8.34
N VAL H 113 20.75 -18.45 -7.79
CA VAL H 113 21.36 -17.39 -8.57
C VAL H 113 22.84 -17.32 -8.17
N VAL H 114 23.70 -17.51 -9.17
CA VAL H 114 25.16 -17.46 -8.99
C VAL H 114 25.64 -16.04 -9.21
N SER H 115 26.72 -15.63 -8.54
CA SER H 115 27.21 -14.25 -8.59
C SER H 115 27.56 -13.77 -10.00
N ASP H 116 27.77 -14.70 -10.93
CA ASP H 116 28.05 -14.32 -12.30
C ASP H 116 26.77 -14.15 -13.13
N GLY H 117 25.61 -14.31 -12.49
CA GLY H 117 24.35 -14.10 -13.18
C GLY H 117 23.68 -15.38 -13.71
N GLU H 118 24.31 -16.53 -13.51
CA GLU H 118 23.69 -17.79 -13.88
C GLU H 118 22.55 -18.10 -12.93
N VAL H 119 21.46 -18.62 -13.48
CA VAL H 119 20.33 -19.09 -12.68
C VAL H 119 20.14 -20.57 -12.90
N LEU H 120 20.02 -21.32 -11.81
CA LEU H 120 19.80 -22.76 -11.91
C LEU H 120 18.47 -23.09 -11.27
N TYR H 121 17.66 -23.82 -11.99
CA TYR H 121 16.29 -24.13 -11.56
C TYR H 121 16.05 -25.59 -11.90
N MET H 122 15.56 -26.38 -10.94
CA MET H 122 15.36 -27.80 -11.19
C MET H 122 14.18 -28.32 -10.43
N PRO H 123 12.97 -28.10 -10.97
CA PRO H 123 11.80 -28.70 -10.33
C PRO H 123 11.79 -30.21 -10.55
N SER H 124 11.32 -30.95 -9.55
CA SER H 124 10.93 -32.32 -9.79
C SER H 124 9.47 -32.34 -10.20
N ILE H 125 9.18 -32.99 -11.31
CA ILE H 125 7.86 -32.92 -11.91
C ILE H 125 7.28 -34.30 -12.19
N ARG H 126 6.02 -34.48 -11.79
CA ARG H 126 5.27 -35.63 -12.24
C ARG H 126 4.30 -35.18 -13.31
N GLN H 127 4.27 -35.90 -14.42
CA GLN H 127 3.43 -35.49 -15.55
C GLN H 127 3.15 -36.67 -16.47
N ARG H 128 2.01 -36.63 -17.17
CA ARG H 128 1.69 -37.69 -18.11
CA ARG H 128 1.67 -37.69 -18.11
C ARG H 128 1.83 -37.21 -19.56
N PHE H 129 2.21 -38.13 -20.43
CA PHE H 129 2.51 -37.80 -21.83
C PHE H 129 1.87 -38.75 -22.81
N SER H 130 1.59 -38.23 -24.00
CA SER H 130 1.19 -39.05 -25.13
C SER H 130 2.44 -39.27 -25.97
N CYS H 131 2.86 -40.53 -26.09
CA CYS H 131 4.06 -40.86 -26.84
C CYS H 131 4.07 -42.35 -27.18
N ASP H 132 5.03 -42.75 -27.99
CA ASP H 132 5.09 -44.12 -28.49
C ASP H 132 5.52 -45.12 -27.42
N VAL H 133 4.57 -45.92 -26.93
CA VAL H 133 4.86 -46.96 -25.95
C VAL H 133 5.03 -48.34 -26.62
N SER H 134 4.93 -48.37 -27.95
CA SER H 134 5.03 -49.67 -28.63
C SER H 134 6.40 -50.27 -28.42
N GLY H 135 6.43 -51.57 -28.11
CA GLY H 135 7.67 -52.28 -27.90
C GLY H 135 8.14 -52.31 -26.46
N VAL H 136 7.34 -51.79 -25.53
CA VAL H 136 7.79 -51.66 -24.13
C VAL H 136 8.07 -53.04 -23.50
N ASP H 137 7.42 -54.08 -24.01
CA ASP H 137 7.59 -55.44 -23.49
C ASP H 137 8.60 -56.25 -24.30
N THR H 138 9.35 -55.58 -25.16
CA THR H 138 10.36 -56.25 -25.97
C THR H 138 11.74 -55.86 -25.46
N GLU H 139 12.78 -56.57 -25.89
CA GLU H 139 14.13 -56.27 -25.43
C GLU H 139 14.63 -54.92 -25.94
N SER H 140 14.13 -54.48 -27.09
CA SER H 140 14.54 -53.18 -27.65
C SER H 140 13.82 -52.04 -26.94
N GLY H 141 12.70 -52.36 -26.29
CA GLY H 141 11.93 -51.40 -25.52
C GLY H 141 11.15 -50.41 -26.35
N ALA H 142 10.40 -49.54 -25.67
CA ALA H 142 9.72 -48.42 -26.32
C ALA H 142 10.61 -47.20 -26.35
N THR H 143 10.35 -46.28 -27.26
CA THR H 143 11.04 -45.00 -27.25
C THR H 143 10.01 -43.89 -27.26
N CYS H 144 9.81 -43.32 -26.08
CA CYS H 144 8.84 -42.27 -25.85
C CYS H 144 9.53 -40.91 -25.93
N ARG H 145 9.07 -40.06 -26.85
CA ARG H 145 9.69 -38.76 -27.05
C ARG H 145 8.85 -37.66 -26.39
N ILE H 146 9.50 -36.92 -25.51
CA ILE H 146 8.89 -35.79 -24.81
C ILE H 146 9.47 -34.50 -25.38
N LYS H 147 8.60 -33.59 -25.80
CA LYS H 147 9.06 -32.39 -26.47
C LYS H 147 8.79 -31.20 -25.59
N ILE H 148 9.83 -30.44 -25.26
CA ILE H 148 9.74 -29.31 -24.36
C ILE H 148 10.34 -28.07 -24.98
N GLY H 149 9.58 -26.98 -24.99
CA GLY H 149 10.08 -25.71 -25.49
C GLY H 149 9.26 -24.58 -24.90
N SER H 150 9.60 -23.35 -25.28
CA SER H 150 8.88 -22.18 -24.79
C SER H 150 7.43 -22.21 -25.28
N TRP H 151 6.49 -21.79 -24.45
CA TRP H 151 5.10 -21.77 -24.89
C TRP H 151 4.82 -20.55 -25.78
N THR H 152 5.48 -19.42 -25.49
CA THR H 152 5.13 -18.16 -26.18
C THR H 152 6.30 -17.40 -26.80
N HIS H 153 7.53 -17.88 -26.66
CA HIS H 153 8.69 -17.16 -27.19
C HIS H 153 9.31 -17.93 -28.36
N HIS H 154 9.32 -17.32 -29.55
CA HIS H 154 9.92 -17.99 -30.70
C HIS H 154 11.45 -17.95 -30.62
N SER H 155 12.11 -18.51 -31.62
CA SER H 155 13.56 -18.78 -31.58
C SER H 155 14.41 -17.51 -31.50
N ARG H 156 13.87 -16.38 -31.90
CA ARG H 156 14.65 -15.15 -31.81
C ARG H 156 14.64 -14.61 -30.37
N GLU H 157 13.74 -15.13 -29.53
CA GLU H 157 13.63 -14.66 -28.13
C GLU H 157 14.18 -15.70 -27.13
N ILE H 158 13.87 -16.97 -27.36
CA ILE H 158 14.40 -18.03 -26.52
C ILE H 158 14.95 -19.13 -27.40
N SER H 159 16.17 -19.55 -27.11
CA SER H 159 16.72 -20.73 -27.77
C SER H 159 16.86 -21.83 -26.72
N VAL H 160 16.62 -23.07 -27.12
CA VAL H 160 16.70 -24.18 -26.18
C VAL H 160 17.91 -25.03 -26.51
N ASP H 161 18.76 -25.27 -25.52
CA ASP H 161 19.98 -26.03 -25.72
C ASP H 161 19.98 -27.29 -24.87
N PRO H 162 19.89 -28.44 -25.52
CA PRO H 162 19.85 -29.74 -24.84
C PRO H 162 21.23 -30.21 -24.37
N THR H 163 21.27 -31.13 -23.41
CA THR H 163 22.53 -31.75 -23.01
C THR H 163 22.96 -32.70 -24.10
N THR H 164 24.25 -32.94 -24.21
CA THR H 164 24.72 -33.95 -25.13
C THR H 164 25.02 -35.25 -24.37
N GLU H 165 24.71 -35.29 -23.08
CA GLU H 165 24.96 -36.51 -22.31
C GLU H 165 24.01 -37.61 -22.74
N ASN H 166 24.56 -38.81 -22.89
CA ASN H 166 23.77 -39.99 -23.20
C ASN H 166 23.90 -40.93 -21.99
N SER H 167 22.79 -41.30 -21.34
CA SER H 167 22.87 -42.21 -20.19
C SER H 167 21.55 -42.91 -19.90
N ASP H 168 21.58 -43.85 -18.95
CA ASP H 168 20.35 -44.46 -18.47
C ASP H 168 19.89 -43.82 -17.17
N ASP H 169 20.42 -42.63 -16.88
CA ASP H 169 20.07 -41.87 -15.68
C ASP H 169 20.28 -42.64 -14.39
N SER H 170 21.36 -43.42 -14.34
CA SER H 170 21.67 -44.32 -13.20
C SER H 170 21.67 -43.63 -11.83
N GLU H 171 22.14 -42.39 -11.77
CA GLU H 171 22.21 -41.70 -10.50
C GLU H 171 20.83 -41.25 -10.01
N TYR H 172 19.83 -41.29 -10.88
CA TYR H 172 18.53 -40.68 -10.60
C TYR H 172 17.39 -41.67 -10.60
N PHE H 173 17.45 -42.64 -11.49
CA PHE H 173 16.29 -43.48 -11.74
C PHE H 173 16.10 -44.53 -10.65
N SER H 174 14.88 -44.65 -10.13
CA SER H 174 14.60 -45.57 -9.02
C SER H 174 14.89 -47.02 -9.38
N GLN H 175 15.59 -47.70 -8.47
CA GLN H 175 15.86 -49.13 -8.62
C GLN H 175 14.57 -49.92 -8.48
N TYR H 176 13.55 -49.31 -7.86
CA TYR H 176 12.32 -50.03 -7.59
C TYR H 176 11.26 -49.95 -8.69
N SER H 177 11.51 -49.14 -9.72
CA SER H 177 10.55 -49.01 -10.82
C SER H 177 10.28 -50.39 -11.44
N ARG H 178 9.08 -50.56 -11.98
CA ARG H 178 8.76 -51.76 -12.73
C ARG H 178 9.43 -51.75 -14.10
N PHE H 179 9.99 -50.60 -14.46
CA PHE H 179 10.59 -50.40 -15.78
C PHE H 179 12.07 -50.14 -15.65
N GLU H 180 12.80 -50.35 -16.73
CA GLU H 180 14.21 -49.98 -16.70
C GLU H 180 14.50 -49.08 -17.88
N ILE H 181 15.33 -48.08 -17.65
CA ILE H 181 15.68 -47.17 -18.71
C ILE H 181 16.83 -47.76 -19.50
N LEU H 182 16.64 -47.91 -20.81
CA LEU H 182 17.73 -48.38 -21.65
C LEU H 182 18.62 -47.19 -22.01
N ASP H 183 17.99 -46.06 -22.30
CA ASP H 183 18.74 -44.92 -22.81
C ASP H 183 17.90 -43.64 -22.78
N VAL H 184 18.55 -42.52 -22.46
CA VAL H 184 17.93 -41.20 -22.57
C VAL H 184 18.84 -40.33 -23.43
N THR H 185 18.32 -39.87 -24.56
CA THR H 185 19.08 -38.95 -25.40
C THR H 185 18.23 -37.71 -25.71
N GLN H 186 18.89 -36.60 -25.95
CA GLN H 186 18.23 -35.32 -26.13
C GLN H 186 18.76 -34.64 -27.35
N LYS H 187 17.87 -34.09 -28.16
CA LYS H 187 18.34 -33.32 -29.30
C LYS H 187 17.47 -32.10 -29.54
N LYS H 188 18.06 -31.10 -30.17
CA LYS H 188 17.37 -29.86 -30.50
C LYS H 188 16.44 -30.11 -31.67
N ASN H 189 15.23 -29.57 -31.61
CA ASN H 189 14.41 -29.54 -32.80
C ASN H 189 13.69 -28.21 -32.84
N SER H 190 12.90 -28.03 -33.88
CA SER H 190 12.21 -26.77 -34.12
C SER H 190 10.78 -27.11 -34.50
N VAL H 191 9.82 -26.27 -34.13
CA VAL H 191 8.45 -26.49 -34.58
C VAL H 191 7.89 -25.21 -35.20
N THR H 192 7.20 -25.39 -36.32
CA THR H 192 6.47 -24.31 -36.98
C THR H 192 5.08 -24.81 -37.34
N TYR H 193 4.19 -23.88 -37.63
CA TYR H 193 2.81 -24.20 -37.99
C TYR H 193 2.42 -23.31 -39.18
N SER H 194 1.52 -23.81 -40.02
CA SER H 194 1.13 -23.07 -41.22
C SER H 194 0.46 -21.74 -40.85
N CYS H 195 -0.15 -21.68 -39.67
CA CYS H 195 -0.78 -20.45 -39.22
C CYS H 195 0.26 -19.43 -38.77
N CYS H 196 1.39 -19.94 -38.29
CA CYS H 196 2.35 -19.15 -37.58
C CYS H 196 3.75 -19.63 -37.95
N PRO H 197 4.41 -18.90 -38.86
CA PRO H 197 5.67 -19.34 -39.47
C PRO H 197 6.90 -19.21 -38.56
N GLU H 198 6.88 -18.30 -37.57
CA GLU H 198 7.97 -18.20 -36.59
C GLU H 198 8.36 -19.57 -36.04
N ALA H 199 9.65 -19.81 -35.84
CA ALA H 199 10.07 -21.11 -35.34
C ALA H 199 10.17 -21.11 -33.82
N TYR H 200 9.72 -22.20 -33.21
CA TYR H 200 9.84 -22.42 -31.77
C TYR H 200 10.80 -23.57 -31.48
N GLU H 201 11.87 -23.29 -30.77
CA GLU H 201 12.85 -24.34 -30.47
C GLU H 201 12.36 -25.25 -29.35
N ASP H 202 12.69 -26.53 -29.44
CA ASP H 202 12.39 -27.42 -28.34
C ASP H 202 13.54 -28.39 -28.16
N VAL H 203 13.53 -29.09 -27.03
CA VAL H 203 14.40 -30.23 -26.84
C VAL H 203 13.51 -31.46 -26.99
N GLU H 204 13.95 -32.43 -27.79
CA GLU H 204 13.24 -33.69 -27.84
C GLU H 204 14.00 -34.69 -26.99
N VAL H 205 13.35 -35.16 -25.93
CA VAL H 205 13.95 -36.13 -25.02
C VAL H 205 13.46 -37.50 -25.41
N SER H 206 14.35 -38.36 -25.90
CA SER H 206 13.99 -39.73 -26.24
C SER H 206 14.26 -40.65 -25.07
N LEU H 207 13.17 -41.09 -24.44
CA LEU H 207 13.23 -42.02 -23.34
C LEU H 207 13.04 -43.46 -23.87
N ASN H 208 14.14 -44.22 -23.96
CA ASN H 208 14.10 -45.61 -24.42
C ASN H 208 14.07 -46.49 -23.18
N PHE H 209 12.98 -47.22 -23.00
CA PHE H 209 12.78 -47.98 -21.77
C PHE H 209 11.96 -49.23 -22.05
N ARG H 210 11.97 -50.17 -21.11
CA ARG H 210 11.22 -51.41 -21.26
C ARG H 210 10.76 -51.95 -19.91
N LYS H 211 9.74 -52.81 -19.94
CA LYS H 211 9.30 -53.48 -18.72
C LYS H 211 10.37 -54.48 -18.25
N LYS H 212 10.61 -54.49 -16.95
CA LYS H 212 11.55 -55.44 -16.33
C LYS H 212 10.93 -56.84 -16.42
N GLY H 213 11.75 -57.87 -16.61
CA GLY H 213 13.19 -57.82 -16.38
C GLY H 213 14.08 -57.31 -17.49
N ASP I 1 9.61 -3.59 -35.00
CA ASP I 1 10.85 -3.83 -35.72
C ASP I 1 11.52 -5.11 -35.19
N TYR I 2 11.71 -6.12 -36.06
CA TYR I 2 12.23 -7.40 -35.59
C TYR I 2 13.68 -7.28 -35.10
N LYS I 3 14.42 -6.32 -35.64
CA LYS I 3 15.80 -6.06 -35.20
C LYS I 3 15.86 -5.58 -33.75
N ASP I 4 14.76 -4.99 -33.29
CA ASP I 4 14.69 -4.42 -31.95
C ASP I 4 13.93 -5.30 -30.97
N ASP I 5 13.47 -6.47 -31.43
CA ASP I 5 12.68 -7.37 -30.61
C ASP I 5 13.36 -7.76 -29.29
N ASP I 6 14.68 -7.92 -29.33
CA ASP I 6 15.42 -8.34 -28.13
C ASP I 6 15.97 -7.16 -27.32
N ASP I 7 15.45 -5.96 -27.55
CA ASP I 7 15.83 -4.81 -26.74
C ASP I 7 15.10 -4.93 -25.40
N LYS I 8 15.82 -5.30 -24.35
CA LYS I 8 15.16 -5.64 -23.09
C LYS I 8 14.45 -4.45 -22.48
N LEU I 9 15.13 -3.30 -22.43
CA LEU I 9 14.51 -2.10 -21.87
C LEU I 9 13.21 -1.75 -22.61
N ASP I 10 13.22 -1.90 -23.92
CA ASP I 10 12.03 -1.67 -24.72
C ASP I 10 10.89 -2.61 -24.30
N ARG I 11 11.23 -3.88 -24.11
CA ARG I 11 10.22 -4.86 -23.74
C ARG I 11 9.61 -4.50 -22.39
N ALA I 12 10.47 -4.09 -21.46
CA ALA I 12 10.03 -3.71 -20.12
C ALA I 12 9.10 -2.51 -20.18
N ASP I 13 9.44 -1.55 -21.05
CA ASP I 13 8.60 -0.36 -21.22
C ASP I 13 7.27 -0.69 -21.86
N ILE I 14 7.28 -1.60 -22.85
CA ILE I 14 6.02 -2.02 -23.47
C ILE I 14 5.14 -2.69 -22.42
N LEU I 15 5.73 -3.54 -21.58
CA LEU I 15 4.96 -4.23 -20.55
C LEU I 15 4.35 -3.23 -19.57
N TYR I 16 5.12 -2.23 -19.20
CA TYR I 16 4.64 -1.16 -18.33
C TYR I 16 3.48 -0.40 -18.99
N ASN I 17 3.65 -0.06 -20.27
CA ASN I 17 2.61 0.65 -21.03
C ASN I 17 1.31 -0.15 -21.07
N ILE I 18 1.46 -1.44 -21.37
CA ILE I 18 0.33 -2.35 -21.42
C ILE I 18 -0.38 -2.37 -20.06
N ARG I 19 0.41 -2.49 -18.99
CA ARG I 19 -0.18 -2.57 -17.66
C ARG I 19 -0.86 -1.26 -17.22
N GLN I 20 -0.31 -0.13 -17.63
N GLN I 20 -0.32 -0.12 -17.62
CA GLN I 20 -0.93 1.17 -17.36
CA GLN I 20 -0.96 1.16 -17.33
C GLN I 20 -2.28 1.30 -18.05
C GLN I 20 -2.30 1.29 -18.04
N THR I 21 -2.37 0.78 -19.27
CA THR I 21 -3.56 0.98 -20.11
C THR I 21 -4.62 -0.11 -19.93
N SER I 22 -4.17 -1.33 -19.71
CA SER I 22 -5.05 -2.48 -19.58
C SER I 22 -6.12 -2.34 -18.50
N ARG I 23 -7.35 -2.69 -18.87
CA ARG I 23 -8.43 -2.86 -17.90
C ARG I 23 -8.83 -4.32 -17.93
N PRO I 24 -8.27 -5.15 -17.03
CA PRO I 24 -8.49 -6.60 -17.13
C PRO I 24 -9.95 -7.02 -16.93
N ASP I 25 -10.79 -6.19 -16.32
CA ASP I 25 -12.14 -6.66 -16.01
C ASP I 25 -13.21 -6.01 -16.89
N VAL I 26 -12.77 -5.20 -17.85
CA VAL I 26 -13.69 -4.49 -18.74
C VAL I 26 -13.53 -4.97 -20.17
N ILE I 27 -14.63 -5.32 -20.83
CA ILE I 27 -14.54 -5.73 -22.24
C ILE I 27 -14.03 -4.58 -23.09
N PRO I 28 -13.07 -4.89 -23.97
CA PRO I 28 -12.41 -3.87 -24.79
C PRO I 28 -13.24 -3.55 -26.03
N THR I 29 -14.46 -3.06 -25.83
CA THR I 29 -15.31 -2.71 -26.96
C THR I 29 -14.83 -1.42 -27.60
N GLN I 30 -14.67 -1.45 -28.92
CA GLN I 30 -14.15 -0.33 -29.69
C GLN I 30 -15.16 0.10 -30.74
N ARG I 31 -15.32 1.41 -30.90
CA ARG I 31 -16.28 1.98 -31.85
C ARG I 31 -17.68 1.39 -31.64
N ASP I 32 -18.06 1.23 -30.37
CA ASP I 32 -19.40 0.77 -30.01
C ASP I 32 -19.86 -0.50 -30.76
N ARG I 33 -18.94 -1.43 -31.01
CA ARG I 33 -19.29 -2.73 -31.57
C ARG I 33 -18.88 -3.82 -30.58
N PRO I 34 -19.49 -5.02 -30.70
CA PRO I 34 -19.05 -6.11 -29.82
C PRO I 34 -17.59 -6.46 -30.03
N VAL I 35 -16.97 -7.02 -29.00
CA VAL I 35 -15.62 -7.52 -29.14
C VAL I 35 -15.64 -8.75 -30.02
N ALA I 36 -14.92 -8.71 -31.13
CA ALA I 36 -14.85 -9.88 -31.99
C ALA I 36 -13.78 -10.83 -31.48
N VAL I 37 -14.21 -11.94 -30.91
CA VAL I 37 -13.27 -12.94 -30.42
C VAL I 37 -13.20 -14.13 -31.39
N SER I 38 -12.01 -14.40 -31.92
CA SER I 38 -11.81 -15.59 -32.76
C SER I 38 -11.35 -16.74 -31.92
N VAL I 39 -11.97 -17.90 -32.16
CA VAL I 39 -11.71 -19.10 -31.41
C VAL I 39 -11.54 -20.28 -32.38
N SER I 40 -10.47 -21.05 -32.21
CA SER I 40 -10.30 -22.27 -32.98
C SER I 40 -9.65 -23.34 -32.10
N LEU I 41 -10.33 -24.46 -31.92
CA LEU I 41 -9.78 -25.54 -31.11
C LEU I 41 -8.93 -26.46 -31.98
N LYS I 42 -7.66 -26.63 -31.60
CA LYS I 42 -6.80 -27.58 -32.28
C LYS I 42 -6.63 -28.77 -31.35
N PHE I 43 -7.20 -29.93 -31.71
CA PHE I 43 -7.18 -31.07 -30.82
C PHE I 43 -5.82 -31.75 -30.88
N ILE I 44 -5.28 -32.05 -29.70
CA ILE I 44 -3.97 -32.68 -29.60
C ILE I 44 -4.09 -34.16 -29.24
N ASN I 45 -4.99 -34.46 -28.33
CA ASN I 45 -5.17 -35.84 -27.86
C ASN I 45 -6.61 -36.09 -27.47
N ILE I 46 -7.07 -37.30 -27.72
CA ILE I 46 -8.29 -37.83 -27.14
C ILE I 46 -7.90 -38.92 -26.18
N LEU I 47 -8.10 -38.66 -24.88
CA LEU I 47 -7.54 -39.51 -23.84
C LEU I 47 -8.40 -40.71 -23.52
N GLU I 48 -9.71 -40.48 -23.51
CA GLU I 48 -10.66 -41.49 -23.06
C GLU I 48 -11.98 -41.24 -23.73
N VAL I 49 -12.62 -42.32 -24.16
CA VAL I 49 -13.94 -42.25 -24.74
C VAL I 49 -14.81 -43.25 -24.00
N ASN I 50 -15.80 -42.75 -23.25
CA ASN I 50 -16.63 -43.65 -22.48
C ASN I 50 -17.96 -43.92 -23.17
N GLU I 51 -18.05 -45.11 -23.76
CA GLU I 51 -19.25 -45.53 -24.48
C GLU I 51 -20.41 -45.75 -23.51
N ILE I 52 -20.12 -46.17 -22.29
CA ILE I 52 -21.16 -46.37 -21.29
C ILE I 52 -21.82 -45.05 -20.91
N THR I 53 -21.03 -44.00 -20.73
CA THR I 53 -21.55 -42.76 -20.18
C THR I 53 -21.69 -41.61 -21.19
N ASN I 54 -21.33 -41.86 -22.45
CA ASN I 54 -21.28 -40.80 -23.47
C ASN I 54 -20.37 -39.66 -23.02
N GLU I 55 -19.12 -39.96 -22.72
CA GLU I 55 -18.18 -38.94 -22.26
C GLU I 55 -16.84 -39.05 -22.96
N VAL I 56 -16.22 -37.92 -23.24
CA VAL I 56 -14.86 -37.88 -23.75
C VAL I 56 -13.98 -36.99 -22.84
N ASP I 57 -12.70 -37.34 -22.79
CA ASP I 57 -11.66 -36.59 -22.07
C ASP I 57 -10.63 -36.22 -23.14
N VAL I 58 -10.43 -34.93 -23.38
CA VAL I 58 -9.61 -34.48 -24.49
C VAL I 58 -8.63 -33.39 -24.09
N VAL I 59 -7.59 -33.21 -24.90
CA VAL I 59 -6.67 -32.08 -24.74
C VAL I 59 -6.68 -31.28 -26.03
N PHE I 60 -6.86 -29.98 -25.93
CA PHE I 60 -6.84 -29.14 -27.11
C PHE I 60 -6.14 -27.82 -26.85
N TRP I 61 -5.58 -27.25 -27.92
CA TRP I 61 -5.03 -25.90 -27.85
C TRP I 61 -6.14 -24.95 -28.30
N GLN I 62 -6.49 -24.02 -27.43
CA GLN I 62 -7.58 -23.10 -27.71
C GLN I 62 -7.01 -21.82 -28.28
N GLN I 63 -6.86 -21.78 -29.61
CA GLN I 63 -6.35 -20.60 -30.27
C GLN I 63 -7.37 -19.48 -30.17
N THR I 64 -6.97 -18.39 -29.53
CA THR I 64 -7.91 -17.30 -29.24
C THR I 64 -7.28 -15.97 -29.62
N THR I 65 -8.01 -15.15 -30.36
CA THR I 65 -7.51 -13.83 -30.71
C THR I 65 -8.61 -12.80 -30.59
N TRP I 66 -8.22 -11.59 -30.19
CA TRP I 66 -9.11 -10.44 -30.22
C TRP I 66 -8.21 -9.22 -30.31
N SER I 67 -8.82 -8.05 -30.42
CA SER I 67 -8.06 -6.82 -30.54
C SER I 67 -8.43 -5.87 -29.42
N ASP I 68 -7.42 -5.21 -28.86
CA ASP I 68 -7.66 -4.02 -28.01
C ASP I 68 -6.68 -2.97 -28.48
N ARG I 69 -7.15 -2.06 -29.34
CA ARG I 69 -6.27 -1.08 -29.95
C ARG I 69 -5.72 -0.08 -28.97
N THR I 70 -6.30 0.01 -27.77
CA THR I 70 -5.73 0.92 -26.77
C THR I 70 -4.36 0.42 -26.28
N LEU I 71 -4.06 -0.85 -26.54
CA LEU I 71 -2.76 -1.40 -26.15
C LEU I 71 -1.69 -1.18 -27.23
N ALA I 72 -2.11 -0.72 -28.40
CA ALA I 72 -1.22 -0.64 -29.55
C ALA I 72 -0.10 0.34 -29.31
N TRP I 73 1.04 0.11 -29.94
CA TRP I 73 2.12 1.07 -29.83
C TRP I 73 2.87 1.11 -31.14
N ASN I 74 3.71 2.12 -31.25
CA ASN I 74 4.56 2.32 -32.40
C ASN I 74 5.80 1.45 -32.35
N SER I 75 5.86 0.42 -33.20
CA SER I 75 6.99 -0.51 -33.15
C SER I 75 8.02 -0.26 -34.27
N SER I 76 8.08 0.95 -34.81
CA SER I 76 9.08 1.32 -35.81
C SER I 76 10.49 1.00 -35.37
N HIS I 77 10.81 1.28 -34.12
CA HIS I 77 12.13 0.97 -33.60
C HIS I 77 12.03 0.32 -32.24
N SER I 78 11.15 -0.68 -32.14
CA SER I 78 10.94 -1.36 -30.88
C SER I 78 10.28 -2.71 -31.17
N PRO I 79 10.17 -3.57 -30.15
CA PRO I 79 9.59 -4.90 -30.38
C PRO I 79 8.17 -4.91 -30.98
N ASP I 80 7.89 -5.88 -31.84
CA ASP I 80 6.58 -6.04 -32.48
C ASP I 80 5.58 -6.72 -31.57
N GLN I 81 6.09 -7.51 -30.64
CA GLN I 81 5.27 -8.35 -29.76
C GLN I 81 6.00 -8.55 -28.45
N VAL I 82 5.23 -8.71 -27.38
CA VAL I 82 5.78 -9.20 -26.13
C VAL I 82 4.84 -10.25 -25.52
N SER I 83 5.36 -11.06 -24.61
CA SER I 83 4.53 -11.98 -23.85
C SER I 83 4.10 -11.25 -22.58
N VAL I 84 2.86 -11.48 -22.17
CA VAL I 84 2.26 -10.78 -21.02
C VAL I 84 1.45 -11.78 -20.19
N PRO I 85 1.65 -11.80 -18.86
CA PRO I 85 0.80 -12.69 -18.04
C PRO I 85 -0.66 -12.32 -18.23
N ILE I 86 -1.57 -13.28 -18.36
CA ILE I 86 -2.95 -12.90 -18.66
C ILE I 86 -3.62 -12.25 -17.46
N SER I 87 -3.06 -12.44 -16.28
CA SER I 87 -3.53 -11.68 -15.10
C SER I 87 -3.46 -10.15 -15.34
N SER I 88 -2.62 -9.69 -16.27
CA SER I 88 -2.53 -8.26 -16.60
C SER I 88 -3.47 -7.83 -17.74
N LEU I 89 -4.25 -8.76 -18.27
CA LEU I 89 -5.03 -8.50 -19.48
C LEU I 89 -6.49 -8.87 -19.28
N TRP I 90 -7.37 -8.22 -20.03
CA TRP I 90 -8.70 -8.77 -20.20
C TRP I 90 -8.59 -10.01 -21.08
N VAL I 91 -9.28 -11.07 -20.69
CA VAL I 91 -9.43 -12.28 -21.49
C VAL I 91 -10.91 -12.60 -21.56
N PRO I 92 -11.41 -13.06 -22.73
CA PRO I 92 -12.83 -13.39 -22.83
C PRO I 92 -13.23 -14.44 -21.81
N ASP I 93 -14.41 -14.31 -21.22
CA ASP I 93 -14.89 -15.30 -20.25
C ASP I 93 -15.52 -16.50 -20.93
N LEU I 94 -14.72 -17.21 -21.74
CA LEU I 94 -15.20 -18.36 -22.48
C LEU I 94 -15.49 -19.57 -21.61
N ALA I 95 -16.52 -20.32 -21.99
CA ALA I 95 -16.80 -21.58 -21.34
C ALA I 95 -17.45 -22.53 -22.34
N ALA I 96 -17.22 -23.83 -22.14
CA ALA I 96 -17.90 -24.84 -22.93
C ALA I 96 -19.20 -25.24 -22.25
N TYR I 97 -20.32 -25.14 -22.98
CA TYR I 97 -21.62 -25.23 -22.34
C TYR I 97 -21.92 -26.67 -21.94
N ASN I 98 -21.22 -27.64 -22.54
CA ASN I 98 -21.44 -29.04 -22.19
C ASN I 98 -20.23 -29.67 -21.50
N ALA I 99 -19.33 -28.84 -20.98
CA ALA I 99 -18.23 -29.39 -20.20
C ALA I 99 -18.77 -30.07 -18.95
N ILE I 100 -18.13 -31.16 -18.54
CA ILE I 100 -18.50 -31.81 -17.28
C ILE I 100 -17.32 -31.91 -16.32
N SER I 101 -16.24 -31.20 -16.63
CA SER I 101 -15.15 -31.03 -15.67
C SER I 101 -14.56 -29.64 -15.87
N LYS I 102 -13.74 -29.20 -14.92
CA LYS I 102 -13.08 -27.91 -15.03
C LYS I 102 -12.08 -27.96 -16.18
N PRO I 103 -11.97 -26.85 -16.93
CA PRO I 103 -10.89 -26.80 -17.92
C PRO I 103 -9.54 -26.75 -17.18
N GLU I 104 -8.72 -27.77 -17.36
CA GLU I 104 -7.41 -27.77 -16.73
C GLU I 104 -6.40 -27.21 -17.71
N VAL I 105 -5.77 -26.11 -17.34
CA VAL I 105 -4.81 -25.47 -18.20
C VAL I 105 -3.42 -26.07 -17.96
N LEU I 106 -2.81 -26.54 -19.04
CA LEU I 106 -1.58 -27.33 -18.93
C LEU I 106 -0.34 -26.48 -19.21
N THR I 107 -0.54 -25.20 -19.52
CA THR I 107 0.53 -24.39 -20.05
C THR I 107 0.68 -23.07 -19.33
N PRO I 108 1.84 -22.40 -19.49
CA PRO I 108 2.00 -21.09 -18.84
C PRO I 108 0.91 -20.12 -19.28
N GLN I 109 0.36 -19.37 -18.33
CA GLN I 109 -0.77 -18.49 -18.63
C GLN I 109 -0.30 -17.11 -19.11
N LEU I 110 0.27 -17.12 -20.31
CA LEU I 110 0.76 -15.94 -20.98
C LEU I 110 0.03 -15.78 -22.29
N ALA I 111 -0.11 -14.54 -22.72
CA ALA I 111 -0.60 -14.20 -24.05
C ALA I 111 0.49 -13.44 -24.78
N ARG I 112 0.38 -13.31 -26.09
CA ARG I 112 1.21 -12.39 -26.84
C ARG I 112 0.40 -11.15 -27.11
N VAL I 113 1.01 -9.99 -26.93
CA VAL I 113 0.38 -8.74 -27.35
C VAL I 113 1.19 -8.18 -28.50
N VAL I 114 0.52 -7.98 -29.63
CA VAL I 114 1.13 -7.43 -30.85
C VAL I 114 0.98 -5.92 -30.87
N SER I 115 1.92 -5.22 -31.50
CA SER I 115 1.94 -3.75 -31.42
C SER I 115 0.76 -3.05 -32.10
N ASP I 116 -0.01 -3.77 -32.92
CA ASP I 116 -1.26 -3.23 -33.47
C ASP I 116 -2.43 -3.45 -32.51
N GLY I 117 -2.13 -4.06 -31.36
CA GLY I 117 -3.15 -4.27 -30.34
C GLY I 117 -3.84 -5.62 -30.42
N GLU I 118 -3.39 -6.49 -31.31
CA GLU I 118 -3.97 -7.83 -31.35
C GLU I 118 -3.42 -8.64 -30.17
N VAL I 119 -4.28 -9.44 -29.55
CA VAL I 119 -3.88 -10.30 -28.44
C VAL I 119 -4.03 -11.75 -28.87
N LEU I 120 -3.00 -12.55 -28.65
CA LEU I 120 -3.05 -13.97 -28.98
C LEU I 120 -2.89 -14.79 -27.71
N TYR I 121 -3.87 -15.66 -27.46
CA TYR I 121 -3.91 -16.44 -26.24
C TYR I 121 -4.22 -17.87 -26.65
N MET I 122 -3.40 -18.83 -26.20
CA MET I 122 -3.59 -20.22 -26.63
C MET I 122 -3.24 -21.19 -25.53
N PRO I 123 -4.15 -21.40 -24.57
CA PRO I 123 -3.92 -22.38 -23.52
C PRO I 123 -4.09 -23.78 -24.06
N SER I 124 -3.29 -24.71 -23.55
CA SER I 124 -3.56 -26.12 -23.76
C SER I 124 -4.47 -26.54 -22.63
N ILE I 125 -5.63 -27.07 -23.00
CA ILE I 125 -6.65 -27.37 -22.00
C ILE I 125 -7.03 -28.85 -22.02
N ARG I 126 -7.02 -29.49 -20.85
CA ARG I 126 -7.61 -30.80 -20.72
CA ARG I 126 -7.62 -30.81 -20.71
C ARG I 126 -9.01 -30.67 -20.10
N GLN I 127 -10.00 -31.29 -20.73
CA GLN I 127 -11.38 -31.14 -20.26
C GLN I 127 -12.26 -32.31 -20.70
N ARG I 128 -13.26 -32.62 -19.88
CA ARG I 128 -14.21 -33.68 -20.19
C ARG I 128 -15.53 -33.10 -20.67
N PHE I 129 -16.16 -33.79 -21.63
CA PHE I 129 -17.41 -33.34 -22.18
C PHE I 129 -18.42 -34.48 -22.26
N SER I 130 -19.68 -34.11 -22.12
CA SER I 130 -20.80 -34.99 -22.43
C SER I 130 -21.18 -34.74 -23.88
N CYS I 131 -21.06 -35.75 -24.71
CA CYS I 131 -21.39 -35.59 -26.11
C CYS I 131 -21.66 -36.97 -26.71
N ASP I 132 -22.05 -36.97 -27.98
CA ASP I 132 -22.46 -38.20 -28.65
C ASP I 132 -21.26 -39.01 -29.07
N VAL I 133 -21.03 -40.13 -28.40
CA VAL I 133 -19.87 -40.98 -28.61
C VAL I 133 -20.20 -42.18 -29.51
N SER I 134 -21.49 -42.37 -29.80
CA SER I 134 -21.87 -43.50 -30.65
C SER I 134 -21.21 -43.40 -32.02
N GLY I 135 -20.75 -44.55 -32.53
CA GLY I 135 -20.13 -44.62 -33.84
C GLY I 135 -18.60 -44.57 -33.82
N VAL I 136 -18.01 -44.50 -32.63
CA VAL I 136 -16.57 -44.25 -32.53
C VAL I 136 -15.76 -45.39 -33.14
N ASP I 137 -16.25 -46.63 -33.03
CA ASP I 137 -15.52 -47.74 -33.63
C ASP I 137 -16.12 -48.12 -34.98
N THR I 138 -16.64 -47.12 -35.70
CA THR I 138 -17.14 -47.36 -37.06
C THR I 138 -16.41 -46.46 -38.04
N GLU I 139 -16.59 -46.75 -39.32
CA GLU I 139 -15.99 -45.98 -40.40
C GLU I 139 -16.34 -44.50 -40.33
N SER I 140 -17.58 -44.19 -39.99
CA SER I 140 -17.99 -42.80 -40.02
C SER I 140 -17.55 -42.09 -38.75
N GLY I 141 -17.19 -42.87 -37.74
CA GLY I 141 -16.70 -42.34 -36.49
C GLY I 141 -17.79 -41.72 -35.63
N ALA I 142 -17.39 -41.23 -34.46
CA ALA I 142 -18.29 -40.51 -33.59
C ALA I 142 -18.19 -39.03 -33.92
N THR I 143 -19.27 -38.30 -33.70
CA THR I 143 -19.22 -36.84 -33.79
C THR I 143 -19.61 -36.25 -32.43
N CYS I 144 -18.62 -35.70 -31.76
CA CYS I 144 -18.80 -35.12 -30.45
C CYS I 144 -18.85 -33.59 -30.57
N ARG I 145 -20.00 -32.99 -30.26
CA ARG I 145 -20.18 -31.55 -30.44
CA ARG I 145 -20.14 -31.54 -30.44
C ARG I 145 -19.89 -30.77 -29.15
N ILE I 146 -19.06 -29.75 -29.27
CA ILE I 146 -18.68 -28.91 -28.14
C ILE I 146 -19.08 -27.48 -28.45
N LYS I 147 -19.84 -26.87 -27.55
CA LYS I 147 -20.30 -25.51 -27.77
C LYS I 147 -19.59 -24.55 -26.81
N ILE I 148 -18.92 -23.55 -27.37
CA ILE I 148 -18.11 -22.62 -26.59
C ILE I 148 -18.51 -21.18 -26.85
N GLY I 149 -18.78 -20.45 -25.77
CA GLY I 149 -19.15 -19.05 -25.88
C GLY I 149 -18.84 -18.29 -24.60
N SER I 150 -19.05 -16.99 -24.62
CA SER I 150 -18.93 -16.18 -23.43
C SER I 150 -19.93 -16.64 -22.40
N TRP I 151 -19.51 -16.78 -21.16
CA TRP I 151 -20.43 -17.19 -20.10
C TRP I 151 -21.41 -16.07 -19.74
N THR I 152 -20.97 -14.81 -19.78
CA THR I 152 -21.83 -13.73 -19.28
C THR I 152 -22.07 -12.58 -20.26
N HIS I 153 -21.41 -12.59 -21.40
CA HIS I 153 -21.57 -11.49 -22.37
C HIS I 153 -22.38 -11.92 -23.59
N HIS I 154 -23.51 -11.26 -23.81
CA HIS I 154 -24.35 -11.57 -24.95
C HIS I 154 -23.79 -10.99 -26.25
N SER I 155 -24.50 -11.24 -27.34
CA SER I 155 -23.97 -10.98 -28.68
C SER I 155 -23.66 -9.52 -28.96
N ARG I 156 -24.33 -8.60 -28.28
CA ARG I 156 -24.04 -7.19 -28.49
C ARG I 156 -22.72 -6.77 -27.83
N GLU I 157 -22.20 -7.61 -26.93
CA GLU I 157 -20.97 -7.31 -26.18
C GLU I 157 -19.78 -8.13 -26.71
N ILE I 158 -20.02 -9.41 -26.96
CA ILE I 158 -18.97 -10.29 -27.49
C ILE I 158 -19.50 -11.15 -28.60
N SER I 159 -18.83 -11.14 -29.74
CA SER I 159 -19.10 -12.14 -30.76
C SER I 159 -17.96 -13.17 -30.74
N VAL I 160 -18.32 -14.45 -30.78
CA VAL I 160 -17.36 -15.54 -30.77
C VAL I 160 -17.40 -16.23 -32.13
N ASP I 161 -16.35 -16.06 -32.92
CA ASP I 161 -16.33 -16.53 -34.30
C ASP I 161 -15.22 -17.56 -34.59
N PRO I 162 -15.54 -18.58 -35.42
CA PRO I 162 -14.50 -19.55 -35.82
C PRO I 162 -13.54 -18.97 -36.85
N THR I 163 -12.35 -19.55 -36.96
CA THR I 163 -11.37 -19.04 -37.90
C THR I 163 -11.26 -19.94 -39.13
N THR I 164 -11.26 -21.24 -38.87
CA THR I 164 -11.16 -22.27 -39.89
C THR I 164 -12.34 -23.22 -39.72
N GLU I 165 -13.18 -23.32 -40.75
CA GLU I 165 -14.40 -24.13 -40.67
CA GLU I 165 -14.39 -24.14 -40.65
C GLU I 165 -14.10 -25.64 -40.61
N ASN I 166 -13.11 -26.07 -41.36
CA ASN I 166 -12.79 -27.50 -41.45
C ASN I 166 -11.30 -27.77 -41.38
N SER I 167 -10.93 -28.77 -40.59
CA SER I 167 -9.52 -29.16 -40.44
C SER I 167 -9.43 -30.56 -39.89
N ASP I 168 -8.42 -31.32 -40.31
CA ASP I 168 -8.15 -32.62 -39.74
C ASP I 168 -7.12 -32.49 -38.62
N ASP I 169 -6.70 -31.24 -38.35
CA ASP I 169 -5.69 -30.98 -37.32
C ASP I 169 -4.41 -31.82 -37.48
N SER I 170 -4.00 -32.08 -38.72
CA SER I 170 -2.85 -32.94 -38.97
C SER I 170 -1.54 -32.41 -38.35
N GLU I 171 -1.39 -31.08 -38.26
CA GLU I 171 -0.20 -30.49 -37.63
C GLU I 171 -0.21 -30.58 -36.10
N TYR I 172 -1.35 -30.97 -35.52
CA TYR I 172 -1.53 -30.84 -34.06
C TYR I 172 -1.80 -32.17 -33.37
N PHE I 173 -2.68 -32.98 -33.96
CA PHE I 173 -3.16 -34.17 -33.28
C PHE I 173 -2.06 -35.22 -33.18
N SER I 174 -1.95 -35.85 -32.01
CA SER I 174 -0.90 -36.85 -31.81
C SER I 174 -1.03 -38.07 -32.73
N GLN I 175 0.04 -38.40 -33.43
CA GLN I 175 0.08 -39.60 -34.26
C GLN I 175 0.01 -40.88 -33.43
N TYR I 176 0.24 -40.77 -32.13
CA TYR I 176 0.29 -41.96 -31.28
C TYR I 176 -1.03 -42.25 -30.61
N SER I 177 -2.00 -41.36 -30.80
CA SER I 177 -3.31 -41.56 -30.23
C SER I 177 -3.94 -42.84 -30.75
N ARG I 178 -4.73 -43.49 -29.91
CA ARG I 178 -5.63 -44.57 -30.30
C ARG I 178 -6.60 -44.14 -31.40
N PHE I 179 -6.84 -42.84 -31.47
CA PHE I 179 -7.88 -42.30 -32.33
C PHE I 179 -7.30 -41.50 -33.48
N GLU I 180 -8.12 -41.25 -34.47
CA GLU I 180 -7.71 -40.36 -35.54
C GLU I 180 -8.82 -39.35 -35.77
N ILE I 181 -8.45 -38.17 -36.22
CA ILE I 181 -9.44 -37.14 -36.49
CA ILE I 181 -9.41 -37.12 -36.51
C ILE I 181 -9.89 -37.21 -37.95
N LEU I 182 -11.20 -37.34 -38.15
CA LEU I 182 -11.76 -37.29 -39.49
C LEU I 182 -11.96 -35.84 -39.93
N ASP I 183 -12.57 -35.04 -39.06
CA ASP I 183 -12.77 -33.63 -39.34
C ASP I 183 -13.13 -32.88 -38.07
N VAL I 184 -12.59 -31.68 -37.93
CA VAL I 184 -13.08 -30.79 -36.88
C VAL I 184 -13.80 -29.66 -37.59
N THR I 185 -15.12 -29.62 -37.40
CA THR I 185 -15.93 -28.55 -37.95
C THR I 185 -16.22 -27.51 -36.87
N GLN I 186 -16.05 -26.25 -37.20
CA GLN I 186 -16.30 -25.18 -36.25
C GLN I 186 -17.16 -24.13 -36.94
N LYS I 187 -18.38 -23.92 -36.43
CA LYS I 187 -19.29 -22.98 -37.08
C LYS I 187 -19.86 -21.98 -36.08
N LYS I 188 -20.21 -20.79 -36.58
CA LYS I 188 -20.97 -19.84 -35.77
C LYS I 188 -22.29 -20.45 -35.35
N ASN I 189 -22.73 -20.11 -34.15
CA ASN I 189 -23.98 -20.61 -33.63
C ASN I 189 -24.51 -19.58 -32.64
N SER I 190 -25.82 -19.53 -32.49
CA SER I 190 -26.44 -18.57 -31.60
C SER I 190 -27.41 -19.31 -30.68
N VAL I 191 -27.38 -18.97 -29.40
CA VAL I 191 -28.27 -19.63 -28.45
C VAL I 191 -29.09 -18.59 -27.68
N THR I 192 -30.34 -18.93 -27.43
CA THR I 192 -31.26 -18.09 -26.67
C THR I 192 -32.01 -18.98 -25.71
N TYR I 193 -32.35 -18.44 -24.54
CA TYR I 193 -33.14 -19.19 -23.57
C TYR I 193 -34.46 -18.46 -23.31
N SER I 194 -35.51 -19.23 -23.05
CA SER I 194 -36.84 -18.65 -22.91
C SER I 194 -36.97 -17.85 -21.62
N CYS I 195 -36.02 -18.02 -20.70
CA CYS I 195 -36.03 -17.26 -19.45
C CYS I 195 -35.55 -15.84 -19.66
N CYS I 196 -34.71 -15.66 -20.66
CA CYS I 196 -33.87 -14.47 -20.70
C CYS I 196 -33.80 -13.85 -22.09
N PRO I 197 -33.81 -12.52 -22.16
CA PRO I 197 -33.58 -11.88 -23.45
C PRO I 197 -32.13 -12.06 -23.88
N GLU I 198 -31.77 -11.46 -25.00
CA GLU I 198 -30.40 -11.47 -25.53
C GLU I 198 -29.99 -12.84 -26.07
N ALA I 199 -29.33 -12.82 -27.22
CA ALA I 199 -28.73 -13.99 -27.80
C ALA I 199 -27.26 -14.05 -27.39
N TYR I 200 -26.75 -15.26 -27.29
CA TYR I 200 -25.35 -15.49 -26.99
C TYR I 200 -24.71 -16.17 -28.21
N GLU I 201 -23.64 -15.57 -28.71
CA GLU I 201 -22.94 -16.16 -29.82
C GLU I 201 -22.02 -17.24 -29.31
N ASP I 202 -21.77 -18.24 -30.14
CA ASP I 202 -20.81 -19.26 -29.76
C ASP I 202 -20.22 -19.92 -30.99
N VAL I 203 -19.20 -20.75 -30.76
CA VAL I 203 -18.65 -21.59 -31.80
C VAL I 203 -19.06 -23.02 -31.51
N GLU I 204 -19.72 -23.63 -32.48
CA GLU I 204 -20.07 -25.02 -32.38
C GLU I 204 -18.91 -25.83 -32.97
N VAL I 205 -18.25 -26.60 -32.12
CA VAL I 205 -17.10 -27.40 -32.55
C VAL I 205 -17.58 -28.83 -32.70
N SER I 206 -17.51 -29.37 -33.92
CA SER I 206 -17.91 -30.75 -34.17
C SER I 206 -16.66 -31.61 -34.37
N LEU I 207 -16.35 -32.41 -33.36
CA LEU I 207 -15.20 -33.27 -33.41
C LEU I 207 -15.61 -34.63 -33.94
N ASN I 208 -15.29 -34.89 -35.20
CA ASN I 208 -15.60 -36.16 -35.86
C ASN I 208 -14.35 -37.03 -35.85
N PHE I 209 -14.38 -38.11 -35.07
CA PHE I 209 -13.17 -38.90 -34.81
C PHE I 209 -13.52 -40.36 -34.74
N ARG I 210 -12.53 -41.24 -34.89
CA ARG I 210 -12.81 -42.67 -34.77
C ARG I 210 -11.60 -43.43 -34.26
N LYS I 211 -11.87 -44.60 -33.68
CA LYS I 211 -10.79 -45.50 -33.27
C LYS I 211 -10.03 -46.00 -34.51
N LYS I 212 -8.70 -45.97 -34.46
CA LYS I 212 -7.87 -46.45 -35.57
C LYS I 212 -8.07 -47.94 -35.79
N GLY I 213 -7.86 -48.38 -37.02
CA GLY I 213 -7.88 -49.78 -37.37
C GLY I 213 -6.53 -50.23 -37.90
N ASP J 1 -29.43 1.92 -21.44
CA ASP J 1 -29.56 2.11 -22.88
C ASP J 1 -28.69 1.09 -23.63
N TYR J 2 -29.32 0.13 -24.31
CA TYR J 2 -28.56 -0.94 -24.98
C TYR J 2 -27.65 -0.39 -26.07
N LYS J 3 -27.99 0.78 -26.61
CA LYS J 3 -27.13 1.45 -27.57
C LYS J 3 -25.79 1.84 -26.95
N ASP J 4 -25.77 1.97 -25.63
CA ASP J 4 -24.58 2.42 -24.92
C ASP J 4 -23.85 1.29 -24.20
N ASP J 5 -24.37 0.07 -24.33
CA ASP J 5 -23.75 -1.12 -23.74
C ASP J 5 -22.26 -1.22 -24.05
N ASP J 6 -21.88 -0.87 -25.27
CA ASP J 6 -20.50 -1.02 -25.73
C ASP J 6 -19.66 0.25 -25.52
N ASP J 7 -20.14 1.19 -24.74
CA ASP J 7 -19.32 2.34 -24.40
C ASP J 7 -18.35 1.90 -23.30
N LYS J 8 -17.09 1.63 -23.67
CA LYS J 8 -16.14 1.03 -22.75
C LYS J 8 -15.90 1.87 -21.49
N LEU J 9 -15.69 3.18 -21.68
CA LEU J 9 -15.44 4.06 -20.54
C LEU J 9 -16.61 4.02 -19.55
N ASP J 10 -17.83 3.99 -20.08
CA ASP J 10 -19.02 3.83 -19.25
C ASP J 10 -18.98 2.52 -18.44
N ARG J 11 -18.57 1.42 -19.08
CA ARG J 11 -18.54 0.13 -18.38
C ARG J 11 -17.50 0.18 -17.26
N ALA J 12 -16.35 0.78 -17.56
CA ALA J 12 -15.28 0.93 -16.58
C ALA J 12 -15.76 1.74 -15.37
N ASP J 13 -16.49 2.82 -15.65
CA ASP J 13 -16.99 3.68 -14.58
C ASP J 13 -18.02 2.95 -13.74
N ILE J 14 -18.85 2.13 -14.38
CA ILE J 14 -19.85 1.37 -13.65
C ILE J 14 -19.18 0.37 -12.73
N LEU J 15 -18.19 -0.35 -13.26
CA LEU J 15 -17.41 -1.28 -12.47
C LEU J 15 -16.72 -0.59 -11.27
N TYR J 16 -16.14 0.58 -11.52
CA TYR J 16 -15.59 1.39 -10.45
C TYR J 16 -16.64 1.76 -9.39
N ASN J 17 -17.81 2.22 -9.84
CA ASN J 17 -18.90 2.57 -8.92
C ASN J 17 -19.33 1.39 -8.05
N ILE J 18 -19.50 0.25 -8.70
CA ILE J 18 -19.89 -0.97 -8.00
C ILE J 18 -18.86 -1.33 -6.93
N ARG J 19 -17.58 -1.30 -7.29
CA ARG J 19 -16.54 -1.67 -6.33
C ARG J 19 -16.41 -0.66 -5.18
N GLN J 20 -16.74 0.59 -5.45
CA GLN J 20 -16.72 1.59 -4.39
C GLN J 20 -17.84 1.37 -3.39
N THR J 21 -18.99 0.95 -3.89
CA THR J 21 -20.19 0.83 -3.08
C THR J 21 -20.33 -0.55 -2.43
N SER J 22 -19.88 -1.57 -3.14
CA SER J 22 -20.07 -2.95 -2.71
C SER J 22 -19.42 -3.25 -1.39
N ARG J 23 -20.15 -3.98 -0.55
CA ARG J 23 -19.62 -4.56 0.67
C ARG J 23 -19.70 -6.07 0.55
N PRO J 24 -18.61 -6.72 0.11
CA PRO J 24 -18.71 -8.16 -0.21
C PRO J 24 -19.01 -9.04 1.00
N ASP J 25 -18.74 -8.58 2.21
CA ASP J 25 -18.91 -9.46 3.36
C ASP J 25 -20.15 -9.17 4.19
N VAL J 26 -20.95 -8.21 3.73
CA VAL J 26 -22.12 -7.75 4.49
C VAL J 26 -23.41 -8.05 3.74
N ILE J 27 -24.38 -8.68 4.39
CA ILE J 27 -25.60 -9.04 3.67
C ILE J 27 -26.33 -7.76 3.24
N PRO J 28 -26.80 -7.71 1.99
CA PRO J 28 -27.42 -6.46 1.53
C PRO J 28 -28.89 -6.35 1.96
N THR J 29 -29.13 -6.31 3.27
CA THR J 29 -30.49 -6.12 3.76
C THR J 29 -30.98 -4.72 3.41
N GLN J 30 -32.18 -4.66 2.85
CA GLN J 30 -32.78 -3.39 2.49
C GLN J 30 -34.09 -3.24 3.25
N ARG J 31 -34.36 -2.04 3.74
CA ARG J 31 -35.58 -1.74 4.47
C ARG J 31 -35.81 -2.73 5.62
N ASP J 32 -34.71 -3.11 6.26
CA ASP J 32 -34.76 -3.94 7.46
C ASP J 32 -35.40 -5.32 7.22
N ARG J 33 -35.34 -5.80 5.97
CA ARG J 33 -35.92 -7.08 5.61
C ARG J 33 -34.82 -8.08 5.24
N PRO J 34 -35.11 -9.38 5.33
CA PRO J 34 -34.09 -10.32 4.88
C PRO J 34 -33.81 -10.20 3.39
N VAL J 35 -32.62 -10.65 2.99
CA VAL J 35 -32.28 -10.69 1.57
C VAL J 35 -33.04 -11.82 0.90
N ALA J 36 -33.88 -11.46 -0.06
CA ALA J 36 -34.60 -12.45 -0.85
C ALA J 36 -33.68 -13.03 -1.94
N VAL J 37 -33.25 -14.28 -1.76
CA VAL J 37 -32.42 -14.95 -2.75
C VAL J 37 -33.24 -15.95 -3.56
N SER J 38 -33.35 -15.72 -4.86
CA SER J 38 -34.02 -16.66 -5.74
C SER J 38 -33.03 -17.68 -6.29
N VAL J 39 -33.39 -18.96 -6.19
CA VAL J 39 -32.54 -20.07 -6.61
C VAL J 39 -33.31 -21.04 -7.48
N SER J 40 -32.77 -21.37 -8.65
CA SER J 40 -33.37 -22.37 -9.52
C SER J 40 -32.30 -23.22 -10.22
N LEU J 41 -32.33 -24.53 -10.01
CA LEU J 41 -31.34 -25.43 -10.60
C LEU J 41 -31.80 -25.92 -11.94
N LYS J 42 -31.00 -25.67 -12.98
CA LYS J 42 -31.23 -26.24 -14.30
C LYS J 42 -30.22 -27.37 -14.52
N PHE J 43 -30.70 -28.60 -14.48
CA PHE J 43 -29.80 -29.75 -14.61
C PHE J 43 -29.31 -29.90 -16.02
N ILE J 44 -28.00 -30.10 -16.16
CA ILE J 44 -27.42 -30.27 -17.47
C ILE J 44 -27.16 -31.74 -17.73
N ASN J 45 -26.76 -32.45 -16.67
CA ASN J 45 -26.48 -33.85 -16.83
C ASN J 45 -26.50 -34.60 -15.53
N ILE J 46 -26.77 -35.88 -15.66
CA ILE J 46 -26.69 -36.83 -14.56
C ILE J 46 -25.61 -37.82 -14.99
N LEU J 47 -24.46 -37.75 -14.33
CA LEU J 47 -23.27 -38.39 -14.85
C LEU J 47 -23.12 -39.81 -14.35
N GLU J 48 -23.24 -40.00 -13.04
CA GLU J 48 -23.21 -41.32 -12.47
C GLU J 48 -24.21 -41.42 -11.33
N VAL J 49 -24.70 -42.62 -11.12
CA VAL J 49 -25.76 -42.86 -10.18
C VAL J 49 -25.47 -44.22 -9.55
N ASN J 50 -25.67 -44.33 -8.24
CA ASN J 50 -25.40 -45.59 -7.55
C ASN J 50 -26.57 -45.93 -6.64
N GLU J 51 -27.28 -47.01 -6.97
CA GLU J 51 -28.50 -47.36 -6.24
C GLU J 51 -28.16 -48.10 -4.94
N ILE J 52 -26.95 -48.64 -4.86
CA ILE J 52 -26.48 -49.28 -3.63
C ILE J 52 -26.10 -48.24 -2.57
N THR J 53 -25.35 -47.23 -2.98
CA THR J 53 -24.87 -46.22 -2.02
C THR J 53 -25.78 -44.99 -1.94
N ASN J 54 -26.77 -44.93 -2.82
CA ASN J 54 -27.68 -43.79 -2.90
C ASN J 54 -26.90 -42.49 -3.08
N GLU J 55 -26.04 -42.46 -4.10
CA GLU J 55 -25.28 -41.28 -4.46
C GLU J 55 -25.49 -40.94 -5.92
N VAL J 56 -25.54 -39.64 -6.23
CA VAL J 56 -25.61 -39.17 -7.60
C VAL J 56 -24.49 -38.16 -7.86
N ASP J 57 -24.07 -38.08 -9.12
CA ASP J 57 -23.05 -37.14 -9.58
C ASP J 57 -23.74 -36.38 -10.70
N VAL J 58 -23.99 -35.08 -10.49
CA VAL J 58 -24.75 -34.26 -11.44
C VAL J 58 -24.08 -32.92 -11.78
N VAL J 59 -24.47 -32.35 -12.92
CA VAL J 59 -24.08 -31.00 -13.30
C VAL J 59 -25.35 -30.16 -13.44
N PHE J 60 -25.32 -28.94 -12.88
CA PHE J 60 -26.44 -28.05 -13.01
C PHE J 60 -25.99 -26.60 -13.11
N TRP J 61 -26.80 -25.77 -13.73
CA TRP J 61 -26.59 -24.34 -13.71
C TRP J 61 -27.44 -23.80 -12.56
N GLN J 62 -26.78 -23.19 -11.59
CA GLN J 62 -27.49 -22.65 -10.44
C GLN J 62 -27.92 -21.20 -10.71
N GLN J 63 -29.10 -21.04 -11.31
CA GLN J 63 -29.65 -19.72 -11.58
C GLN J 63 -29.95 -19.02 -10.25
N THR J 64 -29.27 -17.91 -10.02
CA THR J 64 -29.31 -17.23 -8.73
C THR J 64 -29.47 -15.73 -8.92
N THR J 65 -30.46 -15.13 -8.26
CA THR J 65 -30.64 -13.69 -8.32
C THR J 65 -30.92 -13.12 -6.93
N TRP J 66 -30.52 -11.87 -6.74
CA TRP J 66 -30.93 -11.11 -5.57
C TRP J 66 -30.76 -9.66 -5.96
N SER J 67 -31.17 -8.76 -5.08
CA SER J 67 -31.00 -7.34 -5.35
C SER J 67 -30.16 -6.67 -4.28
N ASP J 68 -29.38 -5.69 -4.71
CA ASP J 68 -28.74 -4.73 -3.82
C ASP J 68 -28.91 -3.36 -4.46
N ARG J 69 -29.95 -2.64 -4.06
CA ARG J 69 -30.24 -1.36 -4.68
C ARG J 69 -29.15 -0.32 -4.46
N THR J 70 -28.23 -0.53 -3.51
CA THR J 70 -27.14 0.42 -3.36
C THR J 70 -26.20 0.40 -4.57
N LEU J 71 -26.31 -0.66 -5.39
CA LEU J 71 -25.48 -0.79 -6.59
C LEU J 71 -26.10 -0.16 -7.83
N ALA J 72 -27.35 0.29 -7.71
CA ALA J 72 -28.10 0.75 -8.87
C ALA J 72 -27.51 2.02 -9.45
N TRP J 73 -27.65 2.21 -10.76
CA TRP J 73 -27.29 3.47 -11.37
C TRP J 73 -28.29 3.86 -12.45
N ASN J 74 -28.20 5.11 -12.85
CA ASN J 74 -29.05 5.64 -13.89
C ASN J 74 -28.49 5.25 -15.27
N SER J 75 -29.17 4.33 -15.94
CA SER J 75 -28.67 3.84 -17.23
C SER J 75 -29.36 4.47 -18.44
N SER J 76 -29.86 5.69 -18.27
CA SER J 76 -30.49 6.45 -19.37
C SER J 76 -29.60 6.52 -20.60
N HIS J 77 -28.30 6.68 -20.36
CA HIS J 77 -27.36 6.83 -21.46
C HIS J 77 -26.07 6.08 -21.15
N SER J 78 -26.24 4.91 -20.53
CA SER J 78 -25.11 4.10 -20.15
C SER J 78 -25.52 2.64 -20.17
N PRO J 79 -24.56 1.69 -20.07
CA PRO J 79 -24.94 0.28 -20.12
C PRO J 79 -26.01 -0.12 -19.09
N ASP J 80 -26.88 -1.06 -19.46
CA ASP J 80 -27.93 -1.59 -18.55
C ASP J 80 -27.37 -2.61 -17.56
N GLN J 81 -26.26 -3.23 -17.95
CA GLN J 81 -25.65 -4.33 -17.18
C GLN J 81 -24.16 -4.37 -17.47
N VAL J 82 -23.39 -4.86 -16.51
CA VAL J 82 -21.99 -5.21 -16.76
C VAL J 82 -21.67 -6.50 -16.04
N SER J 83 -20.62 -7.18 -16.47
CA SER J 83 -20.13 -8.37 -15.78
C SER J 83 -19.13 -7.95 -14.72
N VAL J 84 -19.16 -8.64 -13.58
CA VAL J 84 -18.36 -8.27 -12.41
C VAL J 84 -17.83 -9.54 -11.78
N PRO J 85 -16.52 -9.60 -11.49
CA PRO J 85 -16.00 -10.76 -10.74
C PRO J 85 -16.73 -10.87 -9.39
N ILE J 86 -17.16 -12.07 -9.00
CA ILE J 86 -17.96 -12.17 -7.78
C ILE J 86 -17.14 -11.85 -6.53
N SER J 87 -15.81 -11.86 -6.65
CA SER J 87 -14.95 -11.44 -5.53
C SER J 87 -15.18 -9.97 -5.18
N SER J 88 -15.74 -9.21 -6.12
CA SER J 88 -16.06 -7.79 -5.86
C SER J 88 -17.45 -7.58 -5.26
N LEU J 89 -18.22 -8.65 -5.11
CA LEU J 89 -19.63 -8.55 -4.70
C LEU J 89 -19.93 -9.40 -3.48
N TRP J 90 -21.00 -9.06 -2.77
CA TRP J 90 -21.58 -10.01 -1.85
C TRP J 90 -22.32 -11.06 -2.66
N VAL J 91 -22.10 -12.31 -2.30
CA VAL J 91 -22.84 -13.43 -2.87
C VAL J 91 -23.37 -14.26 -1.70
N PRO J 92 -24.57 -14.83 -1.84
CA PRO J 92 -25.15 -15.57 -0.69
C PRO J 92 -24.30 -16.78 -0.37
N ASP J 93 -24.16 -17.12 0.91
CA ASP J 93 -23.33 -18.25 1.31
C ASP J 93 -24.09 -19.56 1.18
N LEU J 94 -24.50 -19.89 -0.04
CA LEU J 94 -25.34 -21.05 -0.27
C LEU J 94 -24.55 -22.35 -0.14
N ALA J 95 -25.20 -23.38 0.36
CA ALA J 95 -24.61 -24.72 0.42
C ALA J 95 -25.71 -25.76 0.28
N ALA J 96 -25.37 -26.89 -0.32
CA ALA J 96 -26.29 -28.04 -0.39
C ALA J 96 -26.10 -28.88 0.87
N TYR J 97 -27.17 -29.04 1.64
CA TYR J 97 -27.07 -29.67 2.94
C TYR J 97 -26.75 -31.17 2.82
N ASN J 98 -27.00 -31.75 1.65
CA ASN J 98 -26.74 -33.17 1.43
C ASN J 98 -25.67 -33.42 0.35
N ALA J 99 -24.84 -32.40 0.09
CA ALA J 99 -23.68 -32.57 -0.77
C ALA J 99 -22.66 -33.49 -0.10
N ILE J 100 -22.03 -34.35 -0.89
CA ILE J 100 -20.98 -35.19 -0.34
C ILE J 100 -19.66 -34.94 -1.05
N SER J 101 -19.60 -33.91 -1.88
CA SER J 101 -18.34 -33.46 -2.48
C SER J 101 -18.37 -31.94 -2.59
N LYS J 102 -17.23 -31.31 -2.84
CA LYS J 102 -17.20 -29.86 -3.05
C LYS J 102 -17.94 -29.47 -4.32
N PRO J 103 -18.62 -28.32 -4.31
CA PRO J 103 -19.14 -27.81 -5.58
C PRO J 103 -17.99 -27.53 -6.54
N GLU J 104 -17.92 -28.24 -7.66
CA GLU J 104 -16.89 -27.99 -8.67
C GLU J 104 -17.45 -26.95 -9.64
N VAL J 105 -16.99 -25.70 -9.55
CA VAL J 105 -17.48 -24.67 -10.46
C VAL J 105 -16.73 -24.74 -11.78
N LEU J 106 -17.48 -24.92 -12.86
CA LEU J 106 -16.88 -25.17 -14.17
C LEU J 106 -16.80 -23.91 -15.03
N THR J 107 -17.28 -22.79 -14.49
CA THR J 107 -17.46 -21.60 -15.32
C THR J 107 -16.78 -20.36 -14.73
N PRO J 108 -16.52 -19.35 -15.57
CA PRO J 108 -15.96 -18.09 -15.07
C PRO J 108 -16.80 -17.56 -13.89
N GLN J 109 -16.12 -17.17 -12.81
CA GLN J 109 -16.81 -16.70 -11.63
C GLN J 109 -17.15 -15.21 -11.75
N LEU J 110 -18.04 -14.91 -12.69
CA LEU J 110 -18.54 -13.58 -12.95
C LEU J 110 -20.05 -13.55 -12.69
N ALA J 111 -20.54 -12.39 -12.28
CA ALA J 111 -21.98 -12.15 -12.18
C ALA J 111 -22.33 -10.95 -13.05
N ARG J 112 -23.60 -10.82 -13.38
CA ARG J 112 -24.10 -9.65 -14.06
C ARG J 112 -24.74 -8.74 -13.02
N VAL J 113 -24.39 -7.46 -13.02
CA VAL J 113 -25.09 -6.51 -12.17
C VAL J 113 -25.95 -5.64 -13.08
N VAL J 114 -27.25 -5.53 -12.75
CA VAL J 114 -28.20 -4.79 -13.57
C VAL J 114 -28.34 -3.37 -13.00
N SER J 115 -28.66 -2.40 -13.84
CA SER J 115 -28.63 -1.02 -13.38
C SER J 115 -29.70 -0.72 -12.31
N ASP J 116 -30.66 -1.64 -12.14
CA ASP J 116 -31.64 -1.49 -11.07
C ASP J 116 -31.16 -2.14 -9.77
N GLY J 117 -29.92 -2.64 -9.75
CA GLY J 117 -29.37 -3.27 -8.56
C GLY J 117 -29.58 -4.78 -8.49
N GLU J 118 -30.25 -5.36 -9.47
CA GLU J 118 -30.39 -6.81 -9.45
C GLU J 118 -29.06 -7.47 -9.80
N VAL J 119 -28.72 -8.56 -9.13
CA VAL J 119 -27.51 -9.30 -9.44
C VAL J 119 -27.89 -10.67 -9.96
N LEU J 120 -27.30 -11.06 -11.08
CA LEU J 120 -27.54 -12.37 -11.68
C LEU J 120 -26.28 -13.22 -11.63
N TYR J 121 -26.37 -14.37 -10.97
CA TYR J 121 -25.21 -15.24 -10.84
C TYR J 121 -25.60 -16.66 -11.23
N MET J 122 -24.85 -17.28 -12.14
CA MET J 122 -25.22 -18.63 -12.59
C MET J 122 -24.00 -19.48 -12.89
N PRO J 123 -23.44 -20.09 -11.84
CA PRO J 123 -22.32 -20.99 -12.04
C PRO J 123 -22.79 -22.35 -12.55
N SER J 124 -22.03 -22.98 -13.45
CA SER J 124 -22.25 -24.38 -13.73
C SER J 124 -21.46 -25.15 -12.70
N ILE J 125 -22.18 -26.00 -11.97
CA ILE J 125 -21.59 -26.74 -10.87
C ILE J 125 -21.67 -28.25 -11.10
N ARG J 126 -20.55 -28.95 -10.91
CA ARG J 126 -20.61 -30.40 -10.79
C ARG J 126 -20.43 -30.77 -9.33
N GLN J 127 -21.30 -31.63 -8.82
CA GLN J 127 -21.29 -31.96 -7.40
C GLN J 127 -21.98 -33.30 -7.14
N ARG J 128 -21.56 -33.99 -6.08
CA ARG J 128 -22.14 -35.29 -5.74
C ARG J 128 -23.02 -35.14 -4.50
N PHE J 129 -24.09 -35.94 -4.45
CA PHE J 129 -25.11 -35.83 -3.40
C PHE J 129 -25.51 -37.18 -2.86
N SER J 130 -25.96 -37.16 -1.60
CA SER J 130 -26.59 -38.31 -0.99
C SER J 130 -28.10 -38.10 -1.05
N CYS J 131 -28.79 -38.97 -1.78
CA CYS J 131 -30.24 -38.85 -1.99
C CYS J 131 -30.84 -40.18 -2.44
N ASP J 132 -32.16 -40.21 -2.60
CA ASP J 132 -32.85 -41.45 -2.88
C ASP J 132 -32.71 -41.82 -4.34
N VAL J 133 -31.89 -42.82 -4.61
CA VAL J 133 -31.69 -43.31 -5.96
C VAL J 133 -32.63 -44.49 -6.29
N SER J 134 -33.35 -44.98 -5.29
CA SER J 134 -34.25 -46.13 -5.51
C SER J 134 -35.28 -45.85 -6.61
N GLY J 135 -35.40 -46.78 -7.54
CA GLY J 135 -36.40 -46.70 -8.60
C GLY J 135 -35.87 -46.12 -9.89
N VAL J 136 -34.56 -45.87 -9.94
CA VAL J 136 -33.96 -45.25 -11.11
C VAL J 136 -34.13 -46.10 -12.38
N ASP J 137 -34.18 -47.42 -12.20
CA ASP J 137 -34.34 -48.32 -13.34
C ASP J 137 -35.79 -48.73 -13.56
N THR J 138 -36.72 -47.86 -13.15
CA THR J 138 -38.13 -48.11 -13.37
C THR J 138 -38.77 -46.99 -14.18
N GLU J 139 -40.01 -47.23 -14.59
CA GLU J 139 -40.77 -46.30 -15.40
C GLU J 139 -41.10 -45.02 -14.64
N SER J 140 -41.33 -45.13 -13.34
CA SER J 140 -41.73 -43.97 -12.53
C SER J 140 -40.50 -43.24 -11.99
N GLY J 141 -39.34 -43.89 -12.03
CA GLY J 141 -38.07 -43.25 -11.79
C GLY J 141 -37.69 -43.04 -10.34
N ALA J 142 -36.51 -42.47 -10.12
CA ALA J 142 -36.08 -42.10 -8.78
C ALA J 142 -36.37 -40.63 -8.55
N THR J 143 -36.58 -40.26 -7.29
CA THR J 143 -36.71 -38.86 -6.93
C THR J 143 -35.62 -38.50 -5.92
N CYS J 144 -34.59 -37.82 -6.41
CA CYS J 144 -33.47 -37.39 -5.57
C CYS J 144 -33.69 -35.93 -5.16
N ARG J 145 -33.77 -35.68 -3.85
CA ARG J 145 -34.01 -34.33 -3.35
C ARG J 145 -32.72 -33.69 -2.87
N ILE J 146 -32.51 -32.45 -3.30
CA ILE J 146 -31.34 -31.67 -2.94
C ILE J 146 -31.81 -30.43 -2.22
N LYS J 147 -31.25 -30.19 -1.03
CA LYS J 147 -31.61 -29.05 -0.21
C LYS J 147 -30.51 -28.01 -0.23
N ILE J 148 -30.82 -26.81 -0.70
CA ILE J 148 -29.86 -25.73 -0.77
C ILE J 148 -30.33 -24.54 0.04
N GLY J 149 -29.51 -24.08 0.98
CA GLY J 149 -29.84 -22.90 1.74
C GLY J 149 -28.60 -22.18 2.20
N SER J 150 -28.78 -21.11 2.96
CA SER J 150 -27.67 -20.34 3.49
C SER J 150 -26.99 -21.19 4.54
N TRP J 151 -25.66 -21.19 4.54
CA TRP J 151 -24.93 -21.95 5.54
C TRP J 151 -24.97 -21.28 6.91
N THR J 152 -25.03 -19.95 6.95
CA THR J 152 -24.86 -19.26 8.24
C THR J 152 -25.88 -18.17 8.54
N HIS J 153 -26.75 -17.86 7.59
CA HIS J 153 -27.77 -16.85 7.79
C HIS J 153 -29.15 -17.49 7.95
N HIS J 154 -29.80 -17.24 9.08
CA HIS J 154 -31.15 -17.75 9.32
C HIS J 154 -32.20 -16.90 8.58
N SER J 155 -33.47 -17.28 8.71
CA SER J 155 -34.53 -16.77 7.84
C SER J 155 -34.83 -15.27 7.99
N ARG J 156 -34.45 -14.67 9.10
CA ARG J 156 -34.61 -13.22 9.25
C ARG J 156 -33.54 -12.44 8.48
N GLU J 157 -32.46 -13.13 8.09
CA GLU J 157 -31.34 -12.50 7.38
C GLU J 157 -31.38 -12.80 5.89
N ILE J 158 -31.61 -14.07 5.56
CA ILE J 158 -31.73 -14.47 4.17
C ILE J 158 -32.92 -15.41 3.99
N SER J 159 -33.75 -15.13 2.99
CA SER J 159 -34.77 -16.09 2.61
C SER J 159 -34.39 -16.65 1.23
N VAL J 160 -34.51 -17.97 1.11
CA VAL J 160 -34.13 -18.67 -0.12
C VAL J 160 -35.36 -19.22 -0.80
N ASP J 161 -35.72 -18.63 -1.94
CA ASP J 161 -36.98 -18.92 -2.60
C ASP J 161 -36.82 -19.54 -3.99
N PRO J 162 -37.61 -20.59 -4.27
CA PRO J 162 -37.59 -21.19 -5.61
C PRO J 162 -38.24 -20.25 -6.62
N THR J 163 -37.89 -20.38 -7.90
CA THR J 163 -38.44 -19.49 -8.91
C THR J 163 -39.58 -20.16 -9.68
N THR J 164 -39.23 -21.15 -10.51
CA THR J 164 -40.23 -21.94 -11.22
C THR J 164 -40.27 -23.33 -10.58
N GLU J 165 -41.37 -23.62 -9.88
CA GLU J 165 -41.47 -24.85 -9.09
C GLU J 165 -41.58 -26.12 -9.94
N ASN J 166 -41.82 -25.99 -11.25
CA ASN J 166 -42.02 -27.15 -12.11
C ASN J 166 -41.52 -27.00 -13.54
N SER J 167 -40.71 -27.98 -13.96
CA SER J 167 -40.23 -28.10 -15.34
C SER J 167 -39.62 -29.48 -15.58
N ASP J 168 -39.32 -29.79 -16.83
CA ASP J 168 -38.49 -30.96 -17.12
C ASP J 168 -37.17 -30.49 -17.73
N ASP J 169 -36.91 -29.17 -17.67
CA ASP J 169 -35.59 -28.61 -17.96
CA ASP J 169 -35.58 -28.64 -17.92
C ASP J 169 -35.11 -28.96 -19.36
N SER J 170 -36.03 -28.89 -20.33
CA SER J 170 -35.75 -29.35 -21.69
C SER J 170 -34.75 -28.50 -22.50
N GLU J 171 -34.65 -27.20 -22.22
CA GLU J 171 -33.70 -26.38 -22.96
C GLU J 171 -32.28 -26.59 -22.43
N TYR J 172 -32.14 -27.30 -21.30
CA TYR J 172 -30.87 -27.41 -20.60
C TYR J 172 -30.29 -28.83 -20.54
N PHE J 173 -31.15 -29.83 -20.32
CA PHE J 173 -30.63 -31.17 -20.05
C PHE J 173 -30.01 -31.79 -21.30
N SER J 174 -28.85 -32.41 -21.14
CA SER J 174 -28.14 -32.96 -22.29
C SER J 174 -28.90 -34.13 -22.92
N GLN J 175 -29.07 -34.09 -24.23
CA GLN J 175 -29.70 -35.21 -24.93
C GLN J 175 -28.82 -36.46 -24.94
N TYR J 176 -27.59 -36.36 -24.44
CA TYR J 176 -26.68 -37.49 -24.51
C TYR J 176 -26.49 -38.18 -23.17
N SER J 177 -27.23 -37.71 -22.16
CA SER J 177 -27.23 -38.40 -20.87
C SER J 177 -27.77 -39.81 -21.03
N ARG J 178 -27.32 -40.73 -20.16
CA ARG J 178 -27.90 -42.06 -20.09
C ARG J 178 -29.23 -41.99 -19.35
N PHE J 179 -29.51 -40.83 -18.77
CA PHE J 179 -30.69 -40.67 -17.96
C PHE J 179 -31.63 -39.66 -18.60
N GLU J 180 -32.88 -39.68 -18.18
CA GLU J 180 -33.82 -38.69 -18.67
C GLU J 180 -34.56 -38.10 -17.48
N ILE J 181 -34.87 -36.82 -17.57
CA ILE J 181 -35.55 -36.14 -16.48
C ILE J 181 -37.05 -36.25 -16.70
N LEU J 182 -37.76 -36.72 -15.68
CA LEU J 182 -39.21 -36.77 -15.72
C LEU J 182 -39.79 -35.44 -15.23
N ASP J 183 -39.32 -34.99 -14.07
CA ASP J 183 -39.79 -33.74 -13.51
C ASP J 183 -38.80 -33.19 -12.48
N VAL J 184 -38.62 -31.88 -12.51
CA VAL J 184 -37.90 -31.19 -11.44
C VAL J 184 -38.85 -30.26 -10.72
N THR J 185 -39.01 -30.47 -9.41
CA THR J 185 -39.82 -29.59 -8.60
C THR J 185 -38.96 -28.90 -7.56
N GLN J 186 -39.29 -27.67 -7.25
CA GLN J 186 -38.54 -26.90 -6.28
C GLN J 186 -39.53 -26.21 -5.38
N LYS J 187 -39.36 -26.37 -4.08
CA LYS J 187 -40.29 -25.79 -3.13
C LYS J 187 -39.55 -25.24 -1.92
N LYS J 188 -40.16 -24.28 -1.22
CA LYS J 188 -39.58 -23.76 0.01
C LYS J 188 -39.61 -24.82 1.10
N ASN J 189 -38.58 -24.82 1.91
CA ASN J 189 -38.55 -25.66 3.08
C ASN J 189 -37.86 -24.87 4.16
N SER J 190 -38.16 -25.23 5.40
CA SER J 190 -37.56 -24.56 6.55
C SER J 190 -36.87 -25.62 7.40
N VAL J 191 -35.71 -25.27 7.94
CA VAL J 191 -34.91 -26.21 8.72
C VAL J 191 -34.63 -25.67 10.11
N THR J 192 -34.89 -26.51 11.11
CA THR J 192 -34.54 -26.17 12.49
C THR J 192 -33.83 -27.37 13.13
N TYR J 193 -32.97 -27.09 14.10
CA TYR J 193 -32.29 -28.14 14.87
C TYR J 193 -32.51 -27.91 16.35
N SER J 194 -32.67 -29.00 17.09
CA SER J 194 -32.87 -28.96 18.54
C SER J 194 -31.84 -28.08 19.26
N CYS J 195 -30.60 -28.19 18.81
CA CYS J 195 -29.51 -27.44 19.42
C CYS J 195 -29.72 -25.94 19.32
N CYS J 196 -30.35 -25.50 18.24
CA CYS J 196 -30.23 -24.11 17.85
C CYS J 196 -31.59 -23.44 17.60
N PRO J 197 -31.72 -22.18 18.04
CA PRO J 197 -33.01 -21.45 18.02
C PRO J 197 -33.63 -21.24 16.64
N GLU J 198 -32.89 -20.62 15.74
CA GLU J 198 -33.45 -20.03 14.53
C GLU J 198 -33.92 -21.03 13.47
N ALA J 199 -34.70 -20.54 12.51
CA ALA J 199 -35.06 -21.33 11.35
C ALA J 199 -34.20 -20.92 10.16
N TYR J 200 -33.84 -21.89 9.33
CA TYR J 200 -33.05 -21.60 8.14
C TYR J 200 -33.84 -21.99 6.91
N GLU J 201 -33.99 -21.05 5.98
CA GLU J 201 -34.73 -21.35 4.77
C GLU J 201 -33.87 -22.09 3.77
N ASP J 202 -34.53 -22.84 2.90
CA ASP J 202 -33.84 -23.47 1.80
C ASP J 202 -34.82 -23.74 0.67
N VAL J 203 -34.28 -24.08 -0.49
CA VAL J 203 -35.08 -24.62 -1.56
C VAL J 203 -34.84 -26.13 -1.58
N GLU J 204 -35.93 -26.88 -1.63
CA GLU J 204 -35.83 -28.32 -1.78
C GLU J 204 -36.07 -28.64 -3.23
N VAL J 205 -35.04 -29.14 -3.89
CA VAL J 205 -35.14 -29.46 -5.31
C VAL J 205 -35.37 -30.96 -5.42
N SER J 206 -36.49 -31.35 -6.05
CA SER J 206 -36.82 -32.75 -6.22
C SER J 206 -36.59 -33.15 -7.68
N LEU J 207 -35.58 -33.97 -7.89
CA LEU J 207 -35.21 -34.39 -9.23
C LEU J 207 -35.76 -35.79 -9.51
N ASN J 208 -36.84 -35.85 -10.29
CA ASN J 208 -37.44 -37.12 -10.69
C ASN J 208 -36.87 -37.51 -12.05
N PHE J 209 -36.07 -38.57 -12.07
CA PHE J 209 -35.34 -38.96 -13.26
C PHE J 209 -35.30 -40.47 -13.39
N ARG J 210 -34.90 -40.97 -14.54
CA ARG J 210 -34.78 -42.41 -14.72
C ARG J 210 -33.78 -42.75 -15.80
N LYS J 211 -33.30 -43.99 -15.78
CA LYS J 211 -32.47 -44.50 -16.87
C LYS J 211 -33.25 -44.50 -18.17
N LYS J 212 -32.63 -44.00 -19.24
CA LYS J 212 -33.23 -44.11 -20.57
C LYS J 212 -33.39 -45.58 -20.93
N GLY J 213 -34.56 -45.94 -21.43
CA GLY J 213 -34.84 -47.32 -21.81
C GLY J 213 -34.04 -47.76 -23.02
#